data_1ANE
# 
_entry.id   1ANE 
# 
_audit_conform.dict_name       mmcif_pdbx.dic 
_audit_conform.dict_version    5.398 
_audit_conform.dict_location   http://mmcif.pdb.org/dictionaries/ascii/mmcif_pdbx.dic 
# 
loop_
_database_2.database_id 
_database_2.database_code 
_database_2.pdbx_database_accession 
_database_2.pdbx_DOI 
PDB   1ANE         pdb_00001ane 10.2210/pdb1ane/pdb 
WWPDB D_1000171031 ?            ?                   
# 
loop_
_pdbx_audit_revision_history.ordinal 
_pdbx_audit_revision_history.data_content_type 
_pdbx_audit_revision_history.major_revision 
_pdbx_audit_revision_history.minor_revision 
_pdbx_audit_revision_history.revision_date 
1 'Structure model' 1 0 1997-04-01 
2 'Structure model' 1 1 2008-03-24 
3 'Structure model' 1 2 2011-07-13 
4 'Structure model' 1 3 2024-06-05 
5 'Structure model' 1 4 2024-11-13 
# 
_pdbx_audit_revision_details.ordinal             1 
_pdbx_audit_revision_details.revision_ordinal    1 
_pdbx_audit_revision_details.data_content_type   'Structure model' 
_pdbx_audit_revision_details.provider            repository 
_pdbx_audit_revision_details.type                'Initial release' 
_pdbx_audit_revision_details.description         ? 
_pdbx_audit_revision_details.details             ? 
# 
loop_
_pdbx_audit_revision_group.ordinal 
_pdbx_audit_revision_group.revision_ordinal 
_pdbx_audit_revision_group.data_content_type 
_pdbx_audit_revision_group.group 
1 2 'Structure model' 'Version format compliance' 
2 3 'Structure model' 'Version format compliance' 
3 4 'Structure model' 'Data collection'           
4 4 'Structure model' 'Database references'       
5 4 'Structure model' 'Derived calculations'      
6 4 'Structure model' Other                       
7 5 'Structure model' 'Structure summary'         
# 
loop_
_pdbx_audit_revision_category.ordinal 
_pdbx_audit_revision_category.revision_ordinal 
_pdbx_audit_revision_category.data_content_type 
_pdbx_audit_revision_category.category 
1 4 'Structure model' chem_comp_atom            
2 4 'Structure model' chem_comp_bond            
3 4 'Structure model' database_2                
4 4 'Structure model' pdbx_database_status      
5 4 'Structure model' struct_site               
6 5 'Structure model' pdbx_entry_details        
7 5 'Structure model' pdbx_modification_feature 
# 
loop_
_pdbx_audit_revision_item.ordinal 
_pdbx_audit_revision_item.revision_ordinal 
_pdbx_audit_revision_item.data_content_type 
_pdbx_audit_revision_item.item 
1 4 'Structure model' '_database_2.pdbx_DOI'                
2 4 'Structure model' '_database_2.pdbx_database_accession' 
3 4 'Structure model' '_pdbx_database_status.process_site'  
4 4 'Structure model' '_struct_site.pdbx_auth_asym_id'      
5 4 'Structure model' '_struct_site.pdbx_auth_comp_id'      
6 4 'Structure model' '_struct_site.pdbx_auth_seq_id'       
# 
_pdbx_database_status.status_code                     REL 
_pdbx_database_status.entry_id                        1ANE 
_pdbx_database_status.recvd_initial_deposition_date   1994-12-21 
_pdbx_database_status.deposit_site                    ? 
_pdbx_database_status.process_site                    BNL 
_pdbx_database_status.SG_entry                        . 
_pdbx_database_status.pdb_format_compatible           Y 
_pdbx_database_status.status_code_mr                  ? 
_pdbx_database_status.status_code_sf                  ? 
_pdbx_database_status.status_code_cs                  ? 
_pdbx_database_status.status_code_nmr_data            ? 
_pdbx_database_status.methods_development_category    ? 
# 
loop_
_audit_author.name 
_audit_author.pdbx_ordinal 
'Fletterick, R.J.' 1 
'Mcgrath, M.E.'    2 
# 
_citation.id                        primary 
_citation.title                     'Structure of an engineered, metal-actuated switch in trypsin.' 
_citation.journal_abbrev            Biochemistry 
_citation.journal_volume            32 
_citation.page_first                1914 
_citation.page_last                 1919 
_citation.year                      1993 
_citation.journal_id_ASTM           BICHAW 
_citation.country                   US 
_citation.journal_id_ISSN           0006-2960 
_citation.journal_id_CSD            0033 
_citation.book_publisher            ? 
_citation.pdbx_database_id_PubMed   8448149 
_citation.pdbx_database_id_DOI      10.1021/bi00059a005 
# 
loop_
_citation_author.citation_id 
_citation_author.name 
_citation_author.ordinal 
_citation_author.identifier_ORCID 
primary 'McGrath, M.E.'    1 ? 
primary 'Haymore, B.L.'    2 ? 
primary 'Summers, N.L.'    3 ? 
primary 'Craik, C.S.'      4 ? 
primary 'Fletterick, R.J.' 5 ? 
# 
loop_
_entity.id 
_entity.type 
_entity.src_method 
_entity.pdbx_description 
_entity.formula_weight 
_entity.pdbx_number_of_molecules 
_entity.pdbx_ec 
_entity.pdbx_mutation 
_entity.pdbx_fragment 
_entity.details 
1 polymer     man 'ANIONIC TRYPSIN' 23814.838 1   3.4.21.4 ? ? ? 
2 non-polymer syn BENZAMIDINE       120.152   1   ?        ? ? ? 
3 water       nat water             18.015    124 ?        ? ? ? 
# 
_entity_poly.entity_id                      1 
_entity_poly.type                           'polypeptide(L)' 
_entity_poly.nstd_linkage                   no 
_entity_poly.nstd_monomer                   no 
_entity_poly.pdbx_seq_one_letter_code       
;IVGGYTCQENSVPYQVSLNSGYHFCGGSLINDQWVVSAAHCYKSRIQVRLGEHNINVLEGNEQFVNAAKIIKHPNFDRKT
LNNDIMLIKLSSPVKLNARVATVALPSSCAPAGTQCLISGWGNTLSSGVNEPDLLQCLDAPLLPQADCEASYPGKITDNM
VCVGFLEGGKDSCQGDSGGPVVCNGELQGIVSWGYGCALPDNPGVYTKVCNYVDWIQDTIAAN
;
_entity_poly.pdbx_seq_one_letter_code_can   
;IVGGYTCQENSVPYQVSLNSGYHFCGGSLINDQWVVSAAHCYKSRIQVRLGEHNINVLEGNEQFVNAAKIIKHPNFDRKT
LNNDIMLIKLSSPVKLNARVATVALPSSCAPAGTQCLISGWGNTLSSGVNEPDLLQCLDAPLLPQADCEASYPGKITDNM
VCVGFLEGGKDSCQGDSGGPVVCNGELQGIVSWGYGCALPDNPGVYTKVCNYVDWIQDTIAAN
;
_entity_poly.pdbx_strand_id                 A 
_entity_poly.pdbx_target_identifier         ? 
# 
loop_
_pdbx_entity_nonpoly.entity_id 
_pdbx_entity_nonpoly.name 
_pdbx_entity_nonpoly.comp_id 
2 BENZAMIDINE BEN 
3 water       HOH 
# 
loop_
_entity_poly_seq.entity_id 
_entity_poly_seq.num 
_entity_poly_seq.mon_id 
_entity_poly_seq.hetero 
1 1   ILE n 
1 2   VAL n 
1 3   GLY n 
1 4   GLY n 
1 5   TYR n 
1 6   THR n 
1 7   CYS n 
1 8   GLN n 
1 9   GLU n 
1 10  ASN n 
1 11  SER n 
1 12  VAL n 
1 13  PRO n 
1 14  TYR n 
1 15  GLN n 
1 16  VAL n 
1 17  SER n 
1 18  LEU n 
1 19  ASN n 
1 20  SER n 
1 21  GLY n 
1 22  TYR n 
1 23  HIS n 
1 24  PHE n 
1 25  CYS n 
1 26  GLY n 
1 27  GLY n 
1 28  SER n 
1 29  LEU n 
1 30  ILE n 
1 31  ASN n 
1 32  ASP n 
1 33  GLN n 
1 34  TRP n 
1 35  VAL n 
1 36  VAL n 
1 37  SER n 
1 38  ALA n 
1 39  ALA n 
1 40  HIS n 
1 41  CYS n 
1 42  TYR n 
1 43  LYS n 
1 44  SER n 
1 45  ARG n 
1 46  ILE n 
1 47  GLN n 
1 48  VAL n 
1 49  ARG n 
1 50  LEU n 
1 51  GLY n 
1 52  GLU n 
1 53  HIS n 
1 54  ASN n 
1 55  ILE n 
1 56  ASN n 
1 57  VAL n 
1 58  LEU n 
1 59  GLU n 
1 60  GLY n 
1 61  ASN n 
1 62  GLU n 
1 63  GLN n 
1 64  PHE n 
1 65  VAL n 
1 66  ASN n 
1 67  ALA n 
1 68  ALA n 
1 69  LYS n 
1 70  ILE n 
1 71  ILE n 
1 72  LYS n 
1 73  HIS n 
1 74  PRO n 
1 75  ASN n 
1 76  PHE n 
1 77  ASP n 
1 78  ARG n 
1 79  LYS n 
1 80  THR n 
1 81  LEU n 
1 82  ASN n 
1 83  ASN n 
1 84  ASP n 
1 85  ILE n 
1 86  MET n 
1 87  LEU n 
1 88  ILE n 
1 89  LYS n 
1 90  LEU n 
1 91  SER n 
1 92  SER n 
1 93  PRO n 
1 94  VAL n 
1 95  LYS n 
1 96  LEU n 
1 97  ASN n 
1 98  ALA n 
1 99  ARG n 
1 100 VAL n 
1 101 ALA n 
1 102 THR n 
1 103 VAL n 
1 104 ALA n 
1 105 LEU n 
1 106 PRO n 
1 107 SER n 
1 108 SER n 
1 109 CYS n 
1 110 ALA n 
1 111 PRO n 
1 112 ALA n 
1 113 GLY n 
1 114 THR n 
1 115 GLN n 
1 116 CYS n 
1 117 LEU n 
1 118 ILE n 
1 119 SER n 
1 120 GLY n 
1 121 TRP n 
1 122 GLY n 
1 123 ASN n 
1 124 THR n 
1 125 LEU n 
1 126 SER n 
1 127 SER n 
1 128 GLY n 
1 129 VAL n 
1 130 ASN n 
1 131 GLU n 
1 132 PRO n 
1 133 ASP n 
1 134 LEU n 
1 135 LEU n 
1 136 GLN n 
1 137 CYS n 
1 138 LEU n 
1 139 ASP n 
1 140 ALA n 
1 141 PRO n 
1 142 LEU n 
1 143 LEU n 
1 144 PRO n 
1 145 GLN n 
1 146 ALA n 
1 147 ASP n 
1 148 CYS n 
1 149 GLU n 
1 150 ALA n 
1 151 SER n 
1 152 TYR n 
1 153 PRO n 
1 154 GLY n 
1 155 LYS n 
1 156 ILE n 
1 157 THR n 
1 158 ASP n 
1 159 ASN n 
1 160 MET n 
1 161 VAL n 
1 162 CYS n 
1 163 VAL n 
1 164 GLY n 
1 165 PHE n 
1 166 LEU n 
1 167 GLU n 
1 168 GLY n 
1 169 GLY n 
1 170 LYS n 
1 171 ASP n 
1 172 SER n 
1 173 CYS n 
1 174 GLN n 
1 175 GLY n 
1 176 ASP n 
1 177 SER n 
1 178 GLY n 
1 179 GLY n 
1 180 PRO n 
1 181 VAL n 
1 182 VAL n 
1 183 CYS n 
1 184 ASN n 
1 185 GLY n 
1 186 GLU n 
1 187 LEU n 
1 188 GLN n 
1 189 GLY n 
1 190 ILE n 
1 191 VAL n 
1 192 SER n 
1 193 TRP n 
1 194 GLY n 
1 195 TYR n 
1 196 GLY n 
1 197 CYS n 
1 198 ALA n 
1 199 LEU n 
1 200 PRO n 
1 201 ASP n 
1 202 ASN n 
1 203 PRO n 
1 204 GLY n 
1 205 VAL n 
1 206 TYR n 
1 207 THR n 
1 208 LYS n 
1 209 VAL n 
1 210 CYS n 
1 211 ASN n 
1 212 TYR n 
1 213 VAL n 
1 214 ASP n 
1 215 TRP n 
1 216 ILE n 
1 217 GLN n 
1 218 ASP n 
1 219 THR n 
1 220 ILE n 
1 221 ALA n 
1 222 ALA n 
1 223 ASN n 
# 
_entity_src_gen.entity_id                          1 
_entity_src_gen.pdbx_src_id                        1 
_entity_src_gen.pdbx_alt_source_flag               sample 
_entity_src_gen.pdbx_seq_type                      ? 
_entity_src_gen.pdbx_beg_seq_num                   ? 
_entity_src_gen.pdbx_end_seq_num                   ? 
_entity_src_gen.gene_src_common_name               'black rat' 
_entity_src_gen.gene_src_genus                     Rattus 
_entity_src_gen.pdbx_gene_src_gene                 ? 
_entity_src_gen.gene_src_species                   ? 
_entity_src_gen.gene_src_strain                    ? 
_entity_src_gen.gene_src_tissue                    ? 
_entity_src_gen.gene_src_tissue_fraction           ? 
_entity_src_gen.gene_src_details                   ? 
_entity_src_gen.pdbx_gene_src_fragment             ? 
_entity_src_gen.pdbx_gene_src_scientific_name      'Rattus rattus' 
_entity_src_gen.pdbx_gene_src_ncbi_taxonomy_id     10117 
_entity_src_gen.pdbx_gene_src_variant              ? 
_entity_src_gen.pdbx_gene_src_cell_line            ? 
_entity_src_gen.pdbx_gene_src_atcc                 ? 
_entity_src_gen.pdbx_gene_src_organ                ? 
_entity_src_gen.pdbx_gene_src_organelle            ? 
_entity_src_gen.pdbx_gene_src_cell                 ? 
_entity_src_gen.pdbx_gene_src_cellular_location    ? 
_entity_src_gen.host_org_common_name               ? 
_entity_src_gen.pdbx_host_org_scientific_name      'Escherichia coli' 
_entity_src_gen.pdbx_host_org_ncbi_taxonomy_id     562 
_entity_src_gen.host_org_genus                     Escherichia 
_entity_src_gen.pdbx_host_org_gene                 ? 
_entity_src_gen.pdbx_host_org_organ                ? 
_entity_src_gen.host_org_species                   ? 
_entity_src_gen.pdbx_host_org_tissue               ? 
_entity_src_gen.pdbx_host_org_tissue_fraction      ? 
_entity_src_gen.pdbx_host_org_strain               ? 
_entity_src_gen.pdbx_host_org_variant              ? 
_entity_src_gen.pdbx_host_org_cell_line            ? 
_entity_src_gen.pdbx_host_org_atcc                 ? 
_entity_src_gen.pdbx_host_org_culture_collection   ? 
_entity_src_gen.pdbx_host_org_cell                 ? 
_entity_src_gen.pdbx_host_org_organelle            ? 
_entity_src_gen.pdbx_host_org_cellular_location    ? 
_entity_src_gen.pdbx_host_org_vector_type          ? 
_entity_src_gen.pdbx_host_org_vector               ? 
_entity_src_gen.host_org_details                   ? 
_entity_src_gen.expression_system_id               ? 
_entity_src_gen.plasmid_name                       ? 
_entity_src_gen.plasmid_details                    ? 
_entity_src_gen.pdbx_description                   ? 
# 
loop_
_chem_comp.id 
_chem_comp.type 
_chem_comp.mon_nstd_flag 
_chem_comp.name 
_chem_comp.pdbx_synonyms 
_chem_comp.formula 
_chem_comp.formula_weight 
ALA 'L-peptide linking' y ALANINE         ? 'C3 H7 N O2'     89.093  
ARG 'L-peptide linking' y ARGININE        ? 'C6 H15 N4 O2 1' 175.209 
ASN 'L-peptide linking' y ASPARAGINE      ? 'C4 H8 N2 O3'    132.118 
ASP 'L-peptide linking' y 'ASPARTIC ACID' ? 'C4 H7 N O4'     133.103 
BEN non-polymer         . BENZAMIDINE     ? 'C7 H8 N2'       120.152 
CYS 'L-peptide linking' y CYSTEINE        ? 'C3 H7 N O2 S'   121.158 
GLN 'L-peptide linking' y GLUTAMINE       ? 'C5 H10 N2 O3'   146.144 
GLU 'L-peptide linking' y 'GLUTAMIC ACID' ? 'C5 H9 N O4'     147.129 
GLY 'peptide linking'   y GLYCINE         ? 'C2 H5 N O2'     75.067  
HIS 'L-peptide linking' y HISTIDINE       ? 'C6 H10 N3 O2 1' 156.162 
HOH non-polymer         . WATER           ? 'H2 O'           18.015  
ILE 'L-peptide linking' y ISOLEUCINE      ? 'C6 H13 N O2'    131.173 
LEU 'L-peptide linking' y LEUCINE         ? 'C6 H13 N O2'    131.173 
LYS 'L-peptide linking' y LYSINE          ? 'C6 H15 N2 O2 1' 147.195 
MET 'L-peptide linking' y METHIONINE      ? 'C5 H11 N O2 S'  149.211 
PHE 'L-peptide linking' y PHENYLALANINE   ? 'C9 H11 N O2'    165.189 
PRO 'L-peptide linking' y PROLINE         ? 'C5 H9 N O2'     115.130 
SER 'L-peptide linking' y SERINE          ? 'C3 H7 N O3'     105.093 
THR 'L-peptide linking' y THREONINE       ? 'C4 H9 N O3'     119.119 
TRP 'L-peptide linking' y TRYPTOPHAN      ? 'C11 H12 N2 O2'  204.225 
TYR 'L-peptide linking' y TYROSINE        ? 'C9 H11 N O3'    181.189 
VAL 'L-peptide linking' y VALINE          ? 'C5 H11 N O2'    117.146 
# 
loop_
_pdbx_poly_seq_scheme.asym_id 
_pdbx_poly_seq_scheme.entity_id 
_pdbx_poly_seq_scheme.seq_id 
_pdbx_poly_seq_scheme.mon_id 
_pdbx_poly_seq_scheme.ndb_seq_num 
_pdbx_poly_seq_scheme.pdb_seq_num 
_pdbx_poly_seq_scheme.auth_seq_num 
_pdbx_poly_seq_scheme.pdb_mon_id 
_pdbx_poly_seq_scheme.auth_mon_id 
_pdbx_poly_seq_scheme.pdb_strand_id 
_pdbx_poly_seq_scheme.pdb_ins_code 
_pdbx_poly_seq_scheme.hetero 
A 1 1   ILE 1   16  16  ILE ILE A . n 
A 1 2   VAL 2   17  17  VAL VAL A . n 
A 1 3   GLY 3   18  18  GLY GLY A . n 
A 1 4   GLY 4   19  19  GLY GLY A . n 
A 1 5   TYR 5   20  20  TYR TYR A . n 
A 1 6   THR 6   21  21  THR THR A . n 
A 1 7   CYS 7   22  22  CYS CYS A . n 
A 1 8   GLN 8   23  23  GLN GLN A . n 
A 1 9   GLU 9   24  24  GLU GLU A . n 
A 1 10  ASN 10  25  25  ASN ASN A . n 
A 1 11  SER 11  26  26  SER SER A . n 
A 1 12  VAL 12  27  27  VAL VAL A . n 
A 1 13  PRO 13  28  28  PRO PRO A . n 
A 1 14  TYR 14  29  29  TYR TYR A . n 
A 1 15  GLN 15  30  30  GLN GLN A . n 
A 1 16  VAL 16  31  31  VAL VAL A . n 
A 1 17  SER 17  32  32  SER SER A . n 
A 1 18  LEU 18  33  33  LEU LEU A . n 
A 1 19  ASN 19  34  34  ASN ASN A . n 
A 1 20  SER 20  37  37  SER SER A . n 
A 1 21  GLY 21  38  38  GLY GLY A . n 
A 1 22  TYR 22  39  39  TYR TYR A . n 
A 1 23  HIS 23  40  40  HIS HIS A . n 
A 1 24  PHE 24  41  41  PHE PHE A . n 
A 1 25  CYS 25  42  42  CYS CYS A . n 
A 1 26  GLY 26  43  43  GLY GLY A . n 
A 1 27  GLY 27  44  44  GLY GLY A . n 
A 1 28  SER 28  45  45  SER SER A . n 
A 1 29  LEU 29  46  46  LEU LEU A . n 
A 1 30  ILE 30  47  47  ILE ILE A . n 
A 1 31  ASN 31  48  48  ASN ASN A . n 
A 1 32  ASP 32  49  49  ASP ASP A . n 
A 1 33  GLN 33  50  50  GLN GLN A . n 
A 1 34  TRP 34  51  51  TRP TRP A . n 
A 1 35  VAL 35  52  52  VAL VAL A . n 
A 1 36  VAL 36  53  53  VAL VAL A . n 
A 1 37  SER 37  54  54  SER SER A . n 
A 1 38  ALA 38  55  55  ALA ALA A . n 
A 1 39  ALA 39  56  56  ALA ALA A . n 
A 1 40  HIS 40  57  57  HIS HIS A . n 
A 1 41  CYS 41  58  58  CYS CYS A . n 
A 1 42  TYR 42  59  59  TYR TYR A . n 
A 1 43  LYS 43  60  60  LYS LYS A . n 
A 1 44  SER 44  61  61  SER SER A . n 
A 1 45  ARG 45  62  62  ARG ARG A . n 
A 1 46  ILE 46  63  63  ILE ILE A . n 
A 1 47  GLN 47  64  64  GLN GLN A . n 
A 1 48  VAL 48  65  65  VAL VAL A . n 
A 1 49  ARG 49  65  65  ARG ARG A A n 
A 1 50  LEU 50  66  66  LEU LEU A . n 
A 1 51  GLY 51  69  69  GLY GLY A . n 
A 1 52  GLU 52  70  70  GLU GLU A . n 
A 1 53  HIS 53  71  71  HIS HIS A . n 
A 1 54  ASN 54  72  72  ASN ASN A . n 
A 1 55  ILE 55  73  73  ILE ILE A . n 
A 1 56  ASN 56  74  74  ASN ASN A . n 
A 1 57  VAL 57  75  75  VAL VAL A . n 
A 1 58  LEU 58  76  76  LEU LEU A . n 
A 1 59  GLU 59  77  77  GLU GLU A . n 
A 1 60  GLY 60  78  78  GLY GLY A . n 
A 1 61  ASN 61  79  79  ASN ASN A . n 
A 1 62  GLU 62  80  80  GLU GLU A . n 
A 1 63  GLN 63  81  81  GLN GLN A . n 
A 1 64  PHE 64  82  82  PHE PHE A . n 
A 1 65  VAL 65  83  83  VAL VAL A . n 
A 1 66  ASN 66  84  84  ASN ASN A . n 
A 1 67  ALA 67  85  85  ALA ALA A . n 
A 1 68  ALA 68  86  86  ALA ALA A . n 
A 1 69  LYS 69  87  87  LYS LYS A . n 
A 1 70  ILE 70  88  88  ILE ILE A . n 
A 1 71  ILE 71  89  89  ILE ILE A . n 
A 1 72  LYS 72  90  90  LYS LYS A . n 
A 1 73  HIS 73  91  91  HIS HIS A . n 
A 1 74  PRO 74  92  92  PRO PRO A . n 
A 1 75  ASN 75  93  93  ASN ASN A . n 
A 1 76  PHE 76  94  94  PHE PHE A . n 
A 1 77  ASP 77  95  95  ASP ASP A . n 
A 1 78  ARG 78  96  96  ARG ARG A . n 
A 1 79  LYS 79  97  97  LYS LYS A . n 
A 1 80  THR 80  98  98  THR THR A . n 
A 1 81  LEU 81  99  99  LEU LEU A . n 
A 1 82  ASN 82  100 100 ASN ASN A . n 
A 1 83  ASN 83  101 101 ASN ASN A . n 
A 1 84  ASP 84  102 102 ASP ASP A . n 
A 1 85  ILE 85  103 103 ILE ILE A . n 
A 1 86  MET 86  104 104 MET MET A . n 
A 1 87  LEU 87  105 105 LEU LEU A . n 
A 1 88  ILE 88  106 106 ILE ILE A . n 
A 1 89  LYS 89  107 107 LYS LYS A . n 
A 1 90  LEU 90  108 108 LEU LEU A . n 
A 1 91  SER 91  109 109 SER SER A . n 
A 1 92  SER 92  110 110 SER SER A . n 
A 1 93  PRO 93  111 111 PRO PRO A . n 
A 1 94  VAL 94  112 112 VAL VAL A . n 
A 1 95  LYS 95  113 113 LYS LYS A . n 
A 1 96  LEU 96  114 114 LEU LEU A . n 
A 1 97  ASN 97  115 115 ASN ASN A . n 
A 1 98  ALA 98  116 116 ALA ALA A . n 
A 1 99  ARG 99  117 117 ARG ARG A . n 
A 1 100 VAL 100 118 118 VAL VAL A . n 
A 1 101 ALA 101 119 119 ALA ALA A . n 
A 1 102 THR 102 120 120 THR THR A . n 
A 1 103 VAL 103 121 121 VAL VAL A . n 
A 1 104 ALA 104 122 122 ALA ALA A . n 
A 1 105 LEU 105 123 123 LEU LEU A . n 
A 1 106 PRO 106 124 124 PRO PRO A . n 
A 1 107 SER 107 125 125 SER SER A . n 
A 1 108 SER 108 127 127 SER SER A . n 
A 1 109 CYS 109 128 128 CYS CYS A . n 
A 1 110 ALA 110 129 129 ALA ALA A . n 
A 1 111 PRO 111 130 130 PRO PRO A . n 
A 1 112 ALA 112 132 132 ALA ALA A . n 
A 1 113 GLY 113 133 133 GLY GLY A . n 
A 1 114 THR 114 134 134 THR THR A . n 
A 1 115 GLN 115 135 135 GLN GLN A . n 
A 1 116 CYS 116 136 136 CYS CYS A . n 
A 1 117 LEU 117 137 137 LEU LEU A . n 
A 1 118 ILE 118 138 138 ILE ILE A . n 
A 1 119 SER 119 139 139 SER SER A . n 
A 1 120 GLY 120 140 140 GLY GLY A . n 
A 1 121 TRP 121 141 141 TRP TRP A . n 
A 1 122 GLY 122 142 142 GLY GLY A . n 
A 1 123 ASN 123 143 143 ASN ASN A . n 
A 1 124 THR 124 144 144 THR THR A . n 
A 1 125 LEU 125 145 145 LEU LEU A . n 
A 1 126 SER 126 146 146 SER SER A . n 
A 1 127 SER 127 147 147 SER SER A . n 
A 1 128 GLY 128 148 148 GLY GLY A . n 
A 1 129 VAL 129 149 149 VAL VAL A . n 
A 1 130 ASN 130 150 150 ASN ASN A . n 
A 1 131 GLU 131 151 151 GLU GLU A . n 
A 1 132 PRO 132 152 152 PRO PRO A . n 
A 1 133 ASP 133 153 153 ASP ASP A . n 
A 1 134 LEU 134 154 154 LEU LEU A . n 
A 1 135 LEU 135 155 155 LEU LEU A . n 
A 1 136 GLN 136 156 156 GLN GLN A . n 
A 1 137 CYS 137 157 157 CYS CYS A . n 
A 1 138 LEU 138 158 158 LEU LEU A . n 
A 1 139 ASP 139 159 159 ASP ASP A . n 
A 1 140 ALA 140 160 160 ALA ALA A . n 
A 1 141 PRO 141 161 161 PRO PRO A . n 
A 1 142 LEU 142 162 162 LEU LEU A . n 
A 1 143 LEU 143 163 163 LEU LEU A . n 
A 1 144 PRO 144 164 164 PRO PRO A . n 
A 1 145 GLN 145 165 165 GLN GLN A . n 
A 1 146 ALA 146 166 166 ALA ALA A . n 
A 1 147 ASP 147 167 167 ASP ASP A . n 
A 1 148 CYS 148 168 168 CYS CYS A . n 
A 1 149 GLU 149 169 169 GLU GLU A . n 
A 1 150 ALA 150 170 170 ALA ALA A . n 
A 1 151 SER 151 171 171 SER SER A . n 
A 1 152 TYR 152 172 172 TYR TYR A . n 
A 1 153 PRO 153 173 173 PRO PRO A . n 
A 1 154 GLY 154 174 174 GLY GLY A . n 
A 1 155 LYS 155 175 175 LYS LYS A . n 
A 1 156 ILE 156 176 176 ILE ILE A . n 
A 1 157 THR 157 177 177 THR THR A . n 
A 1 158 ASP 158 178 178 ASP ASP A . n 
A 1 159 ASN 159 179 179 ASN ASN A . n 
A 1 160 MET 160 180 180 MET MET A . n 
A 1 161 VAL 161 181 181 VAL VAL A . n 
A 1 162 CYS 162 182 182 CYS CYS A . n 
A 1 163 VAL 163 183 183 VAL VAL A . n 
A 1 164 GLY 164 184 184 GLY GLY A . n 
A 1 165 PHE 165 184 184 PHE PHE A A n 
A 1 166 LEU 166 185 185 LEU LEU A . n 
A 1 167 GLU 167 186 186 GLU GLU A . n 
A 1 168 GLY 168 187 187 GLY GLY A . n 
A 1 169 GLY 169 188 188 GLY GLY A . n 
A 1 170 LYS 170 188 188 LYS LYS A A n 
A 1 171 ASP 171 189 189 ASP ASP A . n 
A 1 172 SER 172 190 190 SER SER A . n 
A 1 173 CYS 173 191 191 CYS CYS A . n 
A 1 174 GLN 174 192 192 GLN GLN A . n 
A 1 175 GLY 175 193 193 GLY GLY A . n 
A 1 176 ASP 176 194 194 ASP ASP A . n 
A 1 177 SER 177 195 195 SER SER A . n 
A 1 178 GLY 178 196 196 GLY GLY A . n 
A 1 179 GLY 179 197 197 GLY GLY A . n 
A 1 180 PRO 180 198 198 PRO PRO A . n 
A 1 181 VAL 181 199 199 VAL VAL A . n 
A 1 182 VAL 182 200 200 VAL VAL A . n 
A 1 183 CYS 183 201 201 CYS CYS A . n 
A 1 184 ASN 184 202 202 ASN ASN A . n 
A 1 185 GLY 185 203 203 GLY GLY A . n 
A 1 186 GLU 186 204 204 GLU GLU A . n 
A 1 187 LEU 187 209 209 LEU LEU A . n 
A 1 188 GLN 188 210 210 GLN GLN A . n 
A 1 189 GLY 189 211 211 GLY GLY A . n 
A 1 190 ILE 190 212 212 ILE ILE A . n 
A 1 191 VAL 191 213 213 VAL VAL A . n 
A 1 192 SER 192 214 214 SER SER A . n 
A 1 193 TRP 193 215 215 TRP TRP A . n 
A 1 194 GLY 194 216 216 GLY GLY A . n 
A 1 195 TYR 195 217 217 TYR TYR A . n 
A 1 196 GLY 196 219 219 GLY GLY A . n 
A 1 197 CYS 197 220 220 CYS CYS A . n 
A 1 198 ALA 198 221 221 ALA ALA A . n 
A 1 199 LEU 199 221 221 LEU LEU A A n 
A 1 200 PRO 200 222 222 PRO PRO A . n 
A 1 201 ASP 201 223 223 ASP ASP A . n 
A 1 202 ASN 202 224 224 ASN ASN A . n 
A 1 203 PRO 203 225 225 PRO PRO A . n 
A 1 204 GLY 204 226 226 GLY GLY A . n 
A 1 205 VAL 205 227 227 VAL VAL A . n 
A 1 206 TYR 206 228 228 TYR TYR A . n 
A 1 207 THR 207 229 229 THR THR A . n 
A 1 208 LYS 208 230 230 LYS LYS A . n 
A 1 209 VAL 209 231 231 VAL VAL A . n 
A 1 210 CYS 210 232 232 CYS CYS A . n 
A 1 211 ASN 211 233 233 ASN ASN A . n 
A 1 212 TYR 212 234 234 TYR TYR A . n 
A 1 213 VAL 213 235 235 VAL VAL A . n 
A 1 214 ASP 214 236 236 ASP ASP A . n 
A 1 215 TRP 215 237 237 TRP TRP A . n 
A 1 216 ILE 216 238 238 ILE ILE A . n 
A 1 217 GLN 217 239 239 GLN GLN A . n 
A 1 218 ASP 218 240 240 ASP ASP A . n 
A 1 219 THR 219 241 241 THR THR A . n 
A 1 220 ILE 220 242 242 ILE ILE A . n 
A 1 221 ALA 221 243 243 ALA ALA A . n 
A 1 222 ALA 222 244 244 ALA ALA A . n 
A 1 223 ASN 223 245 245 ASN ASN A . n 
# 
loop_
_pdbx_nonpoly_scheme.asym_id 
_pdbx_nonpoly_scheme.entity_id 
_pdbx_nonpoly_scheme.mon_id 
_pdbx_nonpoly_scheme.ndb_seq_num 
_pdbx_nonpoly_scheme.pdb_seq_num 
_pdbx_nonpoly_scheme.auth_seq_num 
_pdbx_nonpoly_scheme.pdb_mon_id 
_pdbx_nonpoly_scheme.auth_mon_id 
_pdbx_nonpoly_scheme.pdb_strand_id 
_pdbx_nonpoly_scheme.pdb_ins_code 
B 2 BEN 1   246 224 BEN BEN A . 
C 3 HOH 1   247 227 HOH HOH A . 
C 3 HOH 2   248 228 HOH HOH A . 
C 3 HOH 3   249 229 HOH HOH A . 
C 3 HOH 4   250 230 HOH HOH A . 
C 3 HOH 5   251 231 HOH HOH A . 
C 3 HOH 6   252 232 HOH HOH A . 
C 3 HOH 7   253 233 HOH HOH A . 
C 3 HOH 8   254 234 HOH HOH A . 
C 3 HOH 9   255 235 HOH HOH A . 
C 3 HOH 10  256 236 HOH HOH A . 
C 3 HOH 11  257 237 HOH HOH A . 
C 3 HOH 12  258 238 HOH HOH A . 
C 3 HOH 13  259 239 HOH HOH A . 
C 3 HOH 14  260 241 HOH HOH A . 
C 3 HOH 15  261 242 HOH HOH A . 
C 3 HOH 16  262 243 HOH HOH A . 
C 3 HOH 17  263 244 HOH HOH A . 
C 3 HOH 18  264 245 HOH HOH A . 
C 3 HOH 19  265 246 HOH HOH A . 
C 3 HOH 20  266 247 HOH HOH A . 
C 3 HOH 21  267 248 HOH HOH A . 
C 3 HOH 22  268 249 HOH HOH A . 
C 3 HOH 23  269 250 HOH HOH A . 
C 3 HOH 24  270 251 HOH HOH A . 
C 3 HOH 25  271 252 HOH HOH A . 
C 3 HOH 26  272 253 HOH HOH A . 
C 3 HOH 27  273 254 HOH HOH A . 
C 3 HOH 28  274 255 HOH HOH A . 
C 3 HOH 29  275 257 HOH HOH A . 
C 3 HOH 30  276 258 HOH HOH A . 
C 3 HOH 31  277 260 HOH HOH A . 
C 3 HOH 32  278 261 HOH HOH A . 
C 3 HOH 33  279 262 HOH HOH A . 
C 3 HOH 34  280 263 HOH HOH A . 
C 3 HOH 35  281 264 HOH HOH A . 
C 3 HOH 36  282 265 HOH HOH A . 
C 3 HOH 37  283 266 HOH HOH A . 
C 3 HOH 38  284 267 HOH HOH A . 
C 3 HOH 39  285 268 HOH HOH A . 
C 3 HOH 40  286 269 HOH HOH A . 
C 3 HOH 41  287 270 HOH HOH A . 
C 3 HOH 42  288 271 HOH HOH A . 
C 3 HOH 43  289 272 HOH HOH A . 
C 3 HOH 44  290 273 HOH HOH A . 
C 3 HOH 45  291 274 HOH HOH A . 
C 3 HOH 46  292 275 HOH HOH A . 
C 3 HOH 47  293 276 HOH HOH A . 
C 3 HOH 48  294 277 HOH HOH A . 
C 3 HOH 49  295 278 HOH HOH A . 
C 3 HOH 50  296 279 HOH HOH A . 
C 3 HOH 51  297 280 HOH HOH A . 
C 3 HOH 52  298 281 HOH HOH A . 
C 3 HOH 53  299 282 HOH HOH A . 
C 3 HOH 54  300 283 HOH HOH A . 
C 3 HOH 55  301 284 HOH HOH A . 
C 3 HOH 56  302 285 HOH HOH A . 
C 3 HOH 57  303 286 HOH HOH A . 
C 3 HOH 58  304 287 HOH HOH A . 
C 3 HOH 59  305 288 HOH HOH A . 
C 3 HOH 60  306 289 HOH HOH A . 
C 3 HOH 61  307 290 HOH HOH A . 
C 3 HOH 62  308 292 HOH HOH A . 
C 3 HOH 63  309 293 HOH HOH A . 
C 3 HOH 64  310 294 HOH HOH A . 
C 3 HOH 65  311 295 HOH HOH A . 
C 3 HOH 66  312 296 HOH HOH A . 
C 3 HOH 67  313 297 HOH HOH A . 
C 3 HOH 68  314 298 HOH HOH A . 
C 3 HOH 69  315 299 HOH HOH A . 
C 3 HOH 70  316 300 HOH HOH A . 
C 3 HOH 71  317 301 HOH HOH A . 
C 3 HOH 72  318 302 HOH HOH A . 
C 3 HOH 73  319 303 HOH HOH A . 
C 3 HOH 74  320 304 HOH HOH A . 
C 3 HOH 75  321 305 HOH HOH A . 
C 3 HOH 76  322 306 HOH HOH A . 
C 3 HOH 77  323 307 HOH HOH A . 
C 3 HOH 78  324 308 HOH HOH A . 
C 3 HOH 79  325 309 HOH HOH A . 
C 3 HOH 80  326 310 HOH HOH A . 
C 3 HOH 81  327 311 HOH HOH A . 
C 3 HOH 82  328 312 HOH HOH A . 
C 3 HOH 83  329 313 HOH HOH A . 
C 3 HOH 84  330 314 HOH HOH A . 
C 3 HOH 85  331 315 HOH HOH A . 
C 3 HOH 86  332 316 HOH HOH A . 
C 3 HOH 87  333 317 HOH HOH A . 
C 3 HOH 88  334 318 HOH HOH A . 
C 3 HOH 89  335 319 HOH HOH A . 
C 3 HOH 90  336 320 HOH HOH A . 
C 3 HOH 91  337 321 HOH HOH A . 
C 3 HOH 92  338 322 HOH HOH A . 
C 3 HOH 93  339 323 HOH HOH A . 
C 3 HOH 94  340 324 HOH HOH A . 
C 3 HOH 95  341 325 HOH HOH A . 
C 3 HOH 96  342 326 HOH HOH A . 
C 3 HOH 97  343 327 HOH HOH A . 
C 3 HOH 98  344 328 HOH HOH A . 
C 3 HOH 99  345 329 HOH HOH A . 
C 3 HOH 100 346 330 HOH HOH A . 
C 3 HOH 101 347 331 HOH HOH A . 
C 3 HOH 102 348 332 HOH HOH A . 
C 3 HOH 103 349 333 HOH HOH A . 
C 3 HOH 104 350 334 HOH HOH A . 
C 3 HOH 105 351 336 HOH HOH A . 
C 3 HOH 106 352 337 HOH HOH A . 
C 3 HOH 107 353 338 HOH HOH A . 
C 3 HOH 108 354 340 HOH HOH A . 
C 3 HOH 109 355 341 HOH HOH A . 
C 3 HOH 110 356 342 HOH HOH A . 
C 3 HOH 111 357 343 HOH HOH A . 
C 3 HOH 112 358 344 HOH HOH A . 
C 3 HOH 113 359 346 HOH HOH A . 
C 3 HOH 114 360 347 HOH HOH A . 
C 3 HOH 115 361 348 HOH HOH A . 
C 3 HOH 116 362 350 HOH HOH A . 
C 3 HOH 117 363 351 HOH HOH A . 
C 3 HOH 118 364 352 HOH HOH A . 
C 3 HOH 119 365 353 HOH HOH A . 
C 3 HOH 120 366 354 HOH HOH A . 
C 3 HOH 121 367 355 HOH HOH A . 
C 3 HOH 122 368 359 HOH HOH A . 
C 3 HOH 123 369 360 HOH HOH A . 
C 3 HOH 124 370 362 HOH HOH A . 
# 
loop_
_software.name 
_software.classification 
_software.version 
_software.citation_id 
_software.pdbx_ordinal 
BUDDHA 'data collection' . ? 1 
BUDDHA 'data reduction'  . ? 2 
X-PLOR refinement        . ? 3 
BUDDHA 'data scaling'    . ? 4 
# 
_cell.entry_id           1ANE 
_cell.length_a           124.380 
_cell.length_b           124.380 
_cell.length_c           124.380 
_cell.angle_alpha        90.00 
_cell.angle_beta         90.00 
_cell.angle_gamma        90.00 
_cell.Z_PDB              24 
_cell.pdbx_unique_axis   ? 
# 
_symmetry.entry_id                         1ANE 
_symmetry.space_group_name_H-M             'I 2 3' 
_symmetry.pdbx_full_space_group_name_H-M   ? 
_symmetry.cell_setting                     ? 
_symmetry.Int_Tables_number                197 
# 
_exptl.entry_id          1ANE 
_exptl.method            'X-RAY DIFFRACTION' 
_exptl.crystals_number   1 
# 
_exptl_crystal.id                    1 
_exptl_crystal.density_meas          ? 
_exptl_crystal.density_Matthews      3.34 
_exptl_crystal.density_percent_sol   63. 
_exptl_crystal.description           ? 
# 
_exptl_crystal_grow.crystal_id      1 
_exptl_crystal_grow.method          ? 
_exptl_crystal_grow.temp            ? 
_exptl_crystal_grow.temp_details    ? 
_exptl_crystal_grow.pH              8.0 
_exptl_crystal_grow.pdbx_pH_range   ? 
_exptl_crystal_grow.pdbx_details    'pH 8.0' 
# 
_diffrn.id                     1 
_diffrn.ambient_temp           273 
_diffrn.ambient_temp_details   ? 
_diffrn.crystal_id             1 
# 
_diffrn_detector.diffrn_id              1 
_diffrn_detector.detector               'AREA DETECTOR' 
_diffrn_detector.type                   SIEMENS 
_diffrn_detector.pdbx_collection_date   1992 
_diffrn_detector.details                ? 
# 
_diffrn_radiation.diffrn_id                        1 
_diffrn_radiation.wavelength_id                    1 
_diffrn_radiation.pdbx_monochromatic_or_laue_m_l   M 
_diffrn_radiation.monochromator                    ? 
_diffrn_radiation.pdbx_diffrn_protocol             ? 
_diffrn_radiation.pdbx_scattering_type             x-ray 
# 
_diffrn_radiation_wavelength.id           1 
_diffrn_radiation_wavelength.wavelength   1.5418 
_diffrn_radiation_wavelength.wt           1.0 
# 
_diffrn_source.diffrn_id                   1 
_diffrn_source.source                      'ROTATING ANODE' 
_diffrn_source.type                        'RIGAKU RUH2R' 
_diffrn_source.pdbx_synchrotron_site       ? 
_diffrn_source.pdbx_synchrotron_beamline   ? 
_diffrn_source.pdbx_wavelength             1.5418 
_diffrn_source.pdbx_wavelength_list        ? 
# 
_refine.entry_id                                 1ANE 
_refine.ls_number_reflns_obs                     ? 
_refine.ls_number_reflns_all                     ? 
_refine.pdbx_ls_sigma_I                          ? 
_refine.pdbx_ls_sigma_F                          ? 
_refine.pdbx_data_cutoff_high_absF               ? 
_refine.pdbx_data_cutoff_low_absF                ? 
_refine.pdbx_data_cutoff_high_rms_absF           ? 
_refine.ls_d_res_low                             ? 
_refine.ls_d_res_high                            2.2 
_refine.ls_percent_reflns_obs                    ? 
_refine.ls_R_factor_obs                          0.175 
_refine.ls_R_factor_all                          ? 
_refine.ls_R_factor_R_work                       0.175 
_refine.ls_R_factor_R_free                       ? 
_refine.ls_R_factor_R_free_error                 ? 
_refine.ls_R_factor_R_free_error_details         ? 
_refine.ls_percent_reflns_R_free                 ? 
_refine.ls_number_reflns_R_free                  ? 
_refine.ls_number_parameters                     ? 
_refine.ls_number_restraints                     ? 
_refine.occupancy_min                            ? 
_refine.occupancy_max                            ? 
_refine.B_iso_mean                               ? 
_refine.aniso_B[1][1]                            ? 
_refine.aniso_B[2][2]                            ? 
_refine.aniso_B[3][3]                            ? 
_refine.aniso_B[1][2]                            ? 
_refine.aniso_B[1][3]                            ? 
_refine.aniso_B[2][3]                            ? 
_refine.solvent_model_details                    ? 
_refine.solvent_model_param_ksol                 ? 
_refine.solvent_model_param_bsol                 ? 
_refine.pdbx_ls_cross_valid_method               ? 
_refine.details                                  ? 
_refine.pdbx_starting_model                      ? 
_refine.pdbx_method_to_determine_struct          ? 
_refine.pdbx_isotropic_thermal_model             ? 
_refine.pdbx_stereochemistry_target_values       ? 
_refine.pdbx_stereochem_target_val_spec_case     ? 
_refine.pdbx_R_Free_selection_details            ? 
_refine.pdbx_overall_ESU_R                       ? 
_refine.pdbx_overall_ESU_R_Free                  ? 
_refine.overall_SU_ML                            ? 
_refine.overall_SU_B                             ? 
_refine.pdbx_refine_id                           'X-RAY DIFFRACTION' 
_refine.pdbx_diffrn_id                           1 
_refine.pdbx_TLS_residual_ADP_flag               ? 
_refine.correlation_coeff_Fo_to_Fc               ? 
_refine.correlation_coeff_Fo_to_Fc_free          ? 
_refine.pdbx_solvent_vdw_probe_radii             ? 
_refine.pdbx_solvent_ion_probe_radii             ? 
_refine.pdbx_solvent_shrinkage_radii             ? 
_refine.pdbx_overall_phase_error                 ? 
_refine.overall_SU_R_Cruickshank_DPI             ? 
_refine.pdbx_overall_SU_R_free_Cruickshank_DPI   ? 
_refine.pdbx_overall_SU_R_Blow_DPI               ? 
_refine.pdbx_overall_SU_R_free_Blow_DPI          ? 
# 
_refine_hist.pdbx_refine_id                   'X-RAY DIFFRACTION' 
_refine_hist.cycle_id                         LAST 
_refine_hist.pdbx_number_atoms_protein        1665 
_refine_hist.pdbx_number_atoms_nucleic_acid   0 
_refine_hist.pdbx_number_atoms_ligand         9 
_refine_hist.number_atoms_solvent             124 
_refine_hist.number_atoms_total               1798 
_refine_hist.d_res_high                       2.2 
_refine_hist.d_res_low                        . 
# 
_struct.entry_id                  1ANE 
_struct.title                     'ANIONIC TRYPSIN WILD TYPE' 
_struct.pdbx_model_details        ? 
_struct.pdbx_CASP_flag            ? 
_struct.pdbx_model_type_details   ? 
# 
_struct_keywords.entry_id        1ANE 
_struct_keywords.pdbx_keywords   'SERINE PROTEASE' 
_struct_keywords.text            'TRYPSIN, ANIONIC, SERINE PROTEASE, HYDROLASE' 
# 
loop_
_struct_asym.id 
_struct_asym.pdbx_blank_PDB_chainid_flag 
_struct_asym.pdbx_modified 
_struct_asym.entity_id 
_struct_asym.details 
A N N 1 ? 
B N N 2 ? 
C N N 3 ? 
# 
_struct_ref.id                         1 
_struct_ref.db_name                    UNP 
_struct_ref.db_code                    TRY2_RAT 
_struct_ref.entity_id                  1 
_struct_ref.pdbx_db_accession          P00763 
_struct_ref.pdbx_align_begin           1 
_struct_ref.pdbx_seq_one_letter_code   
;MRALLFLALVGAAVAFPVDDDDKIVGGYTCQENSVPYQVSLNSGYHFCGGSLINDQWVVSAAHCYKSRIQVRLGEHNINV
LEGNEQFVNAAKIIKHPNFDRKTLNNDIMLIKLSSPVKLNARVATVALPSSCAPAGTQCLISGWGNTLSSGVNEPDLLQC
LDAPLLPQADCEASYPGKITDNMVCVGFLEGGKDSCQGDSGGPVVCNGELQGIVSWGYGCALPDNPGVYTKVCNYVDWIQ
DTIAAN
;
_struct_ref.pdbx_db_isoform            ? 
# 
_struct_ref_seq.align_id                      1 
_struct_ref_seq.ref_id                        1 
_struct_ref_seq.pdbx_PDB_id_code              1ANE 
_struct_ref_seq.pdbx_strand_id                A 
_struct_ref_seq.seq_align_beg                 1 
_struct_ref_seq.pdbx_seq_align_beg_ins_code   ? 
_struct_ref_seq.seq_align_end                 223 
_struct_ref_seq.pdbx_seq_align_end_ins_code   ? 
_struct_ref_seq.pdbx_db_accession             P00763 
_struct_ref_seq.db_align_beg                  24 
_struct_ref_seq.pdbx_db_align_beg_ins_code    ? 
_struct_ref_seq.db_align_end                  246 
_struct_ref_seq.pdbx_db_align_end_ins_code    ? 
_struct_ref_seq.pdbx_auth_seq_align_beg       16 
_struct_ref_seq.pdbx_auth_seq_align_end       245 
# 
_pdbx_struct_assembly.id                   1 
_pdbx_struct_assembly.details              author_defined_assembly 
_pdbx_struct_assembly.method_details       ? 
_pdbx_struct_assembly.oligomeric_details   dimeric 
_pdbx_struct_assembly.oligomeric_count     2 
# 
_pdbx_struct_assembly_gen.assembly_id       1 
_pdbx_struct_assembly_gen.oper_expression   1,2 
_pdbx_struct_assembly_gen.asym_id_list      A,B,C 
# 
loop_
_pdbx_struct_oper_list.id 
_pdbx_struct_oper_list.type 
_pdbx_struct_oper_list.name 
_pdbx_struct_oper_list.symmetry_operation 
_pdbx_struct_oper_list.matrix[1][1] 
_pdbx_struct_oper_list.matrix[1][2] 
_pdbx_struct_oper_list.matrix[1][3] 
_pdbx_struct_oper_list.vector[1] 
_pdbx_struct_oper_list.matrix[2][1] 
_pdbx_struct_oper_list.matrix[2][2] 
_pdbx_struct_oper_list.matrix[2][3] 
_pdbx_struct_oper_list.vector[2] 
_pdbx_struct_oper_list.matrix[3][1] 
_pdbx_struct_oper_list.matrix[3][2] 
_pdbx_struct_oper_list.matrix[3][3] 
_pdbx_struct_oper_list.vector[3] 
1 'identity operation'         1_555 x,y,z     1.0000000000  0.0000000000  0.0000000000  0.0000000000   0.0000000000  1.0000000000  0.0000000000 0.0000000000  0.0000000000  0.0000000000 1.0000000000 0.0000000000   
2 'crystal symmetry operation' 3_556 -x,y,-z+1 -0.8139591219 -0.1745864832 -0.5540668802 -18.6733227453 -0.1745864832 -0.8361626734 0.5199534052 25.2026673978 -0.5540668802 0.5199534052 0.6501217953 -14.2113645642 
# 
_struct_biol.id   1 
# 
loop_
_struct_conf.conf_type_id 
_struct_conf.id 
_struct_conf.pdbx_PDB_helix_id 
_struct_conf.beg_label_comp_id 
_struct_conf.beg_label_asym_id 
_struct_conf.beg_label_seq_id 
_struct_conf.pdbx_beg_PDB_ins_code 
_struct_conf.end_label_comp_id 
_struct_conf.end_label_asym_id 
_struct_conf.end_label_seq_id 
_struct_conf.pdbx_end_PDB_ins_code 
_struct_conf.beg_auth_comp_id 
_struct_conf.beg_auth_asym_id 
_struct_conf.beg_auth_seq_id 
_struct_conf.end_auth_comp_id 
_struct_conf.end_auth_asym_id 
_struct_conf.end_auth_seq_id 
_struct_conf.pdbx_PDB_helix_class 
_struct_conf.details 
_struct_conf.pdbx_PDB_helix_length 
HELX_P HELX_P1 1 ALA A 39  ? CYS A 41  ? ALA A 56  CYS A 58  5 ? 3 
HELX_P HELX_P2 2 GLN A 145 ? SER A 151 ? GLN A 165 SER A 171 1 ? 7 
HELX_P HELX_P3 3 VAL A 209 ? ASN A 211 ? VAL A 231 ASN A 233 5 ? 3 
HELX_P HELX_P4 4 VAL A 213 ? ALA A 221 ? VAL A 235 ALA A 243 1 ? 9 
# 
_struct_conf_type.id          HELX_P 
_struct_conf_type.criteria    ? 
_struct_conf_type.reference   ? 
# 
loop_
_struct_conn.id 
_struct_conn.conn_type_id 
_struct_conn.pdbx_leaving_atom_flag 
_struct_conn.pdbx_PDB_id 
_struct_conn.ptnr1_label_asym_id 
_struct_conn.ptnr1_label_comp_id 
_struct_conn.ptnr1_label_seq_id 
_struct_conn.ptnr1_label_atom_id 
_struct_conn.pdbx_ptnr1_label_alt_id 
_struct_conn.pdbx_ptnr1_PDB_ins_code 
_struct_conn.pdbx_ptnr1_standard_comp_id 
_struct_conn.ptnr1_symmetry 
_struct_conn.ptnr2_label_asym_id 
_struct_conn.ptnr2_label_comp_id 
_struct_conn.ptnr2_label_seq_id 
_struct_conn.ptnr2_label_atom_id 
_struct_conn.pdbx_ptnr2_label_alt_id 
_struct_conn.pdbx_ptnr2_PDB_ins_code 
_struct_conn.ptnr1_auth_asym_id 
_struct_conn.ptnr1_auth_comp_id 
_struct_conn.ptnr1_auth_seq_id 
_struct_conn.ptnr2_auth_asym_id 
_struct_conn.ptnr2_auth_comp_id 
_struct_conn.ptnr2_auth_seq_id 
_struct_conn.ptnr2_symmetry 
_struct_conn.pdbx_ptnr3_label_atom_id 
_struct_conn.pdbx_ptnr3_label_seq_id 
_struct_conn.pdbx_ptnr3_label_comp_id 
_struct_conn.pdbx_ptnr3_label_asym_id 
_struct_conn.pdbx_ptnr3_label_alt_id 
_struct_conn.pdbx_ptnr3_PDB_ins_code 
_struct_conn.details 
_struct_conn.pdbx_dist_value 
_struct_conn.pdbx_value_order 
_struct_conn.pdbx_role 
disulf1 disulf ? ? A CYS 7   SG ? ? ? 1_555 A CYS 137 SG ? ? A CYS 22  A CYS 157 1_555 ? ? ? ? ? ? ? 2.080 ? ? 
disulf2 disulf ? ? A CYS 25  SG ? ? ? 1_555 A CYS 41  SG ? ? A CYS 42  A CYS 58  1_555 ? ? ? ? ? ? ? 2.090 ? ? 
disulf3 disulf ? ? A CYS 109 SG ? ? ? 1_555 A CYS 210 SG ? ? A CYS 128 A CYS 232 1_555 ? ? ? ? ? ? ? 2.072 ? ? 
disulf4 disulf ? ? A CYS 116 SG ? ? ? 1_555 A CYS 183 SG ? ? A CYS 136 A CYS 201 1_555 ? ? ? ? ? ? ? 2.095 ? ? 
disulf5 disulf ? ? A CYS 148 SG ? ? ? 1_555 A CYS 162 SG ? ? A CYS 168 A CYS 182 1_555 ? ? ? ? ? ? ? 2.089 ? ? 
disulf6 disulf ? ? A CYS 173 SG ? ? ? 1_555 A CYS 197 SG ? ? A CYS 191 A CYS 220 1_555 ? ? ? ? ? ? ? 2.066 ? ? 
# 
_struct_conn_type.id          disulf 
_struct_conn_type.criteria    ? 
_struct_conn_type.reference   ? 
# 
loop_
_pdbx_modification_feature.ordinal 
_pdbx_modification_feature.label_comp_id 
_pdbx_modification_feature.label_asym_id 
_pdbx_modification_feature.label_seq_id 
_pdbx_modification_feature.label_alt_id 
_pdbx_modification_feature.modified_residue_label_comp_id 
_pdbx_modification_feature.modified_residue_label_asym_id 
_pdbx_modification_feature.modified_residue_label_seq_id 
_pdbx_modification_feature.modified_residue_label_alt_id 
_pdbx_modification_feature.auth_comp_id 
_pdbx_modification_feature.auth_asym_id 
_pdbx_modification_feature.auth_seq_id 
_pdbx_modification_feature.PDB_ins_code 
_pdbx_modification_feature.symmetry 
_pdbx_modification_feature.modified_residue_auth_comp_id 
_pdbx_modification_feature.modified_residue_auth_asym_id 
_pdbx_modification_feature.modified_residue_auth_seq_id 
_pdbx_modification_feature.modified_residue_PDB_ins_code 
_pdbx_modification_feature.modified_residue_symmetry 
_pdbx_modification_feature.comp_id_linking_atom 
_pdbx_modification_feature.modified_residue_id_linking_atom 
_pdbx_modification_feature.modified_residue_id 
_pdbx_modification_feature.ref_pcm_id 
_pdbx_modification_feature.ref_comp_id 
_pdbx_modification_feature.type 
_pdbx_modification_feature.category 
1 CYS A 7   ? CYS A 137 ? CYS A 22  ? 1_555 CYS A 157 ? 1_555 SG SG . . . None 'Disulfide bridge' 
2 CYS A 25  ? CYS A 41  ? CYS A 42  ? 1_555 CYS A 58  ? 1_555 SG SG . . . None 'Disulfide bridge' 
3 CYS A 109 ? CYS A 210 ? CYS A 128 ? 1_555 CYS A 232 ? 1_555 SG SG . . . None 'Disulfide bridge' 
4 CYS A 116 ? CYS A 183 ? CYS A 136 ? 1_555 CYS A 201 ? 1_555 SG SG . . . None 'Disulfide bridge' 
5 CYS A 148 ? CYS A 162 ? CYS A 168 ? 1_555 CYS A 182 ? 1_555 SG SG . . . None 'Disulfide bridge' 
6 CYS A 173 ? CYS A 197 ? CYS A 191 ? 1_555 CYS A 220 ? 1_555 SG SG . . . None 'Disulfide bridge' 
# 
loop_
_struct_sheet.id 
_struct_sheet.type 
_struct_sheet.number_strands 
_struct_sheet.details 
A ? 7 ? 
B ? 6 ? 
# 
loop_
_struct_sheet_order.sheet_id 
_struct_sheet_order.range_id_1 
_struct_sheet_order.range_id_2 
_struct_sheet_order.offset 
_struct_sheet_order.sense 
A 1 2 ? anti-parallel 
A 2 3 ? anti-parallel 
A 3 4 ? anti-parallel 
A 4 5 ? anti-parallel 
A 5 6 ? anti-parallel 
A 6 7 ? anti-parallel 
B 1 2 ? anti-parallel 
B 2 3 ? anti-parallel 
B 3 4 ? anti-parallel 
B 4 5 ? anti-parallel 
B 5 6 ? anti-parallel 
# 
loop_
_struct_sheet_range.sheet_id 
_struct_sheet_range.id 
_struct_sheet_range.beg_label_comp_id 
_struct_sheet_range.beg_label_asym_id 
_struct_sheet_range.beg_label_seq_id 
_struct_sheet_range.pdbx_beg_PDB_ins_code 
_struct_sheet_range.end_label_comp_id 
_struct_sheet_range.end_label_asym_id 
_struct_sheet_range.end_label_seq_id 
_struct_sheet_range.pdbx_end_PDB_ins_code 
_struct_sheet_range.beg_auth_comp_id 
_struct_sheet_range.beg_auth_asym_id 
_struct_sheet_range.beg_auth_seq_id 
_struct_sheet_range.end_auth_comp_id 
_struct_sheet_range.end_auth_asym_id 
_struct_sheet_range.end_auth_seq_id 
A 1 GLN A 63  ? ASN A 66  ? GLN A 81  ASN A 84  
A 2 GLN A 47  ? LEU A 50  ? GLN A 64  LEU A 66  
A 3 GLN A 15  ? ASN A 19  ? GLN A 30  ASN A 34  
A 4 HIS A 23  ? ASN A 31  ? HIS A 40  ASN A 48  
A 5 TRP A 34  ? SER A 37  ? TRP A 51  SER A 54  
A 6 MET A 86  ? LEU A 90  ? MET A 104 LEU A 108 
A 7 ALA A 67  ? LYS A 72  ? ALA A 85  LYS A 90  
B 1 GLN A 136 ? PRO A 141 ? GLN A 156 PRO A 161 
B 2 GLN A 115 ? GLY A 120 ? GLN A 135 GLY A 140 
B 3 PRO A 180 ? CYS A 183 ? PRO A 198 CYS A 201 
B 4 GLU A 186 ? TRP A 193 ? GLU A 204 TRP A 215 
B 5 GLY A 204 ? LYS A 208 ? GLY A 226 LYS A 230 
B 6 MET A 160 ? VAL A 163 ? MET A 180 VAL A 183 
# 
loop_
_pdbx_struct_sheet_hbond.sheet_id 
_pdbx_struct_sheet_hbond.range_id_1 
_pdbx_struct_sheet_hbond.range_id_2 
_pdbx_struct_sheet_hbond.range_1_label_atom_id 
_pdbx_struct_sheet_hbond.range_1_label_comp_id 
_pdbx_struct_sheet_hbond.range_1_label_asym_id 
_pdbx_struct_sheet_hbond.range_1_label_seq_id 
_pdbx_struct_sheet_hbond.range_1_PDB_ins_code 
_pdbx_struct_sheet_hbond.range_1_auth_atom_id 
_pdbx_struct_sheet_hbond.range_1_auth_comp_id 
_pdbx_struct_sheet_hbond.range_1_auth_asym_id 
_pdbx_struct_sheet_hbond.range_1_auth_seq_id 
_pdbx_struct_sheet_hbond.range_2_label_atom_id 
_pdbx_struct_sheet_hbond.range_2_label_comp_id 
_pdbx_struct_sheet_hbond.range_2_label_asym_id 
_pdbx_struct_sheet_hbond.range_2_label_seq_id 
_pdbx_struct_sheet_hbond.range_2_PDB_ins_code 
_pdbx_struct_sheet_hbond.range_2_auth_atom_id 
_pdbx_struct_sheet_hbond.range_2_auth_comp_id 
_pdbx_struct_sheet_hbond.range_2_auth_asym_id 
_pdbx_struct_sheet_hbond.range_2_auth_seq_id 
A 1 2 O GLN A 63  ? O GLN A 81  N LEU A 50  ? N LEU A 66  
A 2 3 O GLN A 47  ? O GLN A 64  N ASN A 19  ? N ASN A 34  
A 3 4 O VAL A 16  ? O VAL A 31  N GLY A 27  ? N GLY A 44  
A 4 5 O SER A 28  ? O SER A 45  N VAL A 36  ? N VAL A 53  
A 5 6 O VAL A 35  ? O VAL A 52  N ILE A 88  ? N ILE A 106 
A 6 7 O LEU A 87  ? O LEU A 105 N ILE A 71  ? N ILE A 89  
B 1 2 O GLN A 136 ? O GLN A 156 N GLY A 120 ? N GLY A 140 
B 2 3 O LEU A 117 ? O LEU A 137 N VAL A 182 ? N VAL A 200 
B 3 4 O VAL A 181 ? O VAL A 199 N GLY A 189 ? N GLY A 211 
B 4 5 O ILE A 190 ? O ILE A 212 N THR A 207 ? N THR A 229 
B 5 6 O GLY A 204 ? O GLY A 226 N VAL A 163 ? N VAL A 183 
# 
_struct_site.id                   AC1 
_struct_site.pdbx_evidence_code   Software 
_struct_site.pdbx_auth_asym_id    A 
_struct_site.pdbx_auth_comp_id    BEN 
_struct_site.pdbx_auth_seq_id     246 
_struct_site.pdbx_auth_ins_code   ? 
_struct_site.pdbx_num_residues    8 
_struct_site.details              'BINDING SITE FOR RESIDUE BEN A 246' 
# 
loop_
_struct_site_gen.id 
_struct_site_gen.site_id 
_struct_site_gen.pdbx_num_res 
_struct_site_gen.label_comp_id 
_struct_site_gen.label_asym_id 
_struct_site_gen.label_seq_id 
_struct_site_gen.pdbx_auth_ins_code 
_struct_site_gen.auth_comp_id 
_struct_site_gen.auth_asym_id 
_struct_site_gen.auth_seq_id 
_struct_site_gen.label_atom_id 
_struct_site_gen.label_alt_id 
_struct_site_gen.symmetry 
_struct_site_gen.details 
1 AC1 8 ASP A 171 ? ASP A 189 . ? 1_555 ? 
2 AC1 8 SER A 172 ? SER A 190 . ? 1_555 ? 
3 AC1 8 GLN A 174 ? GLN A 192 . ? 1_555 ? 
4 AC1 8 TRP A 193 ? TRP A 215 . ? 1_555 ? 
5 AC1 8 GLY A 194 ? GLY A 216 . ? 1_555 ? 
6 AC1 8 GLY A 196 ? GLY A 219 . ? 1_555 ? 
7 AC1 8 GLY A 204 ? GLY A 226 . ? 1_555 ? 
8 AC1 8 HOH C .   ? HOH A 248 . ? 1_555 ? 
# 
_pdbx_entry_details.entry_id                   1ANE 
_pdbx_entry_details.compound_details           ? 
_pdbx_entry_details.source_details             ? 
_pdbx_entry_details.nonpolymer_details         ? 
_pdbx_entry_details.sequence_details           ? 
_pdbx_entry_details.has_ligand_of_interest     ? 
_pdbx_entry_details.has_protein_modification   Y 
# 
_pdbx_validate_rmsd_bond.id                        1 
_pdbx_validate_rmsd_bond.PDB_model_num             1 
_pdbx_validate_rmsd_bond.auth_atom_id_1            NE2 
_pdbx_validate_rmsd_bond.auth_asym_id_1            A 
_pdbx_validate_rmsd_bond.auth_comp_id_1            HIS 
_pdbx_validate_rmsd_bond.auth_seq_id_1             57 
_pdbx_validate_rmsd_bond.PDB_ins_code_1            ? 
_pdbx_validate_rmsd_bond.label_alt_id_1            ? 
_pdbx_validate_rmsd_bond.auth_atom_id_2            CD2 
_pdbx_validate_rmsd_bond.auth_asym_id_2            A 
_pdbx_validate_rmsd_bond.auth_comp_id_2            HIS 
_pdbx_validate_rmsd_bond.auth_seq_id_2             57 
_pdbx_validate_rmsd_bond.PDB_ins_code_2            ? 
_pdbx_validate_rmsd_bond.label_alt_id_2            ? 
_pdbx_validate_rmsd_bond.bond_value                1.299 
_pdbx_validate_rmsd_bond.bond_target_value         1.373 
_pdbx_validate_rmsd_bond.bond_deviation            -0.074 
_pdbx_validate_rmsd_bond.bond_standard_deviation   0.011 
_pdbx_validate_rmsd_bond.linker_flag               N 
# 
loop_
_pdbx_validate_rmsd_angle.id 
_pdbx_validate_rmsd_angle.PDB_model_num 
_pdbx_validate_rmsd_angle.auth_atom_id_1 
_pdbx_validate_rmsd_angle.auth_asym_id_1 
_pdbx_validate_rmsd_angle.auth_comp_id_1 
_pdbx_validate_rmsd_angle.auth_seq_id_1 
_pdbx_validate_rmsd_angle.PDB_ins_code_1 
_pdbx_validate_rmsd_angle.label_alt_id_1 
_pdbx_validate_rmsd_angle.auth_atom_id_2 
_pdbx_validate_rmsd_angle.auth_asym_id_2 
_pdbx_validate_rmsd_angle.auth_comp_id_2 
_pdbx_validate_rmsd_angle.auth_seq_id_2 
_pdbx_validate_rmsd_angle.PDB_ins_code_2 
_pdbx_validate_rmsd_angle.label_alt_id_2 
_pdbx_validate_rmsd_angle.auth_atom_id_3 
_pdbx_validate_rmsd_angle.auth_asym_id_3 
_pdbx_validate_rmsd_angle.auth_comp_id_3 
_pdbx_validate_rmsd_angle.auth_seq_id_3 
_pdbx_validate_rmsd_angle.PDB_ins_code_3 
_pdbx_validate_rmsd_angle.label_alt_id_3 
_pdbx_validate_rmsd_angle.angle_value 
_pdbx_validate_rmsd_angle.angle_target_value 
_pdbx_validate_rmsd_angle.angle_deviation 
_pdbx_validate_rmsd_angle.angle_standard_deviation 
_pdbx_validate_rmsd_angle.linker_flag 
1  1 CD1 A TRP 51  ? ? CG  A TRP 51  ? ? CD2 A TRP 51  ? ? 112.26 106.30 5.96  0.80 N 
2  1 CE2 A TRP 51  ? ? CD2 A TRP 51  ? ? CG  A TRP 51  ? ? 101.88 107.30 -5.42 0.80 N 
3  1 CB  A TYR 59  ? ? CG  A TYR 59  ? ? CD1 A TYR 59  ? ? 117.19 121.00 -3.81 0.60 N 
4  1 NE  A ARG 62  ? ? CZ  A ARG 62  ? ? NH2 A ARG 62  ? ? 116.05 120.30 -4.25 0.50 N 
5  1 CD1 A TRP 141 ? ? CG  A TRP 141 ? ? CD2 A TRP 141 ? ? 111.21 106.30 4.91  0.80 N 
6  1 CE2 A TRP 141 ? ? CD2 A TRP 141 ? ? CG  A TRP 141 ? ? 102.40 107.30 -4.90 0.80 N 
7  1 CD1 A TRP 215 ? ? CG  A TRP 215 ? ? CD2 A TRP 215 ? ? 112.34 106.30 6.04  0.80 N 
8  1 CE2 A TRP 215 ? ? CD2 A TRP 215 ? ? CG  A TRP 215 ? ? 101.97 107.30 -5.33 0.80 N 
9  1 CD1 A TRP 237 ? ? CG  A TRP 237 ? ? CD2 A TRP 237 ? ? 112.40 106.30 6.10  0.80 N 
10 1 CE2 A TRP 237 ? ? CD2 A TRP 237 ? ? CG  A TRP 237 ? ? 101.89 107.30 -5.41 0.80 N 
# 
loop_
_pdbx_validate_torsion.id 
_pdbx_validate_torsion.PDB_model_num 
_pdbx_validate_torsion.auth_comp_id 
_pdbx_validate_torsion.auth_asym_id 
_pdbx_validate_torsion.auth_seq_id 
_pdbx_validate_torsion.PDB_ins_code 
_pdbx_validate_torsion.label_alt_id 
_pdbx_validate_torsion.phi 
_pdbx_validate_torsion.psi 
1 1 VAL A 27  ? ? -115.76 74.42   
2 1 HIS A 71  ? ? -124.18 -65.26  
3 1 ASN A 115 ? ? -162.49 -157.94 
4 1 SER A 214 ? ? -122.32 -62.49  
# 
loop_
_chem_comp_atom.comp_id 
_chem_comp_atom.atom_id 
_chem_comp_atom.type_symbol 
_chem_comp_atom.pdbx_aromatic_flag 
_chem_comp_atom.pdbx_stereo_config 
_chem_comp_atom.pdbx_ordinal 
ALA N    N N N 1   
ALA CA   C N S 2   
ALA C    C N N 3   
ALA O    O N N 4   
ALA CB   C N N 5   
ALA OXT  O N N 6   
ALA H    H N N 7   
ALA H2   H N N 8   
ALA HA   H N N 9   
ALA HB1  H N N 10  
ALA HB2  H N N 11  
ALA HB3  H N N 12  
ALA HXT  H N N 13  
ARG N    N N N 14  
ARG CA   C N S 15  
ARG C    C N N 16  
ARG O    O N N 17  
ARG CB   C N N 18  
ARG CG   C N N 19  
ARG CD   C N N 20  
ARG NE   N N N 21  
ARG CZ   C N N 22  
ARG NH1  N N N 23  
ARG NH2  N N N 24  
ARG OXT  O N N 25  
ARG H    H N N 26  
ARG H2   H N N 27  
ARG HA   H N N 28  
ARG HB2  H N N 29  
ARG HB3  H N N 30  
ARG HG2  H N N 31  
ARG HG3  H N N 32  
ARG HD2  H N N 33  
ARG HD3  H N N 34  
ARG HE   H N N 35  
ARG HH11 H N N 36  
ARG HH12 H N N 37  
ARG HH21 H N N 38  
ARG HH22 H N N 39  
ARG HXT  H N N 40  
ASN N    N N N 41  
ASN CA   C N S 42  
ASN C    C N N 43  
ASN O    O N N 44  
ASN CB   C N N 45  
ASN CG   C N N 46  
ASN OD1  O N N 47  
ASN ND2  N N N 48  
ASN OXT  O N N 49  
ASN H    H N N 50  
ASN H2   H N N 51  
ASN HA   H N N 52  
ASN HB2  H N N 53  
ASN HB3  H N N 54  
ASN HD21 H N N 55  
ASN HD22 H N N 56  
ASN HXT  H N N 57  
ASP N    N N N 58  
ASP CA   C N S 59  
ASP C    C N N 60  
ASP O    O N N 61  
ASP CB   C N N 62  
ASP CG   C N N 63  
ASP OD1  O N N 64  
ASP OD2  O N N 65  
ASP OXT  O N N 66  
ASP H    H N N 67  
ASP H2   H N N 68  
ASP HA   H N N 69  
ASP HB2  H N N 70  
ASP HB3  H N N 71  
ASP HD2  H N N 72  
ASP HXT  H N N 73  
BEN C1   C Y N 74  
BEN C2   C Y N 75  
BEN C3   C Y N 76  
BEN C4   C Y N 77  
BEN C5   C Y N 78  
BEN C6   C Y N 79  
BEN C    C N N 80  
BEN N1   N N N 81  
BEN N2   N N N 82  
BEN H2   H N N 83  
BEN H3   H N N 84  
BEN H4   H N N 85  
BEN H5   H N N 86  
BEN H6   H N N 87  
BEN HN1  H N N 88  
BEN HN21 H N N 89  
BEN HN22 H N N 90  
CYS N    N N N 91  
CYS CA   C N R 92  
CYS C    C N N 93  
CYS O    O N N 94  
CYS CB   C N N 95  
CYS SG   S N N 96  
CYS OXT  O N N 97  
CYS H    H N N 98  
CYS H2   H N N 99  
CYS HA   H N N 100 
CYS HB2  H N N 101 
CYS HB3  H N N 102 
CYS HG   H N N 103 
CYS HXT  H N N 104 
GLN N    N N N 105 
GLN CA   C N S 106 
GLN C    C N N 107 
GLN O    O N N 108 
GLN CB   C N N 109 
GLN CG   C N N 110 
GLN CD   C N N 111 
GLN OE1  O N N 112 
GLN NE2  N N N 113 
GLN OXT  O N N 114 
GLN H    H N N 115 
GLN H2   H N N 116 
GLN HA   H N N 117 
GLN HB2  H N N 118 
GLN HB3  H N N 119 
GLN HG2  H N N 120 
GLN HG3  H N N 121 
GLN HE21 H N N 122 
GLN HE22 H N N 123 
GLN HXT  H N N 124 
GLU N    N N N 125 
GLU CA   C N S 126 
GLU C    C N N 127 
GLU O    O N N 128 
GLU CB   C N N 129 
GLU CG   C N N 130 
GLU CD   C N N 131 
GLU OE1  O N N 132 
GLU OE2  O N N 133 
GLU OXT  O N N 134 
GLU H    H N N 135 
GLU H2   H N N 136 
GLU HA   H N N 137 
GLU HB2  H N N 138 
GLU HB3  H N N 139 
GLU HG2  H N N 140 
GLU HG3  H N N 141 
GLU HE2  H N N 142 
GLU HXT  H N N 143 
GLY N    N N N 144 
GLY CA   C N N 145 
GLY C    C N N 146 
GLY O    O N N 147 
GLY OXT  O N N 148 
GLY H    H N N 149 
GLY H2   H N N 150 
GLY HA2  H N N 151 
GLY HA3  H N N 152 
GLY HXT  H N N 153 
HIS N    N N N 154 
HIS CA   C N S 155 
HIS C    C N N 156 
HIS O    O N N 157 
HIS CB   C N N 158 
HIS CG   C Y N 159 
HIS ND1  N Y N 160 
HIS CD2  C Y N 161 
HIS CE1  C Y N 162 
HIS NE2  N Y N 163 
HIS OXT  O N N 164 
HIS H    H N N 165 
HIS H2   H N N 166 
HIS HA   H N N 167 
HIS HB2  H N N 168 
HIS HB3  H N N 169 
HIS HD1  H N N 170 
HIS HD2  H N N 171 
HIS HE1  H N N 172 
HIS HE2  H N N 173 
HIS HXT  H N N 174 
HOH O    O N N 175 
HOH H1   H N N 176 
HOH H2   H N N 177 
ILE N    N N N 178 
ILE CA   C N S 179 
ILE C    C N N 180 
ILE O    O N N 181 
ILE CB   C N S 182 
ILE CG1  C N N 183 
ILE CG2  C N N 184 
ILE CD1  C N N 185 
ILE OXT  O N N 186 
ILE H    H N N 187 
ILE H2   H N N 188 
ILE HA   H N N 189 
ILE HB   H N N 190 
ILE HG12 H N N 191 
ILE HG13 H N N 192 
ILE HG21 H N N 193 
ILE HG22 H N N 194 
ILE HG23 H N N 195 
ILE HD11 H N N 196 
ILE HD12 H N N 197 
ILE HD13 H N N 198 
ILE HXT  H N N 199 
LEU N    N N N 200 
LEU CA   C N S 201 
LEU C    C N N 202 
LEU O    O N N 203 
LEU CB   C N N 204 
LEU CG   C N N 205 
LEU CD1  C N N 206 
LEU CD2  C N N 207 
LEU OXT  O N N 208 
LEU H    H N N 209 
LEU H2   H N N 210 
LEU HA   H N N 211 
LEU HB2  H N N 212 
LEU HB3  H N N 213 
LEU HG   H N N 214 
LEU HD11 H N N 215 
LEU HD12 H N N 216 
LEU HD13 H N N 217 
LEU HD21 H N N 218 
LEU HD22 H N N 219 
LEU HD23 H N N 220 
LEU HXT  H N N 221 
LYS N    N N N 222 
LYS CA   C N S 223 
LYS C    C N N 224 
LYS O    O N N 225 
LYS CB   C N N 226 
LYS CG   C N N 227 
LYS CD   C N N 228 
LYS CE   C N N 229 
LYS NZ   N N N 230 
LYS OXT  O N N 231 
LYS H    H N N 232 
LYS H2   H N N 233 
LYS HA   H N N 234 
LYS HB2  H N N 235 
LYS HB3  H N N 236 
LYS HG2  H N N 237 
LYS HG3  H N N 238 
LYS HD2  H N N 239 
LYS HD3  H N N 240 
LYS HE2  H N N 241 
LYS HE3  H N N 242 
LYS HZ1  H N N 243 
LYS HZ2  H N N 244 
LYS HZ3  H N N 245 
LYS HXT  H N N 246 
MET N    N N N 247 
MET CA   C N S 248 
MET C    C N N 249 
MET O    O N N 250 
MET CB   C N N 251 
MET CG   C N N 252 
MET SD   S N N 253 
MET CE   C N N 254 
MET OXT  O N N 255 
MET H    H N N 256 
MET H2   H N N 257 
MET HA   H N N 258 
MET HB2  H N N 259 
MET HB3  H N N 260 
MET HG2  H N N 261 
MET HG3  H N N 262 
MET HE1  H N N 263 
MET HE2  H N N 264 
MET HE3  H N N 265 
MET HXT  H N N 266 
PHE N    N N N 267 
PHE CA   C N S 268 
PHE C    C N N 269 
PHE O    O N N 270 
PHE CB   C N N 271 
PHE CG   C Y N 272 
PHE CD1  C Y N 273 
PHE CD2  C Y N 274 
PHE CE1  C Y N 275 
PHE CE2  C Y N 276 
PHE CZ   C Y N 277 
PHE OXT  O N N 278 
PHE H    H N N 279 
PHE H2   H N N 280 
PHE HA   H N N 281 
PHE HB2  H N N 282 
PHE HB3  H N N 283 
PHE HD1  H N N 284 
PHE HD2  H N N 285 
PHE HE1  H N N 286 
PHE HE2  H N N 287 
PHE HZ   H N N 288 
PHE HXT  H N N 289 
PRO N    N N N 290 
PRO CA   C N S 291 
PRO C    C N N 292 
PRO O    O N N 293 
PRO CB   C N N 294 
PRO CG   C N N 295 
PRO CD   C N N 296 
PRO OXT  O N N 297 
PRO H    H N N 298 
PRO HA   H N N 299 
PRO HB2  H N N 300 
PRO HB3  H N N 301 
PRO HG2  H N N 302 
PRO HG3  H N N 303 
PRO HD2  H N N 304 
PRO HD3  H N N 305 
PRO HXT  H N N 306 
SER N    N N N 307 
SER CA   C N S 308 
SER C    C N N 309 
SER O    O N N 310 
SER CB   C N N 311 
SER OG   O N N 312 
SER OXT  O N N 313 
SER H    H N N 314 
SER H2   H N N 315 
SER HA   H N N 316 
SER HB2  H N N 317 
SER HB3  H N N 318 
SER HG   H N N 319 
SER HXT  H N N 320 
THR N    N N N 321 
THR CA   C N S 322 
THR C    C N N 323 
THR O    O N N 324 
THR CB   C N R 325 
THR OG1  O N N 326 
THR CG2  C N N 327 
THR OXT  O N N 328 
THR H    H N N 329 
THR H2   H N N 330 
THR HA   H N N 331 
THR HB   H N N 332 
THR HG1  H N N 333 
THR HG21 H N N 334 
THR HG22 H N N 335 
THR HG23 H N N 336 
THR HXT  H N N 337 
TRP N    N N N 338 
TRP CA   C N S 339 
TRP C    C N N 340 
TRP O    O N N 341 
TRP CB   C N N 342 
TRP CG   C Y N 343 
TRP CD1  C Y N 344 
TRP CD2  C Y N 345 
TRP NE1  N Y N 346 
TRP CE2  C Y N 347 
TRP CE3  C Y N 348 
TRP CZ2  C Y N 349 
TRP CZ3  C Y N 350 
TRP CH2  C Y N 351 
TRP OXT  O N N 352 
TRP H    H N N 353 
TRP H2   H N N 354 
TRP HA   H N N 355 
TRP HB2  H N N 356 
TRP HB3  H N N 357 
TRP HD1  H N N 358 
TRP HE1  H N N 359 
TRP HE3  H N N 360 
TRP HZ2  H N N 361 
TRP HZ3  H N N 362 
TRP HH2  H N N 363 
TRP HXT  H N N 364 
TYR N    N N N 365 
TYR CA   C N S 366 
TYR C    C N N 367 
TYR O    O N N 368 
TYR CB   C N N 369 
TYR CG   C Y N 370 
TYR CD1  C Y N 371 
TYR CD2  C Y N 372 
TYR CE1  C Y N 373 
TYR CE2  C Y N 374 
TYR CZ   C Y N 375 
TYR OH   O N N 376 
TYR OXT  O N N 377 
TYR H    H N N 378 
TYR H2   H N N 379 
TYR HA   H N N 380 
TYR HB2  H N N 381 
TYR HB3  H N N 382 
TYR HD1  H N N 383 
TYR HD2  H N N 384 
TYR HE1  H N N 385 
TYR HE2  H N N 386 
TYR HH   H N N 387 
TYR HXT  H N N 388 
VAL N    N N N 389 
VAL CA   C N S 390 
VAL C    C N N 391 
VAL O    O N N 392 
VAL CB   C N N 393 
VAL CG1  C N N 394 
VAL CG2  C N N 395 
VAL OXT  O N N 396 
VAL H    H N N 397 
VAL H2   H N N 398 
VAL HA   H N N 399 
VAL HB   H N N 400 
VAL HG11 H N N 401 
VAL HG12 H N N 402 
VAL HG13 H N N 403 
VAL HG21 H N N 404 
VAL HG22 H N N 405 
VAL HG23 H N N 406 
VAL HXT  H N N 407 
# 
loop_
_chem_comp_bond.comp_id 
_chem_comp_bond.atom_id_1 
_chem_comp_bond.atom_id_2 
_chem_comp_bond.value_order 
_chem_comp_bond.pdbx_aromatic_flag 
_chem_comp_bond.pdbx_stereo_config 
_chem_comp_bond.pdbx_ordinal 
ALA N   CA   sing N N 1   
ALA N   H    sing N N 2   
ALA N   H2   sing N N 3   
ALA CA  C    sing N N 4   
ALA CA  CB   sing N N 5   
ALA CA  HA   sing N N 6   
ALA C   O    doub N N 7   
ALA C   OXT  sing N N 8   
ALA CB  HB1  sing N N 9   
ALA CB  HB2  sing N N 10  
ALA CB  HB3  sing N N 11  
ALA OXT HXT  sing N N 12  
ARG N   CA   sing N N 13  
ARG N   H    sing N N 14  
ARG N   H2   sing N N 15  
ARG CA  C    sing N N 16  
ARG CA  CB   sing N N 17  
ARG CA  HA   sing N N 18  
ARG C   O    doub N N 19  
ARG C   OXT  sing N N 20  
ARG CB  CG   sing N N 21  
ARG CB  HB2  sing N N 22  
ARG CB  HB3  sing N N 23  
ARG CG  CD   sing N N 24  
ARG CG  HG2  sing N N 25  
ARG CG  HG3  sing N N 26  
ARG CD  NE   sing N N 27  
ARG CD  HD2  sing N N 28  
ARG CD  HD3  sing N N 29  
ARG NE  CZ   sing N N 30  
ARG NE  HE   sing N N 31  
ARG CZ  NH1  sing N N 32  
ARG CZ  NH2  doub N N 33  
ARG NH1 HH11 sing N N 34  
ARG NH1 HH12 sing N N 35  
ARG NH2 HH21 sing N N 36  
ARG NH2 HH22 sing N N 37  
ARG OXT HXT  sing N N 38  
ASN N   CA   sing N N 39  
ASN N   H    sing N N 40  
ASN N   H2   sing N N 41  
ASN CA  C    sing N N 42  
ASN CA  CB   sing N N 43  
ASN CA  HA   sing N N 44  
ASN C   O    doub N N 45  
ASN C   OXT  sing N N 46  
ASN CB  CG   sing N N 47  
ASN CB  HB2  sing N N 48  
ASN CB  HB3  sing N N 49  
ASN CG  OD1  doub N N 50  
ASN CG  ND2  sing N N 51  
ASN ND2 HD21 sing N N 52  
ASN ND2 HD22 sing N N 53  
ASN OXT HXT  sing N N 54  
ASP N   CA   sing N N 55  
ASP N   H    sing N N 56  
ASP N   H2   sing N N 57  
ASP CA  C    sing N N 58  
ASP CA  CB   sing N N 59  
ASP CA  HA   sing N N 60  
ASP C   O    doub N N 61  
ASP C   OXT  sing N N 62  
ASP CB  CG   sing N N 63  
ASP CB  HB2  sing N N 64  
ASP CB  HB3  sing N N 65  
ASP CG  OD1  doub N N 66  
ASP CG  OD2  sing N N 67  
ASP OD2 HD2  sing N N 68  
ASP OXT HXT  sing N N 69  
BEN C1  C2   doub Y N 70  
BEN C1  C6   sing Y N 71  
BEN C1  C    sing N N 72  
BEN C2  C3   sing Y N 73  
BEN C2  H2   sing N N 74  
BEN C3  C4   doub Y N 75  
BEN C3  H3   sing N N 76  
BEN C4  C5   sing Y N 77  
BEN C4  H4   sing N N 78  
BEN C5  C6   doub Y N 79  
BEN C5  H5   sing N N 80  
BEN C6  H6   sing N N 81  
BEN C   N1   doub N E 82  
BEN C   N2   sing N N 83  
BEN N1  HN1  sing N N 84  
BEN N2  HN21 sing N N 85  
BEN N2  HN22 sing N N 86  
CYS N   CA   sing N N 87  
CYS N   H    sing N N 88  
CYS N   H2   sing N N 89  
CYS CA  C    sing N N 90  
CYS CA  CB   sing N N 91  
CYS CA  HA   sing N N 92  
CYS C   O    doub N N 93  
CYS C   OXT  sing N N 94  
CYS CB  SG   sing N N 95  
CYS CB  HB2  sing N N 96  
CYS CB  HB3  sing N N 97  
CYS SG  HG   sing N N 98  
CYS OXT HXT  sing N N 99  
GLN N   CA   sing N N 100 
GLN N   H    sing N N 101 
GLN N   H2   sing N N 102 
GLN CA  C    sing N N 103 
GLN CA  CB   sing N N 104 
GLN CA  HA   sing N N 105 
GLN C   O    doub N N 106 
GLN C   OXT  sing N N 107 
GLN CB  CG   sing N N 108 
GLN CB  HB2  sing N N 109 
GLN CB  HB3  sing N N 110 
GLN CG  CD   sing N N 111 
GLN CG  HG2  sing N N 112 
GLN CG  HG3  sing N N 113 
GLN CD  OE1  doub N N 114 
GLN CD  NE2  sing N N 115 
GLN NE2 HE21 sing N N 116 
GLN NE2 HE22 sing N N 117 
GLN OXT HXT  sing N N 118 
GLU N   CA   sing N N 119 
GLU N   H    sing N N 120 
GLU N   H2   sing N N 121 
GLU CA  C    sing N N 122 
GLU CA  CB   sing N N 123 
GLU CA  HA   sing N N 124 
GLU C   O    doub N N 125 
GLU C   OXT  sing N N 126 
GLU CB  CG   sing N N 127 
GLU CB  HB2  sing N N 128 
GLU CB  HB3  sing N N 129 
GLU CG  CD   sing N N 130 
GLU CG  HG2  sing N N 131 
GLU CG  HG3  sing N N 132 
GLU CD  OE1  doub N N 133 
GLU CD  OE2  sing N N 134 
GLU OE2 HE2  sing N N 135 
GLU OXT HXT  sing N N 136 
GLY N   CA   sing N N 137 
GLY N   H    sing N N 138 
GLY N   H2   sing N N 139 
GLY CA  C    sing N N 140 
GLY CA  HA2  sing N N 141 
GLY CA  HA3  sing N N 142 
GLY C   O    doub N N 143 
GLY C   OXT  sing N N 144 
GLY OXT HXT  sing N N 145 
HIS N   CA   sing N N 146 
HIS N   H    sing N N 147 
HIS N   H2   sing N N 148 
HIS CA  C    sing N N 149 
HIS CA  CB   sing N N 150 
HIS CA  HA   sing N N 151 
HIS C   O    doub N N 152 
HIS C   OXT  sing N N 153 
HIS CB  CG   sing N N 154 
HIS CB  HB2  sing N N 155 
HIS CB  HB3  sing N N 156 
HIS CG  ND1  sing Y N 157 
HIS CG  CD2  doub Y N 158 
HIS ND1 CE1  doub Y N 159 
HIS ND1 HD1  sing N N 160 
HIS CD2 NE2  sing Y N 161 
HIS CD2 HD2  sing N N 162 
HIS CE1 NE2  sing Y N 163 
HIS CE1 HE1  sing N N 164 
HIS NE2 HE2  sing N N 165 
HIS OXT HXT  sing N N 166 
HOH O   H1   sing N N 167 
HOH O   H2   sing N N 168 
ILE N   CA   sing N N 169 
ILE N   H    sing N N 170 
ILE N   H2   sing N N 171 
ILE CA  C    sing N N 172 
ILE CA  CB   sing N N 173 
ILE CA  HA   sing N N 174 
ILE C   O    doub N N 175 
ILE C   OXT  sing N N 176 
ILE CB  CG1  sing N N 177 
ILE CB  CG2  sing N N 178 
ILE CB  HB   sing N N 179 
ILE CG1 CD1  sing N N 180 
ILE CG1 HG12 sing N N 181 
ILE CG1 HG13 sing N N 182 
ILE CG2 HG21 sing N N 183 
ILE CG2 HG22 sing N N 184 
ILE CG2 HG23 sing N N 185 
ILE CD1 HD11 sing N N 186 
ILE CD1 HD12 sing N N 187 
ILE CD1 HD13 sing N N 188 
ILE OXT HXT  sing N N 189 
LEU N   CA   sing N N 190 
LEU N   H    sing N N 191 
LEU N   H2   sing N N 192 
LEU CA  C    sing N N 193 
LEU CA  CB   sing N N 194 
LEU CA  HA   sing N N 195 
LEU C   O    doub N N 196 
LEU C   OXT  sing N N 197 
LEU CB  CG   sing N N 198 
LEU CB  HB2  sing N N 199 
LEU CB  HB3  sing N N 200 
LEU CG  CD1  sing N N 201 
LEU CG  CD2  sing N N 202 
LEU CG  HG   sing N N 203 
LEU CD1 HD11 sing N N 204 
LEU CD1 HD12 sing N N 205 
LEU CD1 HD13 sing N N 206 
LEU CD2 HD21 sing N N 207 
LEU CD2 HD22 sing N N 208 
LEU CD2 HD23 sing N N 209 
LEU OXT HXT  sing N N 210 
LYS N   CA   sing N N 211 
LYS N   H    sing N N 212 
LYS N   H2   sing N N 213 
LYS CA  C    sing N N 214 
LYS CA  CB   sing N N 215 
LYS CA  HA   sing N N 216 
LYS C   O    doub N N 217 
LYS C   OXT  sing N N 218 
LYS CB  CG   sing N N 219 
LYS CB  HB2  sing N N 220 
LYS CB  HB3  sing N N 221 
LYS CG  CD   sing N N 222 
LYS CG  HG2  sing N N 223 
LYS CG  HG3  sing N N 224 
LYS CD  CE   sing N N 225 
LYS CD  HD2  sing N N 226 
LYS CD  HD3  sing N N 227 
LYS CE  NZ   sing N N 228 
LYS CE  HE2  sing N N 229 
LYS CE  HE3  sing N N 230 
LYS NZ  HZ1  sing N N 231 
LYS NZ  HZ2  sing N N 232 
LYS NZ  HZ3  sing N N 233 
LYS OXT HXT  sing N N 234 
MET N   CA   sing N N 235 
MET N   H    sing N N 236 
MET N   H2   sing N N 237 
MET CA  C    sing N N 238 
MET CA  CB   sing N N 239 
MET CA  HA   sing N N 240 
MET C   O    doub N N 241 
MET C   OXT  sing N N 242 
MET CB  CG   sing N N 243 
MET CB  HB2  sing N N 244 
MET CB  HB3  sing N N 245 
MET CG  SD   sing N N 246 
MET CG  HG2  sing N N 247 
MET CG  HG3  sing N N 248 
MET SD  CE   sing N N 249 
MET CE  HE1  sing N N 250 
MET CE  HE2  sing N N 251 
MET CE  HE3  sing N N 252 
MET OXT HXT  sing N N 253 
PHE N   CA   sing N N 254 
PHE N   H    sing N N 255 
PHE N   H2   sing N N 256 
PHE CA  C    sing N N 257 
PHE CA  CB   sing N N 258 
PHE CA  HA   sing N N 259 
PHE C   O    doub N N 260 
PHE C   OXT  sing N N 261 
PHE CB  CG   sing N N 262 
PHE CB  HB2  sing N N 263 
PHE CB  HB3  sing N N 264 
PHE CG  CD1  doub Y N 265 
PHE CG  CD2  sing Y N 266 
PHE CD1 CE1  sing Y N 267 
PHE CD1 HD1  sing N N 268 
PHE CD2 CE2  doub Y N 269 
PHE CD2 HD2  sing N N 270 
PHE CE1 CZ   doub Y N 271 
PHE CE1 HE1  sing N N 272 
PHE CE2 CZ   sing Y N 273 
PHE CE2 HE2  sing N N 274 
PHE CZ  HZ   sing N N 275 
PHE OXT HXT  sing N N 276 
PRO N   CA   sing N N 277 
PRO N   CD   sing N N 278 
PRO N   H    sing N N 279 
PRO CA  C    sing N N 280 
PRO CA  CB   sing N N 281 
PRO CA  HA   sing N N 282 
PRO C   O    doub N N 283 
PRO C   OXT  sing N N 284 
PRO CB  CG   sing N N 285 
PRO CB  HB2  sing N N 286 
PRO CB  HB3  sing N N 287 
PRO CG  CD   sing N N 288 
PRO CG  HG2  sing N N 289 
PRO CG  HG3  sing N N 290 
PRO CD  HD2  sing N N 291 
PRO CD  HD3  sing N N 292 
PRO OXT HXT  sing N N 293 
SER N   CA   sing N N 294 
SER N   H    sing N N 295 
SER N   H2   sing N N 296 
SER CA  C    sing N N 297 
SER CA  CB   sing N N 298 
SER CA  HA   sing N N 299 
SER C   O    doub N N 300 
SER C   OXT  sing N N 301 
SER CB  OG   sing N N 302 
SER CB  HB2  sing N N 303 
SER CB  HB3  sing N N 304 
SER OG  HG   sing N N 305 
SER OXT HXT  sing N N 306 
THR N   CA   sing N N 307 
THR N   H    sing N N 308 
THR N   H2   sing N N 309 
THR CA  C    sing N N 310 
THR CA  CB   sing N N 311 
THR CA  HA   sing N N 312 
THR C   O    doub N N 313 
THR C   OXT  sing N N 314 
THR CB  OG1  sing N N 315 
THR CB  CG2  sing N N 316 
THR CB  HB   sing N N 317 
THR OG1 HG1  sing N N 318 
THR CG2 HG21 sing N N 319 
THR CG2 HG22 sing N N 320 
THR CG2 HG23 sing N N 321 
THR OXT HXT  sing N N 322 
TRP N   CA   sing N N 323 
TRP N   H    sing N N 324 
TRP N   H2   sing N N 325 
TRP CA  C    sing N N 326 
TRP CA  CB   sing N N 327 
TRP CA  HA   sing N N 328 
TRP C   O    doub N N 329 
TRP C   OXT  sing N N 330 
TRP CB  CG   sing N N 331 
TRP CB  HB2  sing N N 332 
TRP CB  HB3  sing N N 333 
TRP CG  CD1  doub Y N 334 
TRP CG  CD2  sing Y N 335 
TRP CD1 NE1  sing Y N 336 
TRP CD1 HD1  sing N N 337 
TRP CD2 CE2  doub Y N 338 
TRP CD2 CE3  sing Y N 339 
TRP NE1 CE2  sing Y N 340 
TRP NE1 HE1  sing N N 341 
TRP CE2 CZ2  sing Y N 342 
TRP CE3 CZ3  doub Y N 343 
TRP CE3 HE3  sing N N 344 
TRP CZ2 CH2  doub Y N 345 
TRP CZ2 HZ2  sing N N 346 
TRP CZ3 CH2  sing Y N 347 
TRP CZ3 HZ3  sing N N 348 
TRP CH2 HH2  sing N N 349 
TRP OXT HXT  sing N N 350 
TYR N   CA   sing N N 351 
TYR N   H    sing N N 352 
TYR N   H2   sing N N 353 
TYR CA  C    sing N N 354 
TYR CA  CB   sing N N 355 
TYR CA  HA   sing N N 356 
TYR C   O    doub N N 357 
TYR C   OXT  sing N N 358 
TYR CB  CG   sing N N 359 
TYR CB  HB2  sing N N 360 
TYR CB  HB3  sing N N 361 
TYR CG  CD1  doub Y N 362 
TYR CG  CD2  sing Y N 363 
TYR CD1 CE1  sing Y N 364 
TYR CD1 HD1  sing N N 365 
TYR CD2 CE2  doub Y N 366 
TYR CD2 HD2  sing N N 367 
TYR CE1 CZ   doub Y N 368 
TYR CE1 HE1  sing N N 369 
TYR CE2 CZ   sing Y N 370 
TYR CE2 HE2  sing N N 371 
TYR CZ  OH   sing N N 372 
TYR OH  HH   sing N N 373 
TYR OXT HXT  sing N N 374 
VAL N   CA   sing N N 375 
VAL N   H    sing N N 376 
VAL N   H2   sing N N 377 
VAL CA  C    sing N N 378 
VAL CA  CB   sing N N 379 
VAL CA  HA   sing N N 380 
VAL C   O    doub N N 381 
VAL C   OXT  sing N N 382 
VAL CB  CG1  sing N N 383 
VAL CB  CG2  sing N N 384 
VAL CB  HB   sing N N 385 
VAL CG1 HG11 sing N N 386 
VAL CG1 HG12 sing N N 387 
VAL CG1 HG13 sing N N 388 
VAL CG2 HG21 sing N N 389 
VAL CG2 HG22 sing N N 390 
VAL CG2 HG23 sing N N 391 
VAL OXT HXT  sing N N 392 
# 
_atom_sites.entry_id                    1ANE 
_atom_sites.fract_transf_matrix[1][1]   0.00764379 
_atom_sites.fract_transf_matrix[1][2]   0.00118477 
_atom_sites.fract_transf_matrix[1][3]   0.00219326 
_atom_sites.fract_transf_matrix[2][1]   0.00245214 
_atom_sites.fract_transf_matrix[2][2]   -0.00230116 
_atom_sites.fract_transf_matrix[2][3]   -0.00730296 
_atom_sites.fract_transf_matrix[3][1]   -0.00044842 
_atom_sites.fract_transf_matrix[3][2]   0.00761200 
_atom_sites.fract_transf_matrix[3][3]   -0.00254911 
_atom_sites.fract_transf_vector[1]      0.072022 
_atom_sites.fract_transf_vector[2]      0.348429 
_atom_sites.fract_transf_vector[3]      0.381786 
# 
loop_
_atom_type.symbol 
C 
N 
O 
S 
# 
loop_
_atom_site.group_PDB 
_atom_site.id 
_atom_site.type_symbol 
_atom_site.label_atom_id 
_atom_site.label_alt_id 
_atom_site.label_comp_id 
_atom_site.label_asym_id 
_atom_site.label_entity_id 
_atom_site.label_seq_id 
_atom_site.pdbx_PDB_ins_code 
_atom_site.Cartn_x 
_atom_site.Cartn_y 
_atom_site.Cartn_z 
_atom_site.occupancy 
_atom_site.B_iso_or_equiv 
_atom_site.pdbx_formal_charge 
_atom_site.auth_seq_id 
_atom_site.auth_comp_id 
_atom_site.auth_asym_id 
_atom_site.auth_atom_id 
_atom_site.pdbx_PDB_model_num 
ATOM   1    N N   . ILE A 1 1   ? -7.070  0.916   -8.376  1.00 4.34   ? 16  ILE A N   1 
ATOM   2    C CA  . ILE A 1 1   ? -6.560  -0.195  -9.176  1.00 3.67   ? 16  ILE A CA  1 
ATOM   3    C C   . ILE A 1 1   ? -7.240  -0.142  -10.546 1.00 7.24   ? 16  ILE A C   1 
ATOM   4    O O   . ILE A 1 1   ? -8.479  -0.261  -10.663 1.00 12.54  ? 16  ILE A O   1 
ATOM   5    C CB  . ILE A 1 1   ? -6.880  -1.548  -8.487  1.00 2.10   ? 16  ILE A CB  1 
ATOM   6    C CG1 . ILE A 1 1   ? -6.304  -1.595  -7.074  1.00 2.00   ? 16  ILE A CG1 1 
ATOM   7    C CG2 . ILE A 1 1   ? -6.354  -2.695  -9.380  1.00 2.00   ? 16  ILE A CG2 1 
ATOM   8    C CD1 . ILE A 1 1   ? -4.802  -1.760  -7.061  1.00 2.00   ? 16  ILE A CD1 1 
ATOM   9    N N   . VAL A 1 2   ? -6.462  -0.010  -11.623 1.00 8.60   ? 17  VAL A N   1 
ATOM   10   C CA  . VAL A 1 2   ? -6.931  0.073   -13.014 1.00 6.69   ? 17  VAL A CA  1 
ATOM   11   C C   . VAL A 1 2   ? -6.762  -1.335  -13.568 1.00 8.46   ? 17  VAL A C   1 
ATOM   12   O O   . VAL A 1 2   ? -5.717  -1.967  -13.334 1.00 13.87  ? 17  VAL A O   1 
ATOM   13   C CB  . VAL A 1 2   ? -6.046  1.062   -13.850 1.00 6.56   ? 17  VAL A CB  1 
ATOM   14   C CG1 . VAL A 1 2   ? -6.667  1.237   -15.215 1.00 2.00   ? 17  VAL A CG1 1 
ATOM   15   C CG2 . VAL A 1 2   ? -5.909  2.419   -13.151 1.00 5.74   ? 17  VAL A CG2 1 
ATOM   16   N N   . GLY A 1 3   ? -7.758  -1.912  -14.237 1.00 7.12   ? 18  GLY A N   1 
ATOM   17   C CA  . GLY A 1 3   ? -7.545  -3.194  -14.867 1.00 8.04   ? 18  GLY A CA  1 
ATOM   18   C C   . GLY A 1 3   ? -7.538  -4.350  -13.877 1.00 11.12  ? 18  GLY A C   1 
ATOM   19   O O   . GLY A 1 3   ? -7.163  -5.445  -14.274 1.00 13.87  ? 18  GLY A O   1 
ATOM   20   N N   . GLY A 1 4   ? -7.959  -4.202  -12.622 1.00 11.61  ? 19  GLY A N   1 
ATOM   21   C CA  . GLY A 1 4   ? -7.974  -5.282  -11.655 1.00 12.43  ? 19  GLY A CA  1 
ATOM   22   C C   . GLY A 1 4   ? -9.338  -5.980  -11.584 1.00 12.41  ? 19  GLY A C   1 
ATOM   23   O O   . GLY A 1 4   ? -10.204 -5.907  -12.473 1.00 14.63  ? 19  GLY A O   1 
ATOM   24   N N   . TYR A 1 5   ? -9.592  -6.676  -10.486 1.00 11.66  ? 20  TYR A N   1 
ATOM   25   C CA  . TYR A 1 5   ? -10.821 -7.451  -10.343 1.00 9.51   ? 20  TYR A CA  1 
ATOM   26   C C   . TYR A 1 5   ? -11.248 -7.225  -8.914  1.00 9.78   ? 20  TYR A C   1 
ATOM   27   O O   . TYR A 1 5   ? -10.383 -6.860  -8.112  1.00 13.13  ? 20  TYR A O   1 
ATOM   28   C CB  . TYR A 1 5   ? -10.493 -8.936  -10.645 1.00 7.05   ? 20  TYR A CB  1 
ATOM   29   C CG  . TYR A 1 5   ? -9.413  -9.600  -9.770  1.00 7.62   ? 20  TYR A CG  1 
ATOM   30   C CD1 . TYR A 1 5   ? -9.781  -10.225 -8.586  1.00 4.17   ? 20  TYR A CD1 1 
ATOM   31   C CD2 . TYR A 1 5   ? -8.090  -9.583  -10.169 1.00 6.64   ? 20  TYR A CD2 1 
ATOM   32   C CE1 . TYR A 1 5   ? -8.849  -10.839 -7.792  1.00 5.56   ? 20  TYR A CE1 1 
ATOM   33   C CE2 . TYR A 1 5   ? -7.146  -10.194 -9.389  1.00 7.17   ? 20  TYR A CE2 1 
ATOM   34   C CZ  . TYR A 1 5   ? -7.549  -10.809 -8.217  1.00 9.49   ? 20  TYR A CZ  1 
ATOM   35   O OH  . TYR A 1 5   ? -6.610  -11.405 -7.441  1.00 14.89  ? 20  TYR A OH  1 
ATOM   36   N N   . THR A 1 6   ? -12.497 -7.422  -8.541  1.00 8.91   ? 21  THR A N   1 
ATOM   37   C CA  . THR A 1 6   ? -12.985 -7.175  -7.191  1.00 10.14  ? 21  THR A CA  1 
ATOM   38   C C   . THR A 1 6   ? -12.468 -8.280  -6.292  1.00 12.60  ? 21  THR A C   1 
ATOM   39   O O   . THR A 1 6   ? -12.725 -9.446  -6.612  1.00 13.88  ? 21  THR A O   1 
ATOM   40   C CB  . THR A 1 6   ? -14.526 -7.176  -7.207  1.00 9.75   ? 21  THR A CB  1 
ATOM   41   O OG1 . THR A 1 6   ? -14.920 -6.112  -8.061  1.00 15.67  ? 21  THR A OG1 1 
ATOM   42   C CG2 . THR A 1 6   ? -15.166 -6.863  -5.883  1.00 12.19  ? 21  THR A CG2 1 
ATOM   43   N N   . CYS A 1 7   ? -11.756 -8.017  -5.193  1.00 11.64  ? 22  CYS A N   1 
ATOM   44   C CA  . CYS A 1 7   ? -11.287 -9.089  -4.315  1.00 13.78  ? 22  CYS A CA  1 
ATOM   45   C C   . CYS A 1 7   ? -12.439 -9.808  -3.686  1.00 15.30  ? 22  CYS A C   1 
ATOM   46   O O   . CYS A 1 7   ? -13.437 -9.148  -3.381  1.00 17.34  ? 22  CYS A O   1 
ATOM   47   C CB  . CYS A 1 7   ? -10.514 -8.618  -3.135  1.00 18.39  ? 22  CYS A CB  1 
ATOM   48   S SG  . CYS A 1 7   ? -9.282  -7.390  -3.650  1.00 39.63  ? 22  CYS A SG  1 
ATOM   49   N N   . GLN A 1 8   ? -12.342 -11.126 -3.459  1.00 15.36  ? 23  GLN A N   1 
ATOM   50   C CA  . GLN A 1 8   ? -13.346 -11.866 -2.702  1.00 15.42  ? 23  GLN A CA  1 
ATOM   51   C C   . GLN A 1 8   ? -13.439 -11.201 -1.334  1.00 18.35  ? 23  GLN A C   1 
ATOM   52   O O   . GLN A 1 8   ? -12.418 -10.728 -0.798  1.00 18.87  ? 23  GLN A O   1 
ATOM   53   C CB  . GLN A 1 8   ? -12.936 -13.312 -2.505  1.00 13.09  ? 23  GLN A CB  1 
ATOM   54   C CG  . GLN A 1 8   ? -13.137 -14.166 -3.746  1.00 16.46  ? 23  GLN A CG  1 
ATOM   55   C CD  . GLN A 1 8   ? -14.525 -13.998 -4.334  1.00 19.15  ? 23  GLN A CD  1 
ATOM   56   O OE1 . GLN A 1 8   ? -14.698 -13.742 -5.519  1.00 25.86  ? 23  GLN A OE1 1 
ATOM   57   N NE2 . GLN A 1 8   ? -15.579 -14.092 -3.536  1.00 19.70  ? 23  GLN A NE2 1 
ATOM   58   N N   . GLU A 1 9   ? -14.659 -11.122 -0.790  1.00 19.69  ? 24  GLU A N   1 
ATOM   59   C CA  . GLU A 1 9   ? -14.898 -10.403 0.433   1.00 21.83  ? 24  GLU A CA  1 
ATOM   60   C C   . GLU A 1 9   ? -14.035 -10.893 1.561   1.00 21.85  ? 24  GLU A C   1 
ATOM   61   O O   . GLU A 1 9   ? -13.962 -12.071 1.860   1.00 23.30  ? 24  GLU A O   1 
ATOM   62   C CB  . GLU A 1 9   ? -16.309 -10.535 0.859   1.00 25.35  ? 24  GLU A CB  1 
ATOM   63   C CG  . GLU A 1 9   ? -16.536 -9.423  1.848   1.00 35.24  ? 24  GLU A CG  1 
ATOM   64   C CD  . GLU A 1 9   ? -17.846 -9.447  2.610   1.00 43.08  ? 24  GLU A CD  1 
ATOM   65   O OE1 . GLU A 1 9   ? -18.767 -10.132 2.170   1.00 45.09  ? 24  GLU A OE1 1 
ATOM   66   O OE2 . GLU A 1 9   ? -17.921 -8.800  3.664   1.00 52.00  ? 24  GLU A OE2 1 
ATOM   67   N N   . ASN A 1 10  ? -13.318 -9.917  2.101   1.00 22.35  ? 25  ASN A N   1 
ATOM   68   C CA  . ASN A 1 10  ? -12.392 -10.072 3.198   1.00 24.01  ? 25  ASN A CA  1 
ATOM   69   C C   . ASN A 1 10  ? -11.293 -11.111 2.944   1.00 23.93  ? 25  ASN A C   1 
ATOM   70   O O   . ASN A 1 10  ? -10.736 -11.682 3.895   1.00 26.59  ? 25  ASN A O   1 
ATOM   71   C CB  . ASN A 1 10  ? -13.206 -10.386 4.475   1.00 27.42  ? 25  ASN A CB  1 
ATOM   72   C CG  . ASN A 1 10  ? -14.216 -9.294  4.851   1.00 32.52  ? 25  ASN A CG  1 
ATOM   73   O OD1 . ASN A 1 10  ? -13.905 -8.116  5.064   1.00 36.56  ? 25  ASN A OD1 1 
ATOM   74   N ND2 . ASN A 1 10  ? -15.499 -9.595  4.871   1.00 36.11  ? 25  ASN A ND2 1 
ATOM   75   N N   . SER A 1 11  ? -10.922 -11.328 1.671   1.00 19.97  ? 26  SER A N   1 
ATOM   76   C CA  . SER A 1 11  ? -9.816  -12.205 1.318   1.00 18.25  ? 26  SER A CA  1 
ATOM   77   C C   . SER A 1 11  ? -8.491  -11.471 1.447   1.00 16.39  ? 26  SER A C   1 
ATOM   78   O O   . SER A 1 11  ? -7.436  -12.088 1.302   1.00 17.73  ? 26  SER A O   1 
ATOM   79   C CB  . SER A 1 11  ? -9.901  -12.711 -0.131  1.00 19.44  ? 26  SER A CB  1 
ATOM   80   O OG  . SER A 1 11  ? -9.911  -11.713 -1.156  1.00 23.44  ? 26  SER A OG  1 
ATOM   81   N N   . VAL A 1 12  ? -8.439  -10.145 1.634   1.00 14.72  ? 27  VAL A N   1 
ATOM   82   C CA  . VAL A 1 12  ? -7.201  -9.400  1.812   1.00 8.30   ? 27  VAL A CA  1 
ATOM   83   C C   . VAL A 1 12  ? -7.323  -8.853  3.242   1.00 9.89   ? 27  VAL A C   1 
ATOM   84   O O   . VAL A 1 12  ? -7.495  -7.645  3.462   1.00 12.20  ? 27  VAL A O   1 
ATOM   85   C CB  . VAL A 1 12  ? -7.131  -8.284  0.740   1.00 3.43   ? 27  VAL A CB  1 
ATOM   86   C CG1 . VAL A 1 12  ? -5.761  -7.679  0.836   1.00 4.14   ? 27  VAL A CG1 1 
ATOM   87   C CG2 . VAL A 1 12  ? -7.344  -8.800  -0.686  1.00 2.00   ? 27  VAL A CG2 1 
ATOM   88   N N   . PRO A 1 13  ? -7.158  -9.672  4.289   1.00 9.38   ? 28  PRO A N   1 
ATOM   89   C CA  . PRO A 1 13  ? -7.611  -9.230  5.612   1.00 7.12   ? 28  PRO A CA  1 
ATOM   90   C C   . PRO A 1 13  ? -6.738  -8.219  6.332   1.00 8.61   ? 28  PRO A C   1 
ATOM   91   O O   . PRO A 1 13  ? -7.125  -7.563  7.296   1.00 12.69  ? 28  PRO A O   1 
ATOM   92   C CB  . PRO A 1 13  ? -7.790  -10.519 6.344   1.00 6.52   ? 28  PRO A CB  1 
ATOM   93   C CG  . PRO A 1 13  ? -6.724  -11.417 5.796   1.00 7.27   ? 28  PRO A CG  1 
ATOM   94   C CD  . PRO A 1 13  ? -6.668  -11.047 4.333   1.00 3.10   ? 28  PRO A CD  1 
ATOM   95   N N   . TYR A 1 14  ? -5.549  -7.987  5.829   1.00 8.85   ? 29  TYR A N   1 
ATOM   96   C CA  . TYR A 1 14  ? -4.614  -7.017  6.352   1.00 6.46   ? 29  TYR A CA  1 
ATOM   97   C C   . TYR A 1 14  ? -4.769  -5.658  5.716   1.00 8.46   ? 29  TYR A C   1 
ATOM   98   O O   . TYR A 1 14  ? -4.040  -4.745  6.072   1.00 12.70  ? 29  TYR A O   1 
ATOM   99   C CB  . TYR A 1 14  ? -3.185  -7.470  6.120   1.00 5.41   ? 29  TYR A CB  1 
ATOM   100  C CG  . TYR A 1 14  ? -2.918  -7.903  4.682   1.00 7.25   ? 29  TYR A CG  1 
ATOM   101  C CD1 . TYR A 1 14  ? -2.549  -6.966  3.736   1.00 3.75   ? 29  TYR A CD1 1 
ATOM   102  C CD2 . TYR A 1 14  ? -3.107  -9.214  4.295   1.00 5.96   ? 29  TYR A CD2 1 
ATOM   103  C CE1 . TYR A 1 14  ? -2.391  -7.322  2.428   1.00 3.62   ? 29  TYR A CE1 1 
ATOM   104  C CE2 . TYR A 1 14  ? -2.943  -9.571  2.964   1.00 3.12   ? 29  TYR A CE2 1 
ATOM   105  C CZ  . TYR A 1 14  ? -2.596  -8.620  2.048   1.00 2.50   ? 29  TYR A CZ  1 
ATOM   106  O OH  . TYR A 1 14  ? -2.521  -8.923  0.708   1.00 9.58   ? 29  TYR A OH  1 
ATOM   107  N N   . GLN A 1 15  ? -5.650  -5.469  4.753   1.00 8.08   ? 30  GLN A N   1 
ATOM   108  C CA  . GLN A 1 15  ? -5.784  -4.210  4.040   1.00 6.27   ? 30  GLN A CA  1 
ATOM   109  C C   . GLN A 1 15  ? -6.522  -3.214  4.893   1.00 7.69   ? 30  GLN A C   1 
ATOM   110  O O   . GLN A 1 15  ? -7.602  -3.600  5.346   1.00 10.19  ? 30  GLN A O   1 
ATOM   111  C CB  . GLN A 1 15  ? -6.599  -4.437  2.782   1.00 4.36   ? 30  GLN A CB  1 
ATOM   112  C CG  . GLN A 1 15  ? -7.050  -3.154  2.066   1.00 2.81   ? 30  GLN A CG  1 
ATOM   113  C CD  . GLN A 1 15  ? -5.976  -2.529  1.220   1.00 3.93   ? 30  GLN A CD  1 
ATOM   114  O OE1 . GLN A 1 15  ? -5.706  -1.342  1.278   1.00 17.43  ? 30  GLN A OE1 1 
ATOM   115  N NE2 . GLN A 1 15  ? -5.265  -3.199  0.356   1.00 2.85   ? 30  GLN A NE2 1 
ATOM   116  N N   . VAL A 1 16  ? -6.093  -1.977  5.113   1.00 8.95   ? 31  VAL A N   1 
ATOM   117  C CA  . VAL A 1 16  ? -6.916  -1.041  5.863   1.00 6.65   ? 31  VAL A CA  1 
ATOM   118  C C   . VAL A 1 16  ? -7.137  0.179   4.975   1.00 8.61   ? 31  VAL A C   1 
ATOM   119  O O   . VAL A 1 16  ? -6.389  0.402   4.014   1.00 10.84  ? 31  VAL A O   1 
ATOM   120  C CB  . VAL A 1 16  ? -6.224  -0.633  7.235   1.00 8.60   ? 31  VAL A CB  1 
ATOM   121  C CG1 . VAL A 1 16  ? -5.797  -1.877  7.980   1.00 5.44   ? 31  VAL A CG1 1 
ATOM   122  C CG2 . VAL A 1 16  ? -4.999  0.209   7.043   1.00 6.41   ? 31  VAL A CG2 1 
ATOM   123  N N   . SER A 1 17  ? -8.167  0.979   5.229   1.00 8.16   ? 32  SER A N   1 
ATOM   124  C CA  . SER A 1 17  ? -8.484  2.208   4.519   1.00 4.41   ? 32  SER A CA  1 
ATOM   125  C C   . SER A 1 17  ? -8.109  3.347   5.456   1.00 6.50   ? 32  SER A C   1 
ATOM   126  O O   . SER A 1 17  ? -8.484  3.269   6.628   1.00 8.50   ? 32  SER A O   1 
ATOM   127  C CB  . SER A 1 17  ? -9.969  2.237   4.254   1.00 5.65   ? 32  SER A CB  1 
ATOM   128  O OG  . SER A 1 17  ? -10.400 3.527   3.803   1.00 14.79  ? 32  SER A OG  1 
ATOM   129  N N   . LEU A 1 18  ? -7.386  4.400   5.083   1.00 8.08   ? 33  LEU A N   1 
ATOM   130  C CA  . LEU A 1 18  ? -7.099  5.493   5.999   1.00 9.10   ? 33  LEU A CA  1 
ATOM   131  C C   . LEU A 1 18  ? -8.145  6.533   5.646   1.00 10.48  ? 33  LEU A C   1 
ATOM   132  O O   . LEU A 1 18  ? -8.261  6.925   4.468   1.00 12.27  ? 33  LEU A O   1 
ATOM   133  C CB  . LEU A 1 18  ? -5.685  6.060   5.775   1.00 7.63   ? 33  LEU A CB  1 
ATOM   134  C CG  . LEU A 1 18  ? -4.480  5.151   5.932   1.00 5.65   ? 33  LEU A CG  1 
ATOM   135  C CD1 . LEU A 1 18  ? -3.218  5.979   5.781   1.00 8.58   ? 33  LEU A CD1 1 
ATOM   136  C CD2 . LEU A 1 18  ? -4.505  4.472   7.279   1.00 5.25   ? 33  LEU A CD2 1 
ATOM   137  N N   . ASN A 1 19  ? -8.916  6.990   6.618   1.00 10.40  ? 34  ASN A N   1 
ATOM   138  C CA  . ASN A 1 19  ? -10.044 7.867   6.355   1.00 12.19  ? 34  ASN A CA  1 
ATOM   139  C C   . ASN A 1 19  ? -9.945  9.203   7.094   1.00 15.83  ? 34  ASN A C   1 
ATOM   140  O O   . ASN A 1 19  ? -9.604  9.226   8.285   1.00 15.92  ? 34  ASN A O   1 
ATOM   141  C CB  . ASN A 1 19  ? -11.267 7.086   6.776   1.00 11.11  ? 34  ASN A CB  1 
ATOM   142  C CG  . ASN A 1 19  ? -12.629 7.670   6.453   1.00 14.64  ? 34  ASN A CG  1 
ATOM   143  O OD1 . ASN A 1 19  ? -13.351 7.287   5.530   1.00 17.75  ? 34  ASN A OD1 1 
ATOM   144  N ND2 . ASN A 1 19  ? -13.141 8.557   7.277   1.00 13.39  ? 34  ASN A ND2 1 
ATOM   145  N N   . SER A 1 20  ? -10.230 10.342  6.468   1.00 17.21  ? 37  SER A N   1 
ATOM   146  C CA  . SER A 1 20  ? -10.305 11.647  7.130   1.00 20.04  ? 37  SER A CA  1 
ATOM   147  C C   . SER A 1 20  ? -11.714 12.081  6.828   1.00 20.24  ? 37  SER A C   1 
ATOM   148  O O   . SER A 1 20  ? -11.879 13.098  6.189   1.00 24.67  ? 37  SER A O   1 
ATOM   149  C CB  . SER A 1 20  ? -9.371  12.658  6.501   1.00 19.92  ? 37  SER A CB  1 
ATOM   150  O OG  . SER A 1 20  ? -8.024  12.396  6.782   1.00 33.23  ? 37  SER A OG  1 
ATOM   151  N N   . GLY A 1 21  ? -12.797 11.392  7.138   1.00 19.62  ? 38  GLY A N   1 
ATOM   152  C CA  . GLY A 1 21  ? -14.074 11.838  6.622   1.00 21.70  ? 38  GLY A CA  1 
ATOM   153  C C   . GLY A 1 21  ? -14.261 11.266  5.217   1.00 24.37  ? 38  GLY A C   1 
ATOM   154  O O   . GLY A 1 21  ? -15.375 11.229  4.721   1.00 29.12  ? 38  GLY A O   1 
ATOM   155  N N   . TYR A 1 22  ? -13.233 10.789  4.518   1.00 24.26  ? 39  TYR A N   1 
ATOM   156  C CA  . TYR A 1 22  ? -13.314 10.065  3.233   1.00 18.92  ? 39  TYR A CA  1 
ATOM   157  C C   . TYR A 1 22  ? -12.068 9.193   3.165   1.00 14.20  ? 39  TYR A C   1 
ATOM   158  O O   . TYR A 1 22  ? -11.095 9.482   3.873   1.00 12.70  ? 39  TYR A O   1 
ATOM   159  C CB  . TYR A 1 22  ? -13.295 10.988  2.005   1.00 16.78  ? 39  TYR A CB  1 
ATOM   160  C CG  . TYR A 1 22  ? -12.235 12.065  2.053   1.00 18.16  ? 39  TYR A CG  1 
ATOM   161  C CD1 . TYR A 1 22  ? -12.489 13.197  2.800   1.00 22.34  ? 39  TYR A CD1 1 
ATOM   162  C CD2 . TYR A 1 22  ? -11.034 11.891  1.417   1.00 19.08  ? 39  TYR A CD2 1 
ATOM   163  C CE1 . TYR A 1 22  ? -11.542 14.188  2.925   1.00 23.26  ? 39  TYR A CE1 1 
ATOM   164  C CE2 . TYR A 1 22  ? -10.078 12.876  1.532   1.00 21.62  ? 39  TYR A CE2 1 
ATOM   165  C CZ  . TYR A 1 22  ? -10.342 14.005  2.290   1.00 25.13  ? 39  TYR A CZ  1 
ATOM   166  O OH  . TYR A 1 22  ? -9.370  14.980  2.413   1.00 31.01  ? 39  TYR A OH  1 
ATOM   167  N N   . HIS A 1 23  ? -12.092 8.132   2.381   1.00 11.72  ? 40  HIS A N   1 
ATOM   168  C CA  . HIS A 1 23  ? -10.966 7.247   2.206   1.00 9.71   ? 40  HIS A CA  1 
ATOM   169  C C   . HIS A 1 23  ? -9.966  8.072   1.431   1.00 11.30  ? 40  HIS A C   1 
ATOM   170  O O   . HIS A 1 23  ? -10.343 8.621   0.394   1.00 16.70  ? 40  HIS A O   1 
ATOM   171  C CB  . HIS A 1 23  ? -11.385 6.000   1.384   1.00 6.43   ? 40  HIS A CB  1 
ATOM   172  C CG  . HIS A 1 23  ? -10.223 5.284   0.683   1.00 8.29   ? 40  HIS A CG  1 
ATOM   173  N ND1 . HIS A 1 23  ? -9.710  5.512   -0.549  1.00 15.11  ? 40  HIS A ND1 1 
ATOM   174  C CD2 . HIS A 1 23  ? -9.432  4.335   1.266   1.00 2.00   ? 40  HIS A CD2 1 
ATOM   175  C CE1 . HIS A 1 23  ? -8.647  4.759   -0.719  1.00 5.86   ? 40  HIS A CE1 1 
ATOM   176  N NE2 . HIS A 1 23  ? -8.501  4.065   0.377   1.00 10.91  ? 40  HIS A NE2 1 
ATOM   177  N N   . PHE A 1 24  ? -8.706  8.215   1.831   1.00 12.00  ? 41  PHE A N   1 
ATOM   178  C CA  . PHE A 1 24  ? -7.729  8.906   1.005   1.00 9.26   ? 41  PHE A CA  1 
ATOM   179  C C   . PHE A 1 24  ? -6.498  8.029   0.769   1.00 10.54  ? 41  PHE A C   1 
ATOM   180  O O   . PHE A 1 24  ? -5.706  8.396   -0.083  1.00 14.63  ? 41  PHE A O   1 
ATOM   181  C CB  . PHE A 1 24  ? -7.338  10.253  1.686   1.00 6.43   ? 41  PHE A CB  1 
ATOM   182  C CG  . PHE A 1 24  ? -6.665  10.085  3.043   1.00 5.59   ? 41  PHE A CG  1 
ATOM   183  C CD1 . PHE A 1 24  ? -7.419  9.981   4.194   1.00 5.48   ? 41  PHE A CD1 1 
ATOM   184  C CD2 . PHE A 1 24  ? -5.300  10.033  3.128   1.00 4.65   ? 41  PHE A CD2 1 
ATOM   185  C CE1 . PHE A 1 24  ? -6.795  9.849   5.408   1.00 4.21   ? 41  PHE A CE1 1 
ATOM   186  C CE2 . PHE A 1 24  ? -4.687  9.894   4.358   1.00 7.34   ? 41  PHE A CE2 1 
ATOM   187  C CZ  . PHE A 1 24  ? -5.428  9.786   5.503   1.00 2.00   ? 41  PHE A CZ  1 
ATOM   188  N N   . CYS A 1 25  ? -6.234  6.897   1.422   1.00 9.79   ? 42  CYS A N   1 
ATOM   189  C CA  . CYS A 1 25  ? -5.040  6.093   1.180   1.00 13.76  ? 42  CYS A CA  1 
ATOM   190  C C   . CYS A 1 25  ? -5.276  4.716   1.708   1.00 13.30  ? 42  CYS A C   1 
ATOM   191  O O   . CYS A 1 25  ? -6.274  4.596   2.419   1.00 17.03  ? 42  CYS A O   1 
ATOM   192  C CB  . CYS A 1 25  ? -3.874  6.618   1.935   1.00 22.88  ? 42  CYS A CB  1 
ATOM   193  S SG  . CYS A 1 25  ? -2.928  7.871   1.039   1.00 47.73  ? 42  CYS A SG  1 
ATOM   194  N N   . GLY A 1 26  ? -4.476  3.682   1.450   1.00 9.97   ? 43  GLY A N   1 
ATOM   195  C CA  . GLY A 1 26  ? -4.680  2.398   2.093   1.00 6.87   ? 43  GLY A CA  1 
ATOM   196  C C   . GLY A 1 26  ? -3.496  2.134   3.021   1.00 8.45   ? 43  GLY A C   1 
ATOM   197  O O   . GLY A 1 26  ? -2.618  2.987   3.235   1.00 9.56   ? 43  GLY A O   1 
ATOM   198  N N   . GLY A 1 27  ? -3.412  0.957   3.604   1.00 9.73   ? 44  GLY A N   1 
ATOM   199  C CA  . GLY A 1 27  ? -2.229  0.566   4.381   1.00 10.32  ? 44  GLY A CA  1 
ATOM   200  C C   . GLY A 1 27  ? -2.293  -0.914  4.692   1.00 10.36  ? 44  GLY A C   1 
ATOM   201  O O   . GLY A 1 27  ? -3.244  -1.563  4.249   1.00 14.76  ? 44  GLY A O   1 
ATOM   202  N N   . SER A 1 28  ? -1.363  -1.458  5.462   1.00 11.57  ? 45  SER A N   1 
ATOM   203  C CA  . SER A 1 28  ? -1.315  -2.865  5.852   1.00 11.23  ? 45  SER A CA  1 
ATOM   204  C C   . SER A 1 28  ? -1.210  -3.002  7.365   1.00 11.60  ? 45  SER A C   1 
ATOM   205  O O   . SER A 1 28  ? -0.426  -2.275  7.997   1.00 11.57  ? 45  SER A O   1 
ATOM   206  C CB  . SER A 1 28  ? -0.101  -3.546  5.310   1.00 10.25  ? 45  SER A CB  1 
ATOM   207  O OG  . SER A 1 28  ? -0.039  -3.167  3.977   1.00 13.53  ? 45  SER A OG  1 
ATOM   208  N N   . LEU A 1 29  ? -1.963  -3.922  7.968   1.00 10.87  ? 46  LEU A N   1 
ATOM   209  C CA  . LEU A 1 29  ? -1.932  -4.143  9.386   1.00 9.97   ? 46  LEU A CA  1 
ATOM   210  C C   . LEU A 1 29  ? -0.755  -5.094  9.598   1.00 14.16  ? 46  LEU A C   1 
ATOM   211  O O   . LEU A 1 29  ? -0.735  -6.176  8.999   1.00 16.41  ? 46  LEU A O   1 
ATOM   212  C CB  . LEU A 1 29  ? -3.252  -4.775  9.841   1.00 4.72   ? 46  LEU A CB  1 
ATOM   213  C CG  . LEU A 1 29  ? -3.323  -5.021  11.347  1.00 3.48   ? 46  LEU A CG  1 
ATOM   214  C CD1 . LEU A 1 29  ? -3.419  -3.705  12.071  1.00 3.80   ? 46  LEU A CD1 1 
ATOM   215  C CD2 . LEU A 1 29  ? -4.510  -5.886  11.676  1.00 4.30   ? 46  LEU A CD2 1 
ATOM   216  N N   . ILE A 1 30  ? 0.288   -4.747  10.368  1.00 15.56  ? 47  ILE A N   1 
ATOM   217  C CA  . ILE A 1 30  ? 1.405   -5.660  10.565  1.00 14.84  ? 47  ILE A CA  1 
ATOM   218  C C   . ILE A 1 30  ? 1.416   -6.283  11.967  1.00 18.14  ? 47  ILE A C   1 
ATOM   219  O O   . ILE A 1 30  ? 2.215   -7.177  12.252  1.00 20.33  ? 47  ILE A O   1 
ATOM   220  C CB  . ILE A 1 30  ? 2.735   -4.910  10.252  1.00 12.88  ? 47  ILE A CB  1 
ATOM   221  C CG1 . ILE A 1 30  ? 2.878   -3.577  11.027  1.00 15.93  ? 47  ILE A CG1 1 
ATOM   222  C CG2 . ILE A 1 30  ? 2.770   -4.750  8.736   1.00 6.08   ? 47  ILE A CG2 1 
ATOM   223  C CD1 . ILE A 1 30  ? 4.256   -2.856  10.941  1.00 12.42  ? 47  ILE A CD1 1 
ATOM   224  N N   . ASN A 1 31  ? 0.612   -5.842  12.923  1.00 18.86  ? 48  ASN A N   1 
ATOM   225  C CA  . ASN A 1 31  ? 0.426   -6.525  14.195  1.00 21.25  ? 48  ASN A CA  1 
ATOM   226  C C   . ASN A 1 31  ? -0.842  -5.936  14.771  1.00 21.91  ? 48  ASN A C   1 
ATOM   227  O O   . ASN A 1 31  ? -1.417  -5.061  14.102  1.00 25.12  ? 48  ASN A O   1 
ATOM   228  C CB  . ASN A 1 31  ? 1.628   -6.335  15.138  1.00 23.54  ? 48  ASN A CB  1 
ATOM   229  C CG  . ASN A 1 31  ? 1.932   -4.980  15.744  1.00 30.11  ? 48  ASN A CG  1 
ATOM   230  O OD1 . ASN A 1 31  ? 1.126   -4.377  16.452  1.00 34.85  ? 48  ASN A OD1 1 
ATOM   231  N ND2 . ASN A 1 31  ? 3.135   -4.458  15.522  1.00 33.27  ? 48  ASN A ND2 1 
ATOM   232  N N   . ASP A 1 32  ? -1.370  -6.294  15.942  1.00 22.31  ? 49  ASP A N   1 
ATOM   233  C CA  . ASP A 1 32  ? -2.689  -5.788  16.317  1.00 23.16  ? 49  ASP A CA  1 
ATOM   234  C C   . ASP A 1 32  ? -2.726  -4.313  16.708  1.00 21.50  ? 49  ASP A C   1 
ATOM   235  O O   . ASP A 1 32  ? -3.800  -3.746  16.959  1.00 22.94  ? 49  ASP A O   1 
ATOM   236  C CB  . ASP A 1 32  ? -3.284  -6.636  17.453  1.00 26.37  ? 49  ASP A CB  1 
ATOM   237  C CG  . ASP A 1 32  ? -2.652  -6.550  18.838  1.00 32.67  ? 49  ASP A CG  1 
ATOM   238  O OD1 . ASP A 1 32  ? -1.511  -6.083  18.971  1.00 36.42  ? 49  ASP A OD1 1 
ATOM   239  O OD2 . ASP A 1 32  ? -3.310  -6.989  19.786  1.00 37.60  ? 49  ASP A OD2 1 
ATOM   240  N N   . GLN A 1 33  ? -1.590  -3.616  16.678  1.00 17.97  ? 50  GLN A N   1 
ATOM   241  C CA  . GLN A 1 33  ? -1.612  -2.195  16.958  1.00 16.73  ? 50  GLN A CA  1 
ATOM   242  C C   . GLN A 1 33  ? -0.883  -1.323  15.982  1.00 12.92  ? 50  GLN A C   1 
ATOM   243  O O   . GLN A 1 33  ? -0.815  -0.124  16.208  1.00 16.88  ? 50  GLN A O   1 
ATOM   244  C CB  . GLN A 1 33  ? -1.034  -1.925  18.325  1.00 17.08  ? 50  GLN A CB  1 
ATOM   245  C CG  . GLN A 1 33  ? -1.971  -0.940  18.967  1.00 22.66  ? 50  GLN A CG  1 
ATOM   246  C CD  . GLN A 1 33  ? -1.644  -0.641  20.411  1.00 28.48  ? 50  GLN A CD  1 
ATOM   247  O OE1 . GLN A 1 33  ? -2.009  0.411   20.943  1.00 31.27  ? 50  GLN A OE1 1 
ATOM   248  N NE2 . GLN A 1 33  ? -0.975  -1.538  21.131  1.00 29.01  ? 50  GLN A NE2 1 
ATOM   249  N N   . TRP A 1 34  ? -0.318  -1.788  14.896  1.00 13.49  ? 51  TRP A N   1 
ATOM   250  C CA  . TRP A 1 34  ? 0.474   -0.925  14.035  1.00 12.04  ? 51  TRP A CA  1 
ATOM   251  C C   . TRP A 1 34  ? 0.140   -1.166  12.582  1.00 13.95  ? 51  TRP A C   1 
ATOM   252  O O   . TRP A 1 34  ? -0.044  -2.313  12.158  1.00 17.02  ? 51  TRP A O   1 
ATOM   253  C CB  . TRP A 1 34  ? 1.949   -1.192  14.271  1.00 9.12   ? 51  TRP A CB  1 
ATOM   254  C CG  . TRP A 1 34  ? 2.507   -0.619  15.577  1.00 10.15  ? 51  TRP A CG  1 
ATOM   255  C CD1 . TRP A 1 34  ? 2.461   -1.317  16.771  1.00 8.05   ? 51  TRP A CD1 1 
ATOM   256  C CD2 . TRP A 1 34  ? 3.166   0.588   15.701  1.00 8.32   ? 51  TRP A CD2 1 
ATOM   257  N NE1 . TRP A 1 34  ? 3.101   -0.568  17.637  1.00 11.40  ? 51  TRP A NE1 1 
ATOM   258  C CE2 . TRP A 1 34  ? 3.543   0.572   17.033  1.00 10.19  ? 51  TRP A CE2 1 
ATOM   259  C CE3 . TRP A 1 34  ? 3.503   1.660   14.897  1.00 10.75  ? 51  TRP A CE3 1 
ATOM   260  C CZ2 . TRP A 1 34  ? 4.265   1.630   17.548  1.00 9.65   ? 51  TRP A CZ2 1 
ATOM   261  C CZ3 . TRP A 1 34  ? 4.224   2.733   15.416  1.00 8.87   ? 51  TRP A CZ3 1 
ATOM   262  C CH2 . TRP A 1 34  ? 4.601   2.700   16.740  1.00 9.74   ? 51  TRP A CH2 1 
ATOM   263  N N   . VAL A 1 35  ? 0.112   -0.083  11.811  1.00 13.08  ? 52  VAL A N   1 
ATOM   264  C CA  . VAL A 1 35  ? -0.206  -0.064  10.393  1.00 10.20  ? 52  VAL A CA  1 
ATOM   265  C C   . VAL A 1 35  ? 0.984   0.589   9.685   1.00 10.99  ? 52  VAL A C   1 
ATOM   266  O O   . VAL A 1 35  ? 1.602   1.526   10.202  1.00 11.74  ? 52  VAL A O   1 
ATOM   267  C CB  . VAL A 1 35  ? -1.543  0.759   10.198  1.00 7.80   ? 52  VAL A CB  1 
ATOM   268  C CG1 . VAL A 1 35  ? -1.786  1.165   8.766   1.00 2.26   ? 52  VAL A CG1 1 
ATOM   269  C CG2 . VAL A 1 35  ? -2.719  -0.112  10.585  1.00 2.78   ? 52  VAL A CG2 1 
ATOM   270  N N   . VAL A 1 36  ? 1.377   0.089   8.517   1.00 11.23  ? 53  VAL A N   1 
ATOM   271  C CA  . VAL A 1 36  ? 2.413   0.714   7.712   1.00 11.68  ? 53  VAL A CA  1 
ATOM   272  C C   . VAL A 1 36  ? 1.718   1.357   6.484   1.00 12.53  ? 53  VAL A C   1 
ATOM   273  O O   . VAL A 1 36  ? 0.827   0.745   5.877   1.00 11.36  ? 53  VAL A O   1 
ATOM   274  C CB  . VAL A 1 36  ? 3.485   -0.389  7.350   1.00 12.07  ? 53  VAL A CB  1 
ATOM   275  C CG1 . VAL A 1 36  ? 2.920   -1.559  6.638   1.00 14.40  ? 53  VAL A CG1 1 
ATOM   276  C CG2 . VAL A 1 36  ? 4.442   0.160   6.326   1.00 14.63  ? 53  VAL A CG2 1 
ATOM   277  N N   . SER A 1 37  ? 2.008   2.619   6.134   1.00 10.47  ? 54  SER A N   1 
ATOM   278  C CA  . SER A 1 37  ? 1.416   3.234   4.986   1.00 5.94   ? 54  SER A CA  1 
ATOM   279  C C   . SER A 1 37  ? 2.470   4.070   4.273   1.00 7.23   ? 54  SER A C   1 
ATOM   280  O O   . SER A 1 37  ? 3.662   3.819   4.475   1.00 7.87   ? 54  SER A O   1 
ATOM   281  C CB  . SER A 1 37  ? 0.261   4.029   5.480   1.00 4.61   ? 54  SER A CB  1 
ATOM   282  O OG  . SER A 1 37  ? -0.449  4.549   4.358   1.00 11.31  ? 54  SER A OG  1 
ATOM   283  N N   . ALA A 1 38  ? 2.141   5.035   3.424   1.00 5.30   ? 55  ALA A N   1 
ATOM   284  C CA  . ALA A 1 38  ? 3.130   5.774   2.650   1.00 6.05   ? 55  ALA A CA  1 
ATOM   285  C C   . ALA A 1 38  ? 3.267   7.062   3.395   1.00 8.55   ? 55  ALA A C   1 
ATOM   286  O O   . ALA A 1 38  ? 2.253   7.558   3.913   1.00 12.10  ? 55  ALA A O   1 
ATOM   287  C CB  . ALA A 1 38  ? 2.640   6.116   1.240   1.00 3.05   ? 55  ALA A CB  1 
ATOM   288  N N   . ALA A 1 39  ? 4.460   7.655   3.454   1.00 11.05  ? 56  ALA A N   1 
ATOM   289  C CA  . ALA A 1 39  ? 4.682   8.877   4.229   1.00 9.89   ? 56  ALA A CA  1 
ATOM   290  C C   . ALA A 1 39  ? 3.937   9.993   3.573   1.00 11.42  ? 56  ALA A C   1 
ATOM   291  O O   . ALA A 1 39  ? 3.426   10.869  4.272   1.00 13.11  ? 56  ALA A O   1 
ATOM   292  C CB  . ALA A 1 39  ? 6.112   9.275   4.263   1.00 5.79   ? 56  ALA A CB  1 
ATOM   293  N N   . HIS A 1 40  ? 3.732   9.940   2.251   1.00 10.49  ? 57  HIS A N   1 
ATOM   294  C CA  . HIS A 1 40  ? 2.926   10.972  1.618   1.00 10.48  ? 57  HIS A CA  1 
ATOM   295  C C   . HIS A 1 40  ? 1.458   10.830  1.980   1.00 11.58  ? 57  HIS A C   1 
ATOM   296  O O   . HIS A 1 40  ? 0.680   11.646  1.520   1.00 16.90  ? 57  HIS A O   1 
ATOM   297  C CB  . HIS A 1 40  ? 3.072   10.982  0.062   1.00 7.85   ? 57  HIS A CB  1 
ATOM   298  C CG  . HIS A 1 40  ? 2.388   9.935   -0.805  1.00 11.89  ? 57  HIS A CG  1 
ATOM   299  N ND1 . HIS A 1 40  ? 2.895   8.792   -1.210  1.00 13.61  ? 57  HIS A ND1 1 
ATOM   300  C CD2 . HIS A 1 40  ? 1.145   10.048  -1.375  1.00 9.99   ? 57  HIS A CD2 1 
ATOM   301  C CE1 . HIS A 1 40  ? 2.054   8.202   -2.002  1.00 12.59  ? 57  HIS A CE1 1 
ATOM   302  N NE2 . HIS A 1 40  ? 0.998   8.974   -2.090  1.00 13.77  ? 57  HIS A NE2 1 
ATOM   303  N N   . CYS A 1 41  ? 0.976   9.871   2.754   1.00 12.31  ? 58  CYS A N   1 
ATOM   304  C CA  . CYS A 1 41  ? -0.403  9.825   3.171   1.00 15.60  ? 58  CYS A CA  1 
ATOM   305  C C   . CYS A 1 41  ? -0.552  10.506  4.510   1.00 15.49  ? 58  CYS A C   1 
ATOM   306  O O   . CYS A 1 41  ? -1.634  10.481  5.089   1.00 18.12  ? 58  CYS A O   1 
ATOM   307  C CB  . CYS A 1 41  ? -0.844  8.399   3.308   1.00 24.26  ? 58  CYS A CB  1 
ATOM   308  S SG  . CYS A 1 41  ? -0.955  7.602   1.674   1.00 46.79  ? 58  CYS A SG  1 
ATOM   309  N N   . TYR A 1 42  ? 0.521   11.056  5.092   1.00 13.79  ? 59  TYR A N   1 
ATOM   310  C CA  . TYR A 1 42  ? 0.469   11.718  6.376   1.00 11.84  ? 59  TYR A CA  1 
ATOM   311  C C   . TYR A 1 42  ? -0.668  12.724  6.508   1.00 12.27  ? 59  TYR A C   1 
ATOM   312  O O   . TYR A 1 42  ? -0.780  13.596  5.658   1.00 15.32  ? 59  TYR A O   1 
ATOM   313  C CB  . TYR A 1 42  ? 1.771   12.455  6.593   1.00 10.45  ? 59  TYR A CB  1 
ATOM   314  C CG  . TYR A 1 42  ? 1.791   13.135  7.944   1.00 12.72  ? 59  TYR A CG  1 
ATOM   315  C CD1 . TYR A 1 42  ? 2.235   12.388  9.021   1.00 12.12  ? 59  TYR A CD1 1 
ATOM   316  C CD2 . TYR A 1 42  ? 1.312   14.439  8.112   1.00 9.97   ? 59  TYR A CD2 1 
ATOM   317  C CE1 . TYR A 1 42  ? 2.178   12.947  10.272  1.00 11.09  ? 59  TYR A CE1 1 
ATOM   318  C CE2 . TYR A 1 42  ? 1.257   14.989  9.374   1.00 5.12   ? 59  TYR A CE2 1 
ATOM   319  C CZ  . TYR A 1 42  ? 1.696   14.224  10.427  1.00 9.18   ? 59  TYR A CZ  1 
ATOM   320  O OH  . TYR A 1 42  ? 1.684   14.742  11.696  1.00 18.03  ? 59  TYR A OH  1 
ATOM   321  N N   . LYS A 1 43  ? -1.470  12.687  7.548   1.00 13.86  ? 60  LYS A N   1 
ATOM   322  C CA  . LYS A 1 43  ? -2.402  13.748  7.904   1.00 14.23  ? 60  LYS A CA  1 
ATOM   323  C C   . LYS A 1 43  ? -2.298  13.731  9.426   1.00 17.56  ? 60  LYS A C   1 
ATOM   324  O O   . LYS A 1 43  ? -1.931  12.702  10.015  1.00 17.79  ? 60  LYS A O   1 
ATOM   325  C CB  . LYS A 1 43  ? -3.873  13.464  7.535   1.00 11.18  ? 60  LYS A CB  1 
ATOM   326  C CG  . LYS A 1 43  ? -4.129  13.540  6.052   1.00 10.25  ? 60  LYS A CG  1 
ATOM   327  C CD  . LYS A 1 43  ? -5.585  13.718  5.720   1.00 12.87  ? 60  LYS A CD  1 
ATOM   328  C CE  . LYS A 1 43  ? -5.723  13.939  4.218   1.00 18.99  ? 60  LYS A CE  1 
ATOM   329  N NZ  . LYS A 1 43  ? -7.120  14.062  3.848   1.00 24.16  ? 60  LYS A NZ  1 
ATOM   330  N N   . SER A 1 44  ? -2.580  14.847  10.105  1.00 20.34  ? 61  SER A N   1 
ATOM   331  C CA  . SER A 1 44  ? -2.480  14.895  11.555  1.00 22.99  ? 61  SER A CA  1 
ATOM   332  C C   . SER A 1 44  ? -3.581  14.140  12.303  1.00 22.15  ? 61  SER A C   1 
ATOM   333  O O   . SER A 1 44  ? -3.378  13.859  13.482  1.00 26.64  ? 61  SER A O   1 
ATOM   334  C CB  . SER A 1 44  ? -2.450  16.364  12.015  1.00 25.24  ? 61  SER A CB  1 
ATOM   335  O OG  . SER A 1 44  ? -3.595  17.076  11.562  1.00 31.43  ? 61  SER A OG  1 
ATOM   336  N N   . ARG A 1 45  ? -4.751  13.809  11.743  1.00 18.17  ? 62  ARG A N   1 
ATOM   337  C CA  . ARG A 1 45  ? -5.750  12.998  12.424  1.00 18.37  ? 62  ARG A CA  1 
ATOM   338  C C   . ARG A 1 45  ? -6.164  12.005  11.358  1.00 17.18  ? 62  ARG A C   1 
ATOM   339  O O   . ARG A 1 45  ? -6.475  12.431  10.238  1.00 19.32  ? 62  ARG A O   1 
ATOM   340  C CB  . ARG A 1 45  ? -6.968  13.821  12.840  1.00 19.70  ? 62  ARG A CB  1 
ATOM   341  C CG  . ARG A 1 45  ? -6.666  14.675  14.059  1.00 25.90  ? 62  ARG A CG  1 
ATOM   342  C CD  . ARG A 1 45  ? -7.603  15.853  14.185  1.00 24.58  ? 62  ARG A CD  1 
ATOM   343  N NE  . ARG A 1 45  ? -8.596  15.593  15.206  1.00 30.09  ? 62  ARG A NE  1 
ATOM   344  C CZ  . ARG A 1 45  ? -9.603  16.438  15.489  1.00 32.85  ? 62  ARG A CZ  1 
ATOM   345  N NH1 . ARG A 1 45  ? -9.775  17.611  14.846  1.00 33.02  ? 62  ARG A NH1 1 
ATOM   346  N NH2 . ARG A 1 45  ? -10.408 16.077  16.492  1.00 33.55  ? 62  ARG A NH2 1 
ATOM   347  N N   . ILE A 1 46  ? -6.199  10.715  11.646  1.00 13.10  ? 63  ILE A N   1 
ATOM   348  C CA  . ILE A 1 46  ? -6.509  9.687   10.662  1.00 10.72  ? 63  ILE A CA  1 
ATOM   349  C C   . ILE A 1 46  ? -7.415  8.673   11.341  1.00 8.77   ? 63  ILE A C   1 
ATOM   350  O O   . ILE A 1 46  ? -7.190  8.263   12.481  1.00 11.97  ? 63  ILE A O   1 
ATOM   351  C CB  . ILE A 1 46  ? -5.174  9.000   10.170  1.00 10.27  ? 63  ILE A CB  1 
ATOM   352  C CG1 . ILE A 1 46  ? -4.364  9.922   9.263   1.00 10.52  ? 63  ILE A CG1 1 
ATOM   353  C CG2 . ILE A 1 46  ? -5.495  7.755   9.364   1.00 9.30   ? 63  ILE A CG2 1 
ATOM   354  C CD1 . ILE A 1 46  ? -2.987  9.352   8.822   1.00 2.81   ? 63  ILE A CD1 1 
ATOM   355  N N   . GLN A 1 47  ? -8.510  8.235   10.768  1.00 9.11   ? 64  GLN A N   1 
ATOM   356  C CA  . GLN A 1 47  ? -9.248  7.138   11.364  1.00 9.38   ? 64  GLN A CA  1 
ATOM   357  C C   . GLN A 1 47  ? -8.909  5.904   10.532  1.00 9.10   ? 64  GLN A C   1 
ATOM   358  O O   . GLN A 1 47  ? -9.119  5.952   9.320   1.00 13.77  ? 64  GLN A O   1 
ATOM   359  C CB  . GLN A 1 47  ? -10.722 7.424   11.313  1.00 7.39   ? 64  GLN A CB  1 
ATOM   360  C CG  . GLN A 1 47  ? -11.400 6.226   11.921  1.00 10.26  ? 64  GLN A CG  1 
ATOM   361  C CD  . GLN A 1 47  ? -12.863 6.493   11.975  1.00 15.87  ? 64  GLN A CD  1 
ATOM   362  O OE1 . GLN A 1 47  ? -13.417 6.624   13.041  1.00 23.59  ? 64  GLN A OE1 1 
ATOM   363  N NE2 . GLN A 1 47  ? -13.595 6.736   10.905  1.00 17.87  ? 64  GLN A NE2 1 
ATOM   364  N N   . VAL A 1 48  ? -8.405  4.812   11.090  1.00 8.03   ? 65  VAL A N   1 
ATOM   365  C CA  . VAL A 1 48  ? -7.997  3.636   10.318  1.00 8.21   ? 65  VAL A CA  1 
ATOM   366  C C   . VAL A 1 48  ? -9.191  2.705   10.231  1.00 8.46   ? 65  VAL A C   1 
ATOM   367  O O   . VAL A 1 48  ? -9.762  2.441   11.279  1.00 13.81  ? 65  VAL A O   1 
ATOM   368  C CB  . VAL A 1 48  ? -6.821  2.934   11.028  1.00 5.10   ? 65  VAL A CB  1 
ATOM   369  C CG1 . VAL A 1 48  ? -6.343  1.722   10.229  1.00 7.65   ? 65  VAL A CG1 1 
ATOM   370  C CG2 . VAL A 1 48  ? -5.659  3.886   11.115  1.00 3.53   ? 65  VAL A CG2 1 
ATOM   371  N N   . ARG A 1 49  A -9.629  2.170   9.098   1.00 8.15   ? 65  ARG A N   1 
ATOM   372  C CA  . ARG A 1 49  A -10.830 1.350   9.047   1.00 8.48   ? 65  ARG A CA  1 
ATOM   373  C C   . ARG A 1 49  A -10.394 -0.023  8.645   1.00 9.46   ? 65  ARG A C   1 
ATOM   374  O O   . ARG A 1 49  A -9.763  -0.145  7.601   1.00 14.05  ? 65  ARG A O   1 
ATOM   375  C CB  . ARG A 1 49  A -11.783 1.904   8.027   1.00 2.76   ? 65  ARG A CB  1 
ATOM   376  C CG  . ARG A 1 49  A -12.197 3.242   8.551   1.00 4.54   ? 65  ARG A CG  1 
ATOM   377  C CD  . ARG A 1 49  A -13.264 3.794   7.688   1.00 2.00   ? 65  ARG A CD  1 
ATOM   378  N NE  . ARG A 1 49  A -13.918 4.790   8.522   1.00 13.11  ? 65  ARG A NE  1 
ATOM   379  C CZ  . ARG A 1 49  A -15.111 5.351   8.190   1.00 14.05  ? 65  ARG A CZ  1 
ATOM   380  N NH1 . ARG A 1 49  A -15.755 5.003   7.073   1.00 15.01  ? 65  ARG A NH1 1 
ATOM   381  N NH2 . ARG A 1 49  A -15.674 6.257   9.009   1.00 14.66  ? 65  ARG A NH2 1 
ATOM   382  N N   . LEU A 1 50  ? -10.694 -1.045  9.422   1.00 9.41   ? 66  LEU A N   1 
ATOM   383  C CA  . LEU A 1 50  ? -10.238 -2.402  9.154   1.00 8.92   ? 66  LEU A CA  1 
ATOM   384  C C   . LEU A 1 50  ? -11.432 -3.259  8.833   1.00 9.05   ? 66  LEU A C   1 
ATOM   385  O O   . LEU A 1 50  ? -12.539 -2.864  9.151   1.00 12.85  ? 66  LEU A O   1 
ATOM   386  C CB  . LEU A 1 50  ? -9.528  -2.939  10.386  1.00 5.61   ? 66  LEU A CB  1 
ATOM   387  C CG  . LEU A 1 50  ? -8.302  -2.117  10.810  1.00 5.17   ? 66  LEU A CG  1 
ATOM   388  C CD1 . LEU A 1 50  ? -8.640  -1.195  11.954  1.00 5.32   ? 66  LEU A CD1 1 
ATOM   389  C CD2 . LEU A 1 50  ? -7.218  -3.039  11.242  1.00 6.82   ? 66  LEU A CD2 1 
ATOM   390  N N   . GLY A 1 51  ? -11.288 -4.411  8.229   1.00 8.84   ? 69  GLY A N   1 
ATOM   391  C CA  . GLY A 1 51  ? -12.383 -5.321  8.007   1.00 7.08   ? 69  GLY A CA  1 
ATOM   392  C C   . GLY A 1 51  ? -13.268 -4.830  6.907   1.00 7.79   ? 69  GLY A C   1 
ATOM   393  O O   . GLY A 1 51  ? -14.407 -5.276  6.817   1.00 11.55  ? 69  GLY A O   1 
ATOM   394  N N   . GLU A 1 52  ? -12.793 -3.936  6.051   1.00 8.91   ? 70  GLU A N   1 
ATOM   395  C CA  . GLU A 1 52  ? -13.636 -3.358  5.007   1.00 7.92   ? 70  GLU A CA  1 
ATOM   396  C C   . GLU A 1 52  ? -13.717 -4.167  3.750   1.00 8.98   ? 70  GLU A C   1 
ATOM   397  O O   . GLU A 1 52  ? -12.707 -4.787  3.402   1.00 10.73  ? 70  GLU A O   1 
ATOM   398  C CB  . GLU A 1 52  ? -13.135 -1.997  4.604   1.00 6.93   ? 70  GLU A CB  1 
ATOM   399  C CG  . GLU A 1 52  ? -13.407 -0.962  5.654   1.00 11.39  ? 70  GLU A CG  1 
ATOM   400  C CD  . GLU A 1 52  ? -14.840 -0.445  5.651   1.00 14.10  ? 70  GLU A CD  1 
ATOM   401  O OE1 . GLU A 1 52  ? -15.716 -1.118  5.172   1.00 14.72  ? 70  GLU A OE1 1 
ATOM   402  O OE2 . GLU A 1 52  ? -15.109 0.660   6.101   1.00 22.39  ? 70  GLU A OE2 1 
ATOM   403  N N   . HIS A 1 53  ? -14.869 -4.240  3.094   1.00 8.22   ? 71  HIS A N   1 
ATOM   404  C CA  . HIS A 1 53  ? -14.949 -4.759  1.754   1.00 8.55   ? 71  HIS A CA  1 
ATOM   405  C C   . HIS A 1 53  ? -15.601 -3.631  0.997   1.00 10.77  ? 71  HIS A C   1 
ATOM   406  O O   . HIS A 1 53  ? -14.966 -3.050  0.116   1.00 15.39  ? 71  HIS A O   1 
ATOM   407  C CB  . HIS A 1 53  ? -15.829 -5.982  1.599   1.00 9.90   ? 71  HIS A CB  1 
ATOM   408  C CG  . HIS A 1 53  ? -15.703 -6.527  0.189   1.00 8.91   ? 71  HIS A CG  1 
ATOM   409  N ND1 . HIS A 1 53  ? -14.570 -6.840  -0.438  1.00 17.06  ? 71  HIS A ND1 1 
ATOM   410  C CD2 . HIS A 1 53  ? -16.730 -6.775  -0.682  1.00 11.89  ? 71  HIS A CD2 1 
ATOM   411  C CE1 . HIS A 1 53  ? -14.843 -7.262  -1.648  1.00 12.73  ? 71  HIS A CE1 1 
ATOM   412  N NE2 . HIS A 1 53  ? -16.145 -7.219  -1.779  1.00 11.98  ? 71  HIS A NE2 1 
ATOM   413  N N   . ASN A 1 54  ? -16.836 -3.246  1.245   1.00 12.30  ? 72  ASN A N   1 
ATOM   414  C CA  . ASN A 1 54  ? -17.471 -2.180  0.489   1.00 14.56  ? 72  ASN A CA  1 
ATOM   415  C C   . ASN A 1 54  ? -17.111 -0.951  1.271   1.00 18.17  ? 72  ASN A C   1 
ATOM   416  O O   . ASN A 1 54  ? -17.695 -0.776  2.310   1.00 20.98  ? 72  ASN A O   1 
ATOM   417  C CB  . ASN A 1 54  ? -18.978 -2.291  0.476   1.00 11.87  ? 72  ASN A CB  1 
ATOM   418  C CG  . ASN A 1 54  ? -19.635 -1.193  -0.341  1.00 13.84  ? 72  ASN A CG  1 
ATOM   419  O OD1 . ASN A 1 54  ? -20.496 -1.387  -1.182  1.00 20.85  ? 72  ASN A OD1 1 
ATOM   420  N ND2 . ASN A 1 54  ? -19.410 0.064   -0.115  1.00 10.26  ? 72  ASN A ND2 1 
ATOM   421  N N   . ILE A 1 55  ? -16.307 0.023   0.841   1.00 20.75  ? 73  ILE A N   1 
ATOM   422  C CA  . ILE A 1 55  ? -15.915 1.149   1.685   1.00 17.81  ? 73  ILE A CA  1 
ATOM   423  C C   . ILE A 1 55  ? -17.077 2.043   2.066   1.00 18.92  ? 73  ILE A C   1 
ATOM   424  O O   . ILE A 1 55  ? -16.965 2.859   2.971   1.00 21.51  ? 73  ILE A O   1 
ATOM   425  C CB  . ILE A 1 55  ? -14.771 1.852   0.881   1.00 18.90  ? 73  ILE A CB  1 
ATOM   426  C CG1 . ILE A 1 55  ? -13.877 2.442   1.899   1.00 20.37  ? 73  ILE A CG1 1 
ATOM   427  C CG2 . ILE A 1 55  ? -15.228 2.882   -0.147  1.00 15.52  ? 73  ILE A CG2 1 
ATOM   428  C CD1 . ILE A 1 55  ? -13.285 1.350   2.814   1.00 19.90  ? 73  ILE A CD1 1 
ATOM   429  N N   . ASN A 1 56  ? -18.194 1.948   1.334   1.00 16.70  ? 74  ASN A N   1 
ATOM   430  C CA  . ASN A 1 56  ? -19.371 2.755   1.611   1.00 17.54  ? 74  ASN A CA  1 
ATOM   431  C C   . ASN A 1 56  ? -20.579 2.121   2.287   1.00 17.59  ? 74  ASN A C   1 
ATOM   432  O O   . ASN A 1 56  ? -21.567 2.812   2.497   1.00 23.07  ? 74  ASN A O   1 
ATOM   433  C CB  . ASN A 1 56  ? -19.819 3.374   0.296   1.00 20.12  ? 74  ASN A CB  1 
ATOM   434  C CG  . ASN A 1 56  ? -18.797 4.363   -0.219  1.00 25.26  ? 74  ASN A CG  1 
ATOM   435  O OD1 . ASN A 1 56  ? -18.451 5.345   0.441   1.00 32.01  ? 74  ASN A OD1 1 
ATOM   436  N ND2 . ASN A 1 56  ? -18.152 4.161   -1.344  1.00 29.80  ? 74  ASN A ND2 1 
ATOM   437  N N   . VAL A 1 57  ? -20.643 0.864   2.704   1.00 15.22  ? 75  VAL A N   1 
ATOM   438  C CA  . VAL A 1 57  ? -21.890 0.301   3.202   1.00 13.14  ? 75  VAL A CA  1 
ATOM   439  C C   . VAL A 1 57  ? -21.511 -0.335  4.498   1.00 13.93  ? 75  VAL A C   1 
ATOM   440  O O   . VAL A 1 57  ? -20.573 -1.089  4.409   1.00 16.29  ? 75  VAL A O   1 
ATOM   441  C CB  . VAL A 1 57  ? -22.390 -0.757  2.213   1.00 10.34  ? 75  VAL A CB  1 
ATOM   442  C CG1 . VAL A 1 57  ? -23.468 -1.652  2.788   1.00 9.50   ? 75  VAL A CG1 1 
ATOM   443  C CG2 . VAL A 1 57  ? -22.942 -0.001  1.025   1.00 10.68  ? 75  VAL A CG2 1 
ATOM   444  N N   . LEU A 1 58  ? -22.106 -0.203  5.670   1.00 17.48  ? 76  LEU A N   1 
ATOM   445  C CA  . LEU A 1 58  ? -21.627 -0.954  6.829   1.00 18.17  ? 76  LEU A CA  1 
ATOM   446  C C   . LEU A 1 58  ? -22.010 -2.393  6.575   1.00 18.57  ? 76  LEU A C   1 
ATOM   447  O O   . LEU A 1 58  ? -23.173 -2.652  6.337   1.00 23.44  ? 76  LEU A O   1 
ATOM   448  C CB  . LEU A 1 58  ? -22.284 -0.447  8.103   1.00 16.04  ? 76  LEU A CB  1 
ATOM   449  C CG  . LEU A 1 58  ? -21.747 0.905   8.504   1.00 15.37  ? 76  LEU A CG  1 
ATOM   450  C CD1 . LEU A 1 58  ? -22.513 1.385   9.717   1.00 14.41  ? 76  LEU A CD1 1 
ATOM   451  C CD2 . LEU A 1 58  ? -20.268 0.813   8.852   1.00 13.45  ? 76  LEU A CD2 1 
ATOM   452  N N   . GLU A 1 59  ? -21.070 -3.306  6.460   1.00 19.76  ? 77  GLU A N   1 
ATOM   453  C CA  . GLU A 1 59  ? -21.338 -4.696  6.216   1.00 20.66  ? 77  GLU A CA  1 
ATOM   454  C C   . GLU A 1 59  ? -21.270 -5.498  7.459   1.00 21.59  ? 77  GLU A C   1 
ATOM   455  O O   . GLU A 1 59  ? -21.692 -6.639  7.429   1.00 25.67  ? 77  GLU A O   1 
ATOM   456  C CB  . GLU A 1 59  ? -20.360 -5.297  5.269   1.00 21.21  ? 77  GLU A CB  1 
ATOM   457  C CG  . GLU A 1 59  ? -20.473 -4.531  3.981   1.00 27.32  ? 77  GLU A CG  1 
ATOM   458  C CD  . GLU A 1 59  ? -19.243 -4.728  3.151   1.00 30.90  ? 77  GLU A CD  1 
ATOM   459  O OE1 . GLU A 1 59  ? -18.146 -4.331  3.587   1.00 28.80  ? 77  GLU A OE1 1 
ATOM   460  O OE2 . GLU A 1 59  ? -19.415 -5.275  2.065   1.00 31.21  ? 77  GLU A OE2 1 
ATOM   461  N N   . GLY A 1 60  ? -20.718 -4.997  8.532   1.00 21.20  ? 78  GLY A N   1 
ATOM   462  C CA  . GLY A 1 60  ? -20.778 -5.709  9.775   1.00 20.27  ? 78  GLY A CA  1 
ATOM   463  C C   . GLY A 1 60  ? -19.453 -6.286  10.165  1.00 22.53  ? 78  GLY A C   1 
ATOM   464  O O   . GLY A 1 60  ? -19.427 -7.011  11.147  1.00 25.46  ? 78  GLY A O   1 
ATOM   465  N N   . ASN A 1 61  ? -18.330 -6.039  9.496   1.00 22.06  ? 79  ASN A N   1 
ATOM   466  C CA  . ASN A 1 61  ? -17.062 -6.613  9.928   1.00 20.08  ? 79  ASN A CA  1 
ATOM   467  C C   . ASN A 1 61  ? -16.037 -5.527  10.201  1.00 19.94  ? 79  ASN A C   1 
ATOM   468  O O   . ASN A 1 61  ? -14.883 -5.755  10.570  1.00 21.04  ? 79  ASN A O   1 
ATOM   469  C CB  . ASN A 1 61  ? -16.518 -7.523  8.863   1.00 21.47  ? 79  ASN A CB  1 
ATOM   470  C CG  . ASN A 1 61  ? -17.441 -8.696  8.613   1.00 26.00  ? 79  ASN A CG  1 
ATOM   471  O OD1 . ASN A 1 61  ? -17.578 -9.590  9.443   1.00 28.85  ? 79  ASN A OD1 1 
ATOM   472  N ND2 . ASN A 1 61  ? -18.091 -8.800  7.465   1.00 29.20  ? 79  ASN A ND2 1 
ATOM   473  N N   . GLU A 1 62  ? -16.438 -4.287  10.097  1.00 16.67  ? 80  GLU A N   1 
ATOM   474  C CA  . GLU A 1 62  ? -15.529 -3.178  10.205  1.00 14.42  ? 80  GLU A CA  1 
ATOM   475  C C   . GLU A 1 62  ? -15.120 -2.947  11.623  1.00 14.03  ? 80  GLU A C   1 
ATOM   476  O O   . GLU A 1 62  ? -15.891 -3.185  12.548  1.00 17.13  ? 80  GLU A O   1 
ATOM   477  C CB  . GLU A 1 62  ? -16.148 -1.897  9.757   1.00 9.62   ? 80  GLU A CB  1 
ATOM   478  C CG  . GLU A 1 62  ? -16.685 -1.907  8.361   1.00 12.00  ? 80  GLU A CG  1 
ATOM   479  C CD  . GLU A 1 62  ? -18.018 -2.581  8.113   1.00 15.63  ? 80  GLU A CD  1 
ATOM   480  O OE1 . GLU A 1 62  ? -18.663 -3.227  8.936   1.00 19.00  ? 80  GLU A OE1 1 
ATOM   481  O OE2 . GLU A 1 62  ? -18.490 -2.469  7.031   1.00 15.21  ? 80  GLU A OE2 1 
ATOM   482  N N   . GLN A 1 63  ? -13.925 -2.443  11.835  1.00 12.54  ? 81  GLN A N   1 
ATOM   483  C CA  . GLN A 1 63  ? -13.528 -1.973  13.153  1.00 11.91  ? 81  GLN A CA  1 
ATOM   484  C C   . GLN A 1 63  ? -12.987 -0.607  12.791  1.00 11.59  ? 81  GLN A C   1 
ATOM   485  O O   . GLN A 1 63  ? -12.262 -0.522  11.806  1.00 17.44  ? 81  GLN A O   1 
ATOM   486  C CB  . GLN A 1 63  ? -12.444 -2.872  13.748  1.00 12.42  ? 81  GLN A CB  1 
ATOM   487  C CG  . GLN A 1 63  ? -13.020 -4.229  14.127  1.00 12.45  ? 81  GLN A CG  1 
ATOM   488  C CD  . GLN A 1 63  ? -11.957 -5.176  14.652  1.00 18.00  ? 81  GLN A CD  1 
ATOM   489  O OE1 . GLN A 1 63  ? -11.176 -4.764  15.514  1.00 21.62  ? 81  GLN A OE1 1 
ATOM   490  N NE2 . GLN A 1 63  ? -11.872 -6.433  14.243  1.00 17.17  ? 81  GLN A NE2 1 
ATOM   491  N N   . PHE A 1 64  ? -13.293 0.514   13.415  1.00 10.47  ? 82  PHE A N   1 
ATOM   492  C CA  . PHE A 1 64  ? -12.770 1.803   13.003  1.00 11.21  ? 82  PHE A CA  1 
ATOM   493  C C   . PHE A 1 64  ? -11.981 2.249   14.199  1.00 13.20  ? 82  PHE A C   1 
ATOM   494  O O   . PHE A 1 64  ? -12.592 2.268   15.271  1.00 14.87  ? 82  PHE A O   1 
ATOM   495  C CB  . PHE A 1 64  ? -13.891 2.773   12.754  1.00 10.13  ? 82  PHE A CB  1 
ATOM   496  C CG  . PHE A 1 64  ? -14.872 2.433   11.644  1.00 10.75  ? 82  PHE A CG  1 
ATOM   497  C CD1 . PHE A 1 64  ? -14.563 1.534   10.639  1.00 6.96   ? 82  PHE A CD1 1 
ATOM   498  C CD2 . PHE A 1 64  ? -16.069 3.121   11.610  1.00 8.42   ? 82  PHE A CD2 1 
ATOM   499  C CE1 . PHE A 1 64  ? -15.424 1.341   9.591   1.00 4.04   ? 82  PHE A CE1 1 
ATOM   500  C CE2 . PHE A 1 64  ? -16.926 2.916   10.548  1.00 9.21   ? 82  PHE A CE2 1 
ATOM   501  C CZ  . PHE A 1 64  ? -16.606 2.031   9.546   1.00 6.56   ? 82  PHE A CZ  1 
ATOM   502  N N   . VAL A 1 65  ? -10.687 2.556   14.108  1.00 13.10  ? 83  VAL A N   1 
ATOM   503  C CA  . VAL A 1 65  ? -9.858  2.913   15.264  1.00 14.88  ? 83  VAL A CA  1 
ATOM   504  C C   . VAL A 1 65  ? -9.094  4.216   14.987  1.00 16.67  ? 83  VAL A C   1 
ATOM   505  O O   . VAL A 1 65  ? -8.692  4.422   13.843  1.00 19.42  ? 83  VAL A O   1 
ATOM   506  C CB  . VAL A 1 65  ? -8.820  1.798   15.577  1.00 13.66  ? 83  VAL A CB  1 
ATOM   507  C CG1 . VAL A 1 65  ? -8.129  2.102   16.909  1.00 12.47  ? 83  VAL A CG1 1 
ATOM   508  C CG2 . VAL A 1 65  ? -9.496  0.450   15.739  1.00 15.71  ? 83  VAL A CG2 1 
ATOM   509  N N   . ASN A 1 66  ? -8.832  5.160   15.892  1.00 16.74  ? 84  ASN A N   1 
ATOM   510  C CA  . ASN A 1 66  ? -8.081  6.337   15.517  1.00 15.80  ? 84  ASN A CA  1 
ATOM   511  C C   . ASN A 1 66  ? -6.609  6.118   15.640  1.00 15.11  ? 84  ASN A C   1 
ATOM   512  O O   . ASN A 1 66  ? -6.163  5.355   16.494  1.00 18.31  ? 84  ASN A O   1 
ATOM   513  C CB  . ASN A 1 66  ? -8.418  7.478   16.370  1.00 20.15  ? 84  ASN A CB  1 
ATOM   514  C CG  . ASN A 1 66  ? -9.820  7.969   16.113  1.00 27.38  ? 84  ASN A CG  1 
ATOM   515  O OD1 . ASN A 1 66  ? -10.484 8.382   17.050  1.00 38.37  ? 84  ASN A OD1 1 
ATOM   516  N ND2 . ASN A 1 66  ? -10.383 8.034   14.915  1.00 30.09  ? 84  ASN A ND2 1 
ATOM   517  N N   . ALA A 1 67  ? -5.844  6.728   14.756  1.00 12.89  ? 85  ALA A N   1 
ATOM   518  C CA  . ALA A 1 67  ? -4.407  6.671   14.817  1.00 13.41  ? 85  ALA A CA  1 
ATOM   519  C C   . ALA A 1 67  ? -3.989  7.420   16.068  1.00 15.68  ? 85  ALA A C   1 
ATOM   520  O O   . ALA A 1 67  ? -4.578  8.457   16.344  1.00 19.25  ? 85  ALA A O   1 
ATOM   521  C CB  . ALA A 1 67  ? -3.804  7.368   13.625  1.00 10.92  ? 85  ALA A CB  1 
ATOM   522  N N   . ALA A 1 68  ? -3.051  6.962   16.875  1.00 18.10  ? 86  ALA A N   1 
ATOM   523  C CA  . ALA A 1 68  ? -2.589  7.691   18.046  1.00 18.03  ? 86  ALA A CA  1 
ATOM   524  C C   . ALA A 1 68  ? -1.239  8.319   17.727  1.00 19.53  ? 86  ALA A C   1 
ATOM   525  O O   . ALA A 1 68  ? -0.982  9.478   18.053  1.00 23.44  ? 86  ALA A O   1 
ATOM   526  C CB  . ALA A 1 68  ? -2.408  6.750   19.226  1.00 15.80  ? 86  ALA A CB  1 
ATOM   527  N N   . LYS A 1 69  ? -0.293  7.587   17.147  1.00 18.76  ? 87  LYS A N   1 
ATOM   528  C CA  . LYS A 1 69  ? 0.964   8.185   16.764  1.00 17.75  ? 87  LYS A CA  1 
ATOM   529  C C   . LYS A 1 69  ? 1.076   7.963   15.272  1.00 20.40  ? 87  LYS A C   1 
ATOM   530  O O   . LYS A 1 69  ? 0.716   6.870   14.812  1.00 23.60  ? 87  LYS A O   1 
ATOM   531  C CB  . LYS A 1 69  ? 2.076   7.504   17.485  1.00 15.91  ? 87  LYS A CB  1 
ATOM   532  C CG  . LYS A 1 69  ? 2.175   7.868   18.939  1.00 20.40  ? 87  LYS A CG  1 
ATOM   533  C CD  . LYS A 1 69  ? 3.306   7.035   19.441  1.00 27.73  ? 87  LYS A CD  1 
ATOM   534  C CE  . LYS A 1 69  ? 3.774   7.431   20.809  1.00 30.95  ? 87  LYS A CE  1 
ATOM   535  N NZ  . LYS A 1 69  ? 5.017   6.720   21.046  1.00 37.58  ? 87  LYS A NZ  1 
ATOM   536  N N   . ILE A 1 70  ? 1.521   8.929   14.471  1.00 20.01  ? 88  ILE A N   1 
ATOM   537  C CA  . ILE A 1 70  ? 1.635   8.726   13.037  1.00 18.82  ? 88  ILE A CA  1 
ATOM   538  C C   . ILE A 1 70  ? 3.075   9.153   12.841  1.00 18.75  ? 88  ILE A C   1 
ATOM   539  O O   . ILE A 1 70  ? 3.405   10.316  13.071  1.00 24.00  ? 88  ILE A O   1 
ATOM   540  C CB  . ILE A 1 70  ? 0.623   9.635   12.292  1.00 17.18  ? 88  ILE A CB  1 
ATOM   541  C CG1 . ILE A 1 70  ? -0.818  9.427   12.778  1.00 14.27  ? 88  ILE A CG1 1 
ATOM   542  C CG2 . ILE A 1 70  ? 0.751   9.316   10.786  1.00 16.48  ? 88  ILE A CG2 1 
ATOM   543  C CD1 . ILE A 1 70  ? -1.729  10.609  12.411  1.00 10.41  ? 88  ILE A CD1 1 
ATOM   544  N N   . ILE A 1 71  ? 3.955   8.229   12.492  1.00 17.93  ? 89  ILE A N   1 
ATOM   545  C CA  . ILE A 1 71  ? 5.394   8.441   12.433  1.00 14.79  ? 89  ILE A CA  1 
ATOM   546  C C   . ILE A 1 71  ? 5.884   8.370   11.000  1.00 15.75  ? 89  ILE A C   1 
ATOM   547  O O   . ILE A 1 71  ? 5.885   7.252   10.504  1.00 16.42  ? 89  ILE A O   1 
ATOM   548  C CB  . ILE A 1 71  ? 6.072   7.339   13.290  1.00 15.03  ? 89  ILE A CB  1 
ATOM   549  C CG1 . ILE A 1 71  ? 5.532   7.410   14.727  1.00 12.96  ? 89  ILE A CG1 1 
ATOM   550  C CG2 . ILE A 1 71  ? 7.603   7.457   13.152  1.00 10.32  ? 89  ILE A CG2 1 
ATOM   551  C CD1 . ILE A 1 71  ? 5.903   6.198   15.590  1.00 13.90  ? 89  ILE A CD1 1 
ATOM   552  N N   . LYS A 1 72  ? 6.253   9.430   10.274  1.00 17.27  ? 90  LYS A N   1 
ATOM   553  C CA  . LYS A 1 72  ? 6.842   9.318   8.933   1.00 18.75  ? 90  LYS A CA  1 
ATOM   554  C C   . LYS A 1 72  ? 8.319   8.983   9.043   1.00 20.05  ? 90  LYS A C   1 
ATOM   555  O O   . LYS A 1 72  ? 8.957   9.373   10.033  1.00 24.28  ? 90  LYS A O   1 
ATOM   556  C CB  . LYS A 1 72  ? 6.800   10.595  8.132   1.00 19.45  ? 90  LYS A CB  1 
ATOM   557  C CG  . LYS A 1 72  ? 5.417   11.029  7.787   1.00 21.25  ? 90  LYS A CG  1 
ATOM   558  C CD  . LYS A 1 72  ? 5.624   12.135  6.802   1.00 23.34  ? 90  LYS A CD  1 
ATOM   559  C CE  . LYS A 1 72  ? 6.254   13.372  7.384   1.00 26.29  ? 90  LYS A CE  1 
ATOM   560  N NZ  . LYS A 1 72  ? 5.315   14.101  8.194   1.00 27.00  ? 90  LYS A NZ  1 
ATOM   561  N N   . HIS A 1 73  ? 8.915   8.284   8.068   1.00 18.58  ? 91  HIS A N   1 
ATOM   562  C CA  . HIS A 1 73  ? 10.328  7.928   8.107   1.00 16.41  ? 91  HIS A CA  1 
ATOM   563  C C   . HIS A 1 73  ? 11.108  9.239   8.255   1.00 18.90  ? 91  HIS A C   1 
ATOM   564  O O   . HIS A 1 73  ? 10.797  10.214  7.562   1.00 20.62  ? 91  HIS A O   1 
ATOM   565  C CB  . HIS A 1 73  ? 10.724  7.231   6.821   1.00 11.99  ? 91  HIS A CB  1 
ATOM   566  C CG  . HIS A 1 73  ? 12.167  6.777   6.853   1.00 13.40  ? 91  HIS A CG  1 
ATOM   567  N ND1 . HIS A 1 73  ? 13.265  7.454   6.514   1.00 16.60  ? 91  HIS A ND1 1 
ATOM   568  C CD2 . HIS A 1 73  ? 12.585  5.566   7.310   1.00 12.92  ? 91  HIS A CD2 1 
ATOM   569  C CE1 . HIS A 1 73  ? 14.325  6.713   6.757   1.00 10.94  ? 91  HIS A CE1 1 
ATOM   570  N NE2 . HIS A 1 73  ? 13.898  5.582   7.232   1.00 14.79  ? 91  HIS A NE2 1 
ATOM   571  N N   . PRO A 1 74  ? 12.134  9.331   9.110   1.00 18.98  ? 92  PRO A N   1 
ATOM   572  C CA  . PRO A 1 74  ? 12.789  10.610  9.336   1.00 18.90  ? 92  PRO A CA  1 
ATOM   573  C C   . PRO A 1 74  ? 13.422  11.147  8.052   1.00 21.46  ? 92  PRO A C   1 
ATOM   574  O O   . PRO A 1 74  ? 13.474  12.362  7.882   1.00 27.29  ? 92  PRO A O   1 
ATOM   575  C CB  . PRO A 1 74  ? 13.790  10.337  10.409  1.00 18.59  ? 92  PRO A CB  1 
ATOM   576  C CG  . PRO A 1 74  ? 14.188  8.906   10.149  1.00 19.53  ? 92  PRO A CG  1 
ATOM   577  C CD  . PRO A 1 74  ? 12.807  8.323   9.925   1.00 19.11  ? 92  PRO A CD  1 
ATOM   578  N N   . ASN A 1 75  ? 13.897  10.310  7.104   1.00 20.01  ? 93  ASN A N   1 
ATOM   579  C CA  . ASN A 1 75  ? 14.441  10.806  5.830   1.00 19.21  ? 93  ASN A CA  1 
ATOM   580  C C   . ASN A 1 75  ? 13.474  10.830  4.677   1.00 19.03  ? 93  ASN A C   1 
ATOM   581  O O   . ASN A 1 75  ? 13.905  10.777  3.518   1.00 21.60  ? 93  ASN A O   1 
ATOM   582  C CB  . ASN A 1 75  ? 15.593  9.998   5.303   1.00 21.09  ? 93  ASN A CB  1 
ATOM   583  C CG  . ASN A 1 75  ? 16.658  9.809   6.320   1.00 28.16  ? 93  ASN A CG  1 
ATOM   584  O OD1 . ASN A 1 75  ? 16.930  8.655   6.638   1.00 36.78  ? 93  ASN A OD1 1 
ATOM   585  N ND2 . ASN A 1 75  ? 17.207  10.851  6.929   1.00 27.80  ? 93  ASN A ND2 1 
ATOM   586  N N   . PHE A 1 76  ? 12.170  10.897  4.951   1.00 17.52  ? 94  PHE A N   1 
ATOM   587  C CA  . PHE A 1 76  ? 11.209  10.936  3.868   1.00 17.08  ? 94  PHE A CA  1 
ATOM   588  C C   . PHE A 1 76  ? 11.514  12.229  3.145   1.00 19.64  ? 94  PHE A C   1 
ATOM   589  O O   . PHE A 1 76  ? 11.666  13.263  3.786   1.00 23.60  ? 94  PHE A O   1 
ATOM   590  C CB  . PHE A 1 76  ? 9.766   10.964  4.404   1.00 11.67  ? 94  PHE A CB  1 
ATOM   591  C CG  . PHE A 1 76  ? 8.714   11.303  3.350   1.00 9.03   ? 94  PHE A CG  1 
ATOM   592  C CD1 . PHE A 1 76  ? 8.620   10.578  2.178   1.00 7.82   ? 94  PHE A CD1 1 
ATOM   593  C CD2 . PHE A 1 76  ? 7.872   12.381  3.545   1.00 8.78   ? 94  PHE A CD2 1 
ATOM   594  C CE1 . PHE A 1 76  ? 7.678   10.920  1.224   1.00 7.11   ? 94  PHE A CE1 1 
ATOM   595  C CE2 . PHE A 1 76  ? 6.934   12.714  2.584   1.00 8.74   ? 94  PHE A CE2 1 
ATOM   596  C CZ  . PHE A 1 76  ? 6.836   11.989  1.417   1.00 5.49   ? 94  PHE A CZ  1 
ATOM   597  N N   . ASP A 1 77  ? 11.691  12.183  1.843   1.00 23.41  ? 95  ASP A N   1 
ATOM   598  C CA  . ASP A 1 77  ? 11.911  13.371  1.066   1.00 23.68  ? 95  ASP A CA  1 
ATOM   599  C C   . ASP A 1 77  ? 10.666  13.564  0.230   1.00 26.14  ? 95  ASP A C   1 
ATOM   600  O O   . ASP A 1 77  ? 10.351  12.793  -0.680  1.00 27.78  ? 95  ASP A O   1 
ATOM   601  C CB  . ASP A 1 77  ? 13.109  13.167  0.200   1.00 28.73  ? 95  ASP A CB  1 
ATOM   602  C CG  . ASP A 1 77  ? 13.431  14.291  -0.764  1.00 32.81  ? 95  ASP A CG  1 
ATOM   603  O OD1 . ASP A 1 77  ? 12.686  15.254  -0.938  1.00 36.79  ? 95  ASP A OD1 1 
ATOM   604  O OD2 . ASP A 1 77  ? 14.448  14.160  -1.426  1.00 44.12  ? 95  ASP A OD2 1 
ATOM   605  N N   . ARG A 1 78  ? 9.988   14.660  0.520   1.00 26.38  ? 96  ARG A N   1 
ATOM   606  C CA  . ARG A 1 78  ? 8.731   15.043  -0.075  1.00 28.38  ? 96  ARG A CA  1 
ATOM   607  C C   . ARG A 1 78  ? 8.896   15.273  -1.548  1.00 28.15  ? 96  ARG A C   1 
ATOM   608  O O   . ARG A 1 78  ? 7.929   15.122  -2.262  1.00 28.81  ? 96  ARG A O   1 
ATOM   609  C CB  . ARG A 1 78  ? 8.230   16.331  0.555   1.00 36.24  ? 96  ARG A CB  1 
ATOM   610  C CG  . ARG A 1 78  ? 6.845   16.774  0.106   1.00 48.82  ? 96  ARG A CG  1 
ATOM   611  C CD  . ARG A 1 78  ? 6.514   18.258  0.372   1.00 59.15  ? 96  ARG A CD  1 
ATOM   612  N NE  . ARG A 1 78  ? 5.154   18.557  -0.119  1.00 69.00  ? 96  ARG A NE  1 
ATOM   613  C CZ  . ARG A 1 78  ? 4.879   18.989  -1.374  1.00 71.66  ? 96  ARG A CZ  1 
ATOM   614  N NH1 . ARG A 1 78  ? 5.887   19.183  -2.245  1.00 74.56  ? 96  ARG A NH1 1 
ATOM   615  N NH2 . ARG A 1 78  ? 3.591   19.135  -1.777  1.00 72.58  ? 96  ARG A NH2 1 
ATOM   616  N N   . LYS A 1 79  ? 10.057  15.675  -2.039  1.00 27.84  ? 97  LYS A N   1 
ATOM   617  C CA  . LYS A 1 79  ? 10.222  16.003  -3.426  1.00 27.83  ? 97  LYS A CA  1 
ATOM   618  C C   . LYS A 1 79  ? 10.502  14.766  -4.243  1.00 25.30  ? 97  LYS A C   1 
ATOM   619  O O   . LYS A 1 79  ? 10.020  14.687  -5.365  1.00 26.65  ? 97  LYS A O   1 
ATOM   620  C CB  . LYS A 1 79  ? 11.363  17.000  -3.564  1.00 32.64  ? 97  LYS A CB  1 
ATOM   621  C CG  . LYS A 1 79  ? 11.374  17.805  -4.861  1.00 39.73  ? 97  LYS A CG  1 
ATOM   622  C CD  . LYS A 1 79  ? 11.873  17.072  -6.116  1.00 47.98  ? 97  LYS A CD  1 
ATOM   623  C CE  . LYS A 1 79  ? 10.762  16.945  -7.173  1.00 51.89  ? 97  LYS A CE  1 
ATOM   624  N NZ  . LYS A 1 79  ? 11.135  15.994  -8.215  1.00 56.45  ? 97  LYS A NZ  1 
ATOM   625  N N   . THR A 1 80  ? 11.305  13.812  -3.831  1.00 23.40  ? 98  THR A N   1 
ATOM   626  C CA  . THR A 1 80  ? 11.547  12.654  -4.667  1.00 19.92  ? 98  THR A CA  1 
ATOM   627  C C   . THR A 1 80  ? 10.709  11.429  -4.289  1.00 21.24  ? 98  THR A C   1 
ATOM   628  O O   . THR A 1 80  ? 10.707  10.402  -4.986  1.00 21.72  ? 98  THR A O   1 
ATOM   629  C CB  . THR A 1 80  ? 13.037  12.394  -4.565  1.00 19.50  ? 98  THR A CB  1 
ATOM   630  O OG1 . THR A 1 80  ? 13.249  12.107  -3.200  1.00 20.02  ? 98  THR A OG1 1 
ATOM   631  C CG2 . THR A 1 80  ? 13.912  13.568  -4.929  1.00 15.12  ? 98  THR A CG2 1 
ATOM   632  N N   . LEU A 1 81  ? 10.009  11.520  -3.140  1.00 20.33  ? 99  LEU A N   1 
ATOM   633  C CA  . LEU A 1 81  ? 9.227   10.469  -2.493  1.00 16.25  ? 99  LEU A CA  1 
ATOM   634  C C   . LEU A 1 81  ? 10.150  9.319   -2.150  1.00 16.82  ? 99  LEU A C   1 
ATOM   635  O O   . LEU A 1 81  ? 9.817   8.145   -2.224  1.00 20.12  ? 99  LEU A O   1 
ATOM   636  C CB  . LEU A 1 81  ? 8.078   9.973   -3.383  1.00 12.26  ? 99  LEU A CB  1 
ATOM   637  C CG  . LEU A 1 81  ? 6.823   10.844  -3.502  1.00 11.70  ? 99  LEU A CG  1 
ATOM   638  C CD1 . LEU A 1 81  ? 5.688   10.083  -4.157  1.00 7.38   ? 99  LEU A CD1 1 
ATOM   639  C CD2 . LEU A 1 81  ? 6.335   11.213  -2.130  1.00 9.65   ? 99  LEU A CD2 1 
ATOM   640  N N   . ASN A 1 82  ? 11.391  9.635   -1.801  1.00 15.41  ? 100 ASN A N   1 
ATOM   641  C CA  . ASN A 1 82  ? 12.341  8.622   -1.404  1.00 13.71  ? 100 ASN A CA  1 
ATOM   642  C C   . ASN A 1 82  ? 12.012  8.415   0.055   1.00 14.25  ? 100 ASN A C   1 
ATOM   643  O O   . ASN A 1 82  ? 11.688  9.375   0.756   1.00 16.17  ? 100 ASN A O   1 
ATOM   644  C CB  . ASN A 1 82  ? 13.740  9.161   -1.601  1.00 12.73  ? 100 ASN A CB  1 
ATOM   645  C CG  . ASN A 1 82  ? 14.816  8.154   -1.291  1.00 19.20  ? 100 ASN A CG  1 
ATOM   646  O OD1 . ASN A 1 82  ? 14.751  6.940   -1.572  1.00 24.09  ? 100 ASN A OD1 1 
ATOM   647  N ND2 . ASN A 1 82  ? 15.868  8.636   -0.662  1.00 21.91  ? 100 ASN A ND2 1 
ATOM   648  N N   . ASN A 1 83  ? 12.041  7.172   0.497   1.00 15.59  ? 101 ASN A N   1 
ATOM   649  C CA  . ASN A 1 83  ? 11.684  6.721   1.841   1.00 16.80  ? 101 ASN A CA  1 
ATOM   650  C C   . ASN A 1 83  ? 10.229  7.044   2.119   1.00 16.83  ? 101 ASN A C   1 
ATOM   651  O O   . ASN A 1 83  ? 9.850   7.545   3.184   1.00 18.83  ? 101 ASN A O   1 
ATOM   652  C CB  . ASN A 1 83  ? 12.494  7.373   2.970   1.00 16.73  ? 101 ASN A CB  1 
ATOM   653  C CG  . ASN A 1 83  ? 13.966  7.128   2.811   1.00 20.47  ? 101 ASN A CG  1 
ATOM   654  O OD1 . ASN A 1 83  ? 14.721  8.068   2.619   1.00 24.13  ? 101 ASN A OD1 1 
ATOM   655  N ND2 . ASN A 1 83  ? 14.472  5.916   2.857   1.00 14.37  ? 101 ASN A ND2 1 
ATOM   656  N N   . ASP A 1 84  ? 9.364   6.720   1.171   1.00 13.59  ? 102 ASP A N   1 
ATOM   657  C CA  . ASP A 1 84  ? 7.971   6.973   1.372   1.00 9.04   ? 102 ASP A CA  1 
ATOM   658  C C   . ASP A 1 84  ? 7.374   5.843   2.192   1.00 11.67  ? 102 ASP A C   1 
ATOM   659  O O   . ASP A 1 84  ? 6.754   4.908   1.680   1.00 15.09  ? 102 ASP A O   1 
ATOM   660  C CB  . ASP A 1 84  ? 7.402   7.069   0.021   1.00 6.73   ? 102 ASP A CB  1 
ATOM   661  C CG  . ASP A 1 84  ? 6.011   7.605   -0.015  1.00 12.45  ? 102 ASP A CG  1 
ATOM   662  O OD1 . ASP A 1 84  ? 5.514   8.176   0.941   1.00 17.28  ? 102 ASP A OD1 1 
ATOM   663  O OD2 . ASP A 1 84  ? 5.391   7.536   -1.058  1.00 16.11  ? 102 ASP A OD2 1 
ATOM   664  N N   . ILE A 1 85  ? 7.559   5.839   3.502   1.00 10.69  ? 103 ILE A N   1 
ATOM   665  C CA  . ILE A 1 85  ? 6.993   4.802   4.365   1.00 10.13  ? 103 ILE A CA  1 
ATOM   666  C C   . ILE A 1 85  ? 6.601   5.495   5.684   1.00 12.79  ? 103 ILE A C   1 
ATOM   667  O O   . ILE A 1 85  ? 7.285   6.452   6.086   1.00 16.21  ? 103 ILE A O   1 
ATOM   668  C CB  . ILE A 1 85  ? 8.056   3.681   4.568   1.00 8.96   ? 103 ILE A CB  1 
ATOM   669  C CG1 . ILE A 1 85  ? 7.468   2.619   5.476   1.00 10.12  ? 103 ILE A CG1 1 
ATOM   670  C CG2 . ILE A 1 85  ? 9.335   4.232   5.182   1.00 8.62   ? 103 ILE A CG2 1 
ATOM   671  C CD1 . ILE A 1 85  ? 8.245   1.312   5.502   1.00 10.37  ? 103 ILE A CD1 1 
ATOM   672  N N   . MET A 1 86  ? 5.539   5.114   6.386   1.00 11.30  ? 104 MET A N   1 
ATOM   673  C CA  . MET A 1 86  ? 5.079   5.776   7.589   1.00 11.54  ? 104 MET A CA  1 
ATOM   674  C C   . MET A 1 86  ? 4.559   4.703   8.501   1.00 10.73  ? 104 MET A C   1 
ATOM   675  O O   . MET A 1 86  ? 4.091   3.691   7.978   1.00 13.64  ? 104 MET A O   1 
ATOM   676  C CB  . MET A 1 86  ? 3.995   6.698   7.185   1.00 15.54  ? 104 MET A CB  1 
ATOM   677  C CG  . MET A 1 86  ? 3.180   7.348   8.263   1.00 28.94  ? 104 MET A CG  1 
ATOM   678  S SD  . MET A 1 86  ? 1.973   8.471   7.496   1.00 50.10  ? 104 MET A SD  1 
ATOM   679  C CE  . MET A 1 86  ? 0.664   7.457   6.860   1.00 38.57  ? 104 MET A CE  1 
ATOM   680  N N   . LEU A 1 87  ? 4.585   4.821   9.815   1.00 10.55  ? 105 LEU A N   1 
ATOM   681  C CA  . LEU A 1 87  ? 4.009   3.805   10.675  1.00 7.67   ? 105 LEU A CA  1 
ATOM   682  C C   . LEU A 1 87  ? 2.878   4.435   11.438  1.00 10.34  ? 105 LEU A C   1 
ATOM   683  O O   . LEU A 1 87  ? 2.987   5.601   11.787  1.00 16.10  ? 105 LEU A O   1 
ATOM   684  C CB  . LEU A 1 87  ? 5.057   3.329   11.586  1.00 4.66   ? 105 LEU A CB  1 
ATOM   685  C CG  . LEU A 1 87  ? 5.978   2.263   10.980  1.00 8.95   ? 105 LEU A CG  1 
ATOM   686  C CD1 . LEU A 1 87  ? 7.083   1.844   11.944  1.00 5.64   ? 105 LEU A CD1 1 
ATOM   687  C CD2 . LEU A 1 87  ? 5.144   1.022   10.678  1.00 10.21  ? 105 LEU A CD2 1 
ATOM   688  N N   . ILE A 1 88  ? 1.751   3.824   11.724  1.00 11.06  ? 106 ILE A N   1 
ATOM   689  C CA  . ILE A 1 88  ? 0.655   4.460   12.442  1.00 12.02  ? 106 ILE A CA  1 
ATOM   690  C C   . ILE A 1 88  ? 0.428   3.574   13.651  1.00 13.15  ? 106 ILE A C   1 
ATOM   691  O O   . ILE A 1 88  ? 0.211   2.376   13.462  1.00 17.45  ? 106 ILE A O   1 
ATOM   692  C CB  . ILE A 1 88  ? -0.605  4.491   11.532  1.00 9.41   ? 106 ILE A CB  1 
ATOM   693  C CG1 . ILE A 1 88  ? -0.411  5.537   10.454  1.00 6.09   ? 106 ILE A CG1 1 
ATOM   694  C CG2 . ILE A 1 88  ? -1.859  4.698   12.372  1.00 5.85   ? 106 ILE A CG2 1 
ATOM   695  C CD1 . ILE A 1 88  ? -1.587  5.433   9.494   1.00 7.57   ? 106 ILE A CD1 1 
ATOM   696  N N   . LYS A 1 89  ? 0.481   4.033   14.886  1.00 13.62  ? 107 LYS A N   1 
ATOM   697  C CA  . LYS A 1 89  ? 0.150   3.184   16.018  1.00 9.87   ? 107 LYS A CA  1 
ATOM   698  C C   . LYS A 1 89  ? -1.314  3.431   16.279  1.00 9.69   ? 107 LYS A C   1 
ATOM   699  O O   . LYS A 1 89  ? -1.676  4.595   16.382  1.00 12.42  ? 107 LYS A O   1 
ATOM   700  C CB  . LYS A 1 89  ? 0.977   3.607   17.183  1.00 8.99   ? 107 LYS A CB  1 
ATOM   701  C CG  . LYS A 1 89  ? 0.646   2.748   18.341  1.00 8.72   ? 107 LYS A CG  1 
ATOM   702  C CD  . LYS A 1 89  ? 1.532   3.206   19.453  1.00 14.75  ? 107 LYS A CD  1 
ATOM   703  C CE  . LYS A 1 89  ? 1.108   2.256   20.554  1.00 21.66  ? 107 LYS A CE  1 
ATOM   704  N NZ  . LYS A 1 89  ? 1.920   2.402   21.747  1.00 23.51  ? 107 LYS A NZ  1 
ATOM   705  N N   . LEU A 1 90  ? -2.202  2.449   16.395  1.00 12.17  ? 108 LEU A N   1 
ATOM   706  C CA  . LEU A 1 90  ? -3.636  2.638   16.620  1.00 11.33  ? 108 LEU A CA  1 
ATOM   707  C C   . LEU A 1 90  ? -3.875  3.032   18.055  1.00 14.47  ? 108 LEU A C   1 
ATOM   708  O O   . LEU A 1 90  ? -3.023  2.743   18.896  1.00 18.27  ? 108 LEU A O   1 
ATOM   709  C CB  . LEU A 1 90  ? -4.362  1.344   16.298  1.00 5.97   ? 108 LEU A CB  1 
ATOM   710  C CG  . LEU A 1 90  ? -4.099  0.831   14.882  1.00 6.76   ? 108 LEU A CG  1 
ATOM   711  C CD1 . LEU A 1 90  ? -4.910  -0.391  14.568  1.00 2.00   ? 108 LEU A CD1 1 
ATOM   712  C CD2 . LEU A 1 90  ? -4.474  1.937   13.923  1.00 4.81   ? 108 LEU A CD2 1 
ATOM   713  N N   . SER A 1 91  ? -4.952  3.711   18.411  1.00 16.52  ? 109 SER A N   1 
ATOM   714  C CA  . SER A 1 91  ? -5.105  4.095   19.791  1.00 20.20  ? 109 SER A CA  1 
ATOM   715  C C   . SER A 1 91  ? -5.473  2.927   20.687  1.00 22.97  ? 109 SER A C   1 
ATOM   716  O O   . SER A 1 91  ? -5.474  3.083   21.902  1.00 28.25  ? 109 SER A O   1 
ATOM   717  C CB  . SER A 1 91  ? -6.130  5.221   19.872  1.00 20.39  ? 109 SER A CB  1 
ATOM   718  O OG  . SER A 1 91  ? -7.328  4.939   19.175  1.00 29.91  ? 109 SER A OG  1 
ATOM   719  N N   . SER A 1 92  ? -5.813  1.757   20.165  1.00 23.91  ? 110 SER A N   1 
ATOM   720  C CA  . SER A 1 92  ? -6.042  0.581   20.964  1.00 24.90  ? 110 SER A CA  1 
ATOM   721  C C   . SER A 1 92  ? -5.877  -0.562  19.993  1.00 25.81  ? 110 SER A C   1 
ATOM   722  O O   . SER A 1 92  ? -6.052  -0.396  18.780  1.00 26.82  ? 110 SER A O   1 
ATOM   723  C CB  . SER A 1 92  ? -7.432  0.607   21.533  1.00 26.57  ? 110 SER A CB  1 
ATOM   724  O OG  . SER A 1 92  ? -8.304  1.089   20.530  1.00 36.72  ? 110 SER A OG  1 
ATOM   725  N N   . PRO A 1 93  ? -5.488  -1.726  20.486  1.00 25.35  ? 111 PRO A N   1 
ATOM   726  C CA  . PRO A 1 93  ? -5.355  -2.886  19.609  1.00 25.13  ? 111 PRO A CA  1 
ATOM   727  C C   . PRO A 1 93  ? -6.658  -3.327  18.952  1.00 25.97  ? 111 PRO A C   1 
ATOM   728  O O   . PRO A 1 93  ? -7.744  -3.060  19.489  1.00 29.23  ? 111 PRO A O   1 
ATOM   729  C CB  . PRO A 1 93  ? -4.734  -3.930  20.491  1.00 22.97  ? 111 PRO A CB  1 
ATOM   730  C CG  . PRO A 1 93  ? -5.138  -3.501  21.868  1.00 24.72  ? 111 PRO A CG  1 
ATOM   731  C CD  . PRO A 1 93  ? -4.943  -2.009  21.798  1.00 24.12  ? 111 PRO A CD  1 
ATOM   732  N N   . VAL A 1 94  ? -6.613  -3.959  17.778  1.00 24.51  ? 112 VAL A N   1 
ATOM   733  C CA  . VAL A 1 94  ? -7.849  -4.363  17.114  1.00 22.95  ? 112 VAL A CA  1 
ATOM   734  C C   . VAL A 1 94  ? -8.117  -5.826  17.420  1.00 21.86  ? 112 VAL A C   1 
ATOM   735  O O   . VAL A 1 94  ? -7.236  -6.490  17.931  1.00 21.28  ? 112 VAL A O   1 
ATOM   736  C CB  . VAL A 1 94  ? -7.755  -4.181  15.609  1.00 20.36  ? 112 VAL A CB  1 
ATOM   737  C CG1 . VAL A 1 94  ? -7.793  -2.711  15.294  1.00 19.97  ? 112 VAL A CG1 1 
ATOM   738  C CG2 . VAL A 1 94  ? -6.480  -4.814  15.092  1.00 22.33  ? 112 VAL A CG2 1 
ATOM   739  N N   . LYS A 1 95  ? -9.287  -6.365  17.131  1.00 22.51  ? 113 LYS A N   1 
ATOM   740  C CA  . LYS A 1 95  ? -9.638  -7.752  17.374  1.00 24.64  ? 113 LYS A CA  1 
ATOM   741  C C   . LYS A 1 95  ? -9.226  -8.491  16.105  1.00 22.19  ? 113 LYS A C   1 
ATOM   742  O O   . LYS A 1 95  ? -9.760  -8.266  15.017  1.00 23.44  ? 113 LYS A O   1 
ATOM   743  C CB  . LYS A 1 95  ? -11.139 -7.754  17.638  1.00 28.17  ? 113 LYS A CB  1 
ATOM   744  C CG  . LYS A 1 95  ? -11.778 -9.120  17.896  1.00 40.69  ? 113 LYS A CG  1 
ATOM   745  C CD  . LYS A 1 95  ? -13.309 -9.028  18.121  1.00 46.93  ? 113 LYS A CD  1 
ATOM   746  C CE  . LYS A 1 95  ? -13.703 -8.114  19.307  1.00 51.79  ? 113 LYS A CE  1 
ATOM   747  N NZ  . LYS A 1 95  ? -15.098 -8.270  19.705  1.00 53.60  ? 113 LYS A NZ  1 
ATOM   748  N N   . LEU A 1 96  ? -8.192  -9.302  16.177  1.00 22.29  ? 114 LEU A N   1 
ATOM   749  C CA  . LEU A 1 96  ? -7.696  -9.989  14.994  1.00 22.70  ? 114 LEU A CA  1 
ATOM   750  C C   . LEU A 1 96  ? -8.627  -11.146 14.781  1.00 25.30  ? 114 LEU A C   1 
ATOM   751  O O   . LEU A 1 96  ? -9.020  -11.751 15.766  1.00 28.44  ? 114 LEU A O   1 
ATOM   752  C CB  . LEU A 1 96  ? -6.257  -10.470 15.219  1.00 16.13  ? 114 LEU A CB  1 
ATOM   753  C CG  . LEU A 1 96  ? -5.194  -9.370  15.383  1.00 15.99  ? 114 LEU A CG  1 
ATOM   754  C CD1 . LEU A 1 96  ? -3.868  -9.960  15.803  1.00 14.67  ? 114 LEU A CD1 1 
ATOM   755  C CD2 . LEU A 1 96  ? -5.024  -8.628  14.077  1.00 9.79   ? 114 LEU A CD2 1 
ATOM   756  N N   . ASN A 1 97  ? -9.080  -11.480 13.589  1.00 27.77  ? 115 ASN A N   1 
ATOM   757  C CA  . ASN A 1 97  ? -9.986  -12.594 13.375  1.00 31.37  ? 115 ASN A CA  1 
ATOM   758  C C   . ASN A 1 97  ? -9.965  -12.970 11.909  1.00 32.72  ? 115 ASN A C   1 
ATOM   759  O O   . ASN A 1 97  ? -9.025  -12.622 11.217  1.00 35.78  ? 115 ASN A O   1 
ATOM   760  C CB  . ASN A 1 97  ? -11.409 -12.229 13.778  1.00 33.80  ? 115 ASN A CB  1 
ATOM   761  C CG  . ASN A 1 97  ? -11.908 -10.956 13.158  1.00 38.76  ? 115 ASN A CG  1 
ATOM   762  O OD1 . ASN A 1 97  ? -12.069 -9.950  13.815  1.00 46.61  ? 115 ASN A OD1 1 
ATOM   763  N ND2 . ASN A 1 97  ? -12.186 -10.922 11.873  1.00 39.73  ? 115 ASN A ND2 1 
ATOM   764  N N   . ALA A 1 98  ? -10.958 -13.634 11.317  1.00 33.14  ? 116 ALA A N   1 
ATOM   765  C CA  . ALA A 1 98  ? -10.879 -14.048 9.923   1.00 33.24  ? 116 ALA A CA  1 
ATOM   766  C C   . ALA A 1 98  ? -10.723 -12.893 8.957   1.00 31.98  ? 116 ALA A C   1 
ATOM   767  O O   . ALA A 1 98  ? -9.874  -12.882 8.076   1.00 36.77  ? 116 ALA A O   1 
ATOM   768  C CB  . ALA A 1 98  ? -12.135 -14.831 9.523   1.00 35.27  ? 116 ALA A CB  1 
ATOM   769  N N   . ARG A 1 99  ? -11.523 -11.863 9.155   1.00 28.30  ? 117 ARG A N   1 
ATOM   770  C CA  . ARG A 1 99  ? -11.472 -10.772 8.229   1.00 25.66  ? 117 ARG A CA  1 
ATOM   771  C C   . ARG A 1 99  ? -10.541 -9.685  8.663   1.00 20.93  ? 117 ARG A C   1 
ATOM   772  O O   . ARG A 1 99  ? -10.480 -8.680  7.974   1.00 22.90  ? 117 ARG A O   1 
ATOM   773  C CB  . ARG A 1 99  ? -12.874 -10.198 7.996   1.00 30.50  ? 117 ARG A CB  1 
ATOM   774  C CG  . ARG A 1 99  ? -14.035 -10.376 8.952   1.00 38.69  ? 117 ARG A CG  1 
ATOM   775  C CD  . ARG A 1 99  ? -14.498 -11.816 9.047   1.00 46.11  ? 117 ARG A CD  1 
ATOM   776  N NE  . ARG A 1 99  ? -15.862 -11.978 8.604   1.00 52.98  ? 117 ARG A NE  1 
ATOM   777  C CZ  . ARG A 1 99  ? -16.180 -12.098 7.311   1.00 57.15  ? 117 ARG A CZ  1 
ATOM   778  N NH1 . ARG A 1 99  ? -15.209 -12.058 6.376   1.00 60.68  ? 117 ARG A NH1 1 
ATOM   779  N NH2 . ARG A 1 99  ? -17.472 -12.292 6.977   1.00 60.85  ? 117 ARG A NH2 1 
ATOM   780  N N   . VAL A 1 100 ? -9.784  -9.798  9.746   1.00 18.42  ? 118 VAL A N   1 
ATOM   781  C CA  . VAL A 1 100 ? -8.868  -8.736  10.155  1.00 14.82  ? 118 VAL A CA  1 
ATOM   782  C C   . VAL A 1 100 ? -7.630  -9.484  10.625  1.00 14.11  ? 118 VAL A C   1 
ATOM   783  O O   . VAL A 1 100 ? -7.653  -10.086 11.694  1.00 16.17  ? 118 VAL A O   1 
ATOM   784  C CB  . VAL A 1 100 ? -9.466  -7.881  11.298  1.00 13.15  ? 118 VAL A CB  1 
ATOM   785  C CG1 . VAL A 1 100 ? -8.457  -6.821  11.667  1.00 14.42  ? 118 VAL A CG1 1 
ATOM   786  C CG2 . VAL A 1 100 ? -10.713 -7.125  10.881  1.00 7.69   ? 118 VAL A CG2 1 
ATOM   787  N N   . ALA A 1 101 ? -6.538  -9.491  9.874   1.00 10.04  ? 119 ALA A N   1 
ATOM   788  C CA  . ALA A 1 101 ? -5.375  -10.233 10.253  1.00 11.46  ? 119 ALA A CA  1 
ATOM   789  C C   . ALA A 1 101 ? -4.165  -9.462  9.777   1.00 14.07  ? 119 ALA A C   1 
ATOM   790  O O   . ALA A 1 101 ? -4.235  -8.554  8.959   1.00 16.74  ? 119 ALA A O   1 
ATOM   791  C CB  . ALA A 1 101 ? -5.409  -11.587 9.584   1.00 6.01   ? 119 ALA A CB  1 
ATOM   792  N N   . THR A 1 102 ? -3.046  -9.867  10.304  1.00 14.69  ? 120 THR A N   1 
ATOM   793  C CA  . THR A 1 102 ? -1.723  -9.360  10.018  1.00 14.99  ? 120 THR A CA  1 
ATOM   794  C C   . THR A 1 102 ? -1.100  -9.836  8.697   1.00 13.66  ? 120 THR A C   1 
ATOM   795  O O   . THR A 1 102 ? -1.394  -10.938 8.215   1.00 13.73  ? 120 THR A O   1 
ATOM   796  C CB  . THR A 1 102 ? -1.000  -9.788  11.300  1.00 15.15  ? 120 THR A CB  1 
ATOM   797  O OG1 . THR A 1 102 ? -1.112  -8.656  12.150  1.00 24.44  ? 120 THR A OG1 1 
ATOM   798  C CG2 . THR A 1 102 ? 0.370   -10.300 11.107  1.00 18.30  ? 120 THR A CG2 1 
ATOM   799  N N   . VAL A 1 103 ? -0.219  -9.029  8.101   1.00 10.28  ? 121 VAL A N   1 
ATOM   800  C CA  . VAL A 1 103 ? 0.647   -9.514  7.062   1.00 7.99   ? 121 VAL A CA  1 
ATOM   801  C C   . VAL A 1 103 ? 2.090   -9.431  7.583   1.00 10.35  ? 121 VAL A C   1 
ATOM   802  O O   . VAL A 1 103 ? 2.461   -8.504  8.309   1.00 14.65  ? 121 VAL A O   1 
ATOM   803  C CB  . VAL A 1 103 ? 0.447   -8.675  5.797   1.00 5.01   ? 121 VAL A CB  1 
ATOM   804  C CG1 . VAL A 1 103 ? 0.825   -7.210  6.031   1.00 3.37   ? 121 VAL A CG1 1 
ATOM   805  C CG2 . VAL A 1 103 ? 1.238   -9.342  4.685   1.00 2.00   ? 121 VAL A CG2 1 
ATOM   806  N N   . ALA A 1 104 ? 2.897   -10.428 7.240   1.00 10.44  ? 122 ALA A N   1 
ATOM   807  C CA  . ALA A 1 104 ? 4.294   -10.582 7.604   1.00 9.55   ? 122 ALA A CA  1 
ATOM   808  C C   . ALA A 1 104 ? 5.219   -9.567  6.954   1.00 11.48  ? 122 ALA A C   1 
ATOM   809  O O   . ALA A 1 104 ? 5.014   -9.180  5.808   1.00 15.79  ? 122 ALA A O   1 
ATOM   810  C CB  . ALA A 1 104 ? 4.807   -11.952 7.182   1.00 7.16   ? 122 ALA A CB  1 
ATOM   811  N N   . LEU A 1 105 ? 6.277   -9.131  7.617   1.00 10.98  ? 123 LEU A N   1 
ATOM   812  C CA  . LEU A 1 105 ? 7.275   -8.278  7.055   1.00 9.49   ? 123 LEU A CA  1 
ATOM   813  C C   . LEU A 1 105 ? 8.196   -9.192  6.293   1.00 12.36  ? 123 LEU A C   1 
ATOM   814  O O   . LEU A 1 105 ? 8.177   -10.401 6.531   1.00 15.23  ? 123 LEU A O   1 
ATOM   815  C CB  . LEU A 1 105 ? 8.003   -7.597  8.147   1.00 7.74   ? 123 LEU A CB  1 
ATOM   816  C CG  . LEU A 1 105 ? 7.202   -6.522  8.819   1.00 14.01  ? 123 LEU A CG  1 
ATOM   817  C CD1 . LEU A 1 105 ? 8.064   -5.977  9.936   1.00 14.32  ? 123 LEU A CD1 1 
ATOM   818  C CD2 . LEU A 1 105 ? 6.851   -5.382  7.866   1.00 11.96  ? 123 LEU A CD2 1 
ATOM   819  N N   . PRO A 1 106 ? 8.970   -8.684  5.326   1.00 16.91  ? 124 PRO A N   1 
ATOM   820  C CA  . PRO A 1 106 ? 9.768   -9.576  4.480   1.00 17.79  ? 124 PRO A CA  1 
ATOM   821  C C   . PRO A 1 106 ? 10.971  -10.230 5.149   1.00 21.97  ? 124 PRO A C   1 
ATOM   822  O O   . PRO A 1 106 ? 11.664  -9.601  5.953   1.00 26.25  ? 124 PRO A O   1 
ATOM   823  C CB  . PRO A 1 106 ? 10.196  -8.723  3.289   1.00 14.29  ? 124 PRO A CB  1 
ATOM   824  C CG  . PRO A 1 106 ? 10.143  -7.333  3.802   1.00 16.10  ? 124 PRO A CG  1 
ATOM   825  C CD  . PRO A 1 106 ? 8.889   -7.382  4.661   1.00 12.60  ? 124 PRO A CD  1 
ATOM   826  N N   . SER A 1 107 ? 11.268  -11.484 4.863   1.00 22.38  ? 125 SER A N   1 
ATOM   827  C CA  . SER A 1 107 ? 12.516  -12.057 5.303   1.00 23.54  ? 125 SER A CA  1 
ATOM   828  C C   . SER A 1 107 ? 13.595  -11.713 4.307   1.00 26.23  ? 125 SER A C   1 
ATOM   829  O O   . SER A 1 107 ? 14.739  -11.878 4.678   1.00 32.52  ? 125 SER A O   1 
ATOM   830  C CB  . SER A 1 107 ? 12.416  -13.532 5.370   1.00 23.83  ? 125 SER A CB  1 
ATOM   831  O OG  . SER A 1 107 ? 11.290  -13.747 6.194   1.00 36.31  ? 125 SER A OG  1 
ATOM   832  N N   . SER A 1 108 ? 13.391  -11.274 3.059   1.00 25.81  ? 127 SER A N   1 
ATOM   833  C CA  . SER A 1 108 ? 14.475  -10.929 2.136   1.00 24.39  ? 127 SER A CA  1 
ATOM   834  C C   . SER A 1 108 ? 13.859  -10.059 1.041   1.00 23.49  ? 127 SER A C   1 
ATOM   835  O O   . SER A 1 108 ? 12.633  -9.996  1.000   1.00 21.22  ? 127 SER A O   1 
ATOM   836  C CB  . SER A 1 108 ? 15.031  -12.206 1.519   1.00 24.33  ? 127 SER A CB  1 
ATOM   837  O OG  . SER A 1 108 ? 14.014  -12.941 0.826   1.00 29.97  ? 127 SER A OG  1 
ATOM   838  N N   . CYS A 1 109 ? 14.571  -9.424  0.113   1.00 22.98  ? 128 CYS A N   1 
ATOM   839  C CA  . CYS A 1 109 ? 13.944  -8.673  -0.966  1.00 27.16  ? 128 CYS A CA  1 
ATOM   840  C C   . CYS A 1 109 ? 13.505  -9.599  -2.053  1.00 26.19  ? 128 CYS A C   1 
ATOM   841  O O   . CYS A 1 109 ? 14.347  -10.344 -2.538  1.00 29.55  ? 128 CYS A O   1 
ATOM   842  C CB  . CYS A 1 109 ? 14.887  -7.698  -1.587  1.00 33.57  ? 128 CYS A CB  1 
ATOM   843  S SG  . CYS A 1 109 ? 15.333  -6.485  -0.314  1.00 55.68  ? 128 CYS A SG  1 
ATOM   844  N N   . ALA A 1 110 ? 12.246  -9.563  -2.485  1.00 22.41  ? 129 ALA A N   1 
ATOM   845  C CA  . ALA A 1 110 ? 11.758  -10.499 -3.482  1.00 18.77  ? 129 ALA A CA  1 
ATOM   846  C C   . ALA A 1 110 ? 12.498  -10.366 -4.809  1.00 19.29  ? 129 ALA A C   1 
ATOM   847  O O   . ALA A 1 110 ? 12.877  -9.227  -5.135  1.00 22.68  ? 129 ALA A O   1 
ATOM   848  C CB  . ALA A 1 110 ? 10.281  -10.255 -3.702  1.00 15.16  ? 129 ALA A CB  1 
ATOM   849  N N   . PRO A 1 111 ? 12.754  -11.447 -5.577  1.00 16.63  ? 130 PRO A N   1 
ATOM   850  C CA  . PRO A 1 111 ? 13.428  -11.275 -6.863  1.00 16.00  ? 130 PRO A CA  1 
ATOM   851  C C   . PRO A 1 111 ? 12.521  -10.711 -7.956  1.00 14.42  ? 130 PRO A C   1 
ATOM   852  O O   . PRO A 1 111 ? 11.294  -10.832 -7.898  1.00 16.00  ? 130 PRO A O   1 
ATOM   853  C CB  . PRO A 1 111 ? 13.979  -12.672 -7.202  1.00 15.60  ? 130 PRO A CB  1 
ATOM   854  C CG  . PRO A 1 111 ? 12.921  -13.599 -6.705  1.00 15.29  ? 130 PRO A CG  1 
ATOM   855  C CD  . PRO A 1 111 ? 12.584  -12.898 -5.374  1.00 17.95  ? 130 PRO A CD  1 
ATOM   856  N N   . ALA A 1 112 ? 13.056  -10.058 -8.977  1.00 11.32  ? 132 ALA A N   1 
ATOM   857  C CA  . ALA A 1 112 ? 12.292  -9.650  -10.137 1.00 9.55   ? 132 ALA A CA  1 
ATOM   858  C C   . ALA A 1 112 ? 11.637  -10.918 -10.695 1.00 11.99  ? 132 ALA A C   1 
ATOM   859  O O   . ALA A 1 112 ? 12.263  -11.988 -10.634 1.00 14.11  ? 132 ALA A O   1 
ATOM   860  C CB  . ALA A 1 112 ? 13.237  -9.112  -11.132 1.00 10.62  ? 132 ALA A CB  1 
ATOM   861  N N   . GLY A 1 113 ? 10.400  -10.897 -11.167 1.00 11.17  ? 133 GLY A N   1 
ATOM   862  C CA  . GLY A 1 113 ? 9.756   -12.108 -11.632 1.00 11.32  ? 133 GLY A CA  1 
ATOM   863  C C   . GLY A 1 113 ? 8.780   -12.634 -10.591 1.00 12.93  ? 133 GLY A C   1 
ATOM   864  O O   . GLY A 1 113 ? 7.956   -13.472 -10.932 1.00 17.44  ? 133 GLY A O   1 
ATOM   865  N N   . THR A 1 114 ? 8.796   -12.237 -9.312  1.00 13.96  ? 134 THR A N   1 
ATOM   866  C CA  . THR A 1 114 ? 7.852   -12.684 -8.288  1.00 12.53  ? 134 THR A CA  1 
ATOM   867  C C   . THR A 1 114 ? 6.467   -12.133 -8.596  1.00 14.92  ? 134 THR A C   1 
ATOM   868  O O   . THR A 1 114 ? 6.387   -10.966 -9.010  1.00 16.37  ? 134 THR A O   1 
ATOM   869  C CB  . THR A 1 114 ? 8.292   -12.162 -6.927  1.00 11.84  ? 134 THR A CB  1 
ATOM   870  O OG1 . THR A 1 114 ? 9.628   -12.600 -6.708  1.00 16.14  ? 134 THR A OG1 1 
ATOM   871  C CG2 . THR A 1 114 ? 7.472   -12.701 -5.808  1.00 11.40  ? 134 THR A CG2 1 
ATOM   872  N N   . GLN A 1 115 ? 5.382   -12.909 -8.412  1.00 15.60  ? 135 GLN A N   1 
ATOM   873  C CA  . GLN A 1 115 ? 4.028   -12.387 -8.595  1.00 17.05  ? 135 GLN A CA  1 
ATOM   874  C C   . GLN A 1 115 ? 3.555   -11.925 -7.257  1.00 15.29  ? 135 GLN A C   1 
ATOM   875  O O   . GLN A 1 115 ? 3.758   -12.629 -6.265  1.00 16.01  ? 135 GLN A O   1 
ATOM   876  C CB  . GLN A 1 115 ? 3.029   -13.416 -9.052  1.00 21.52  ? 135 GLN A CB  1 
ATOM   877  C CG  . GLN A 1 115 ? 3.050   -13.678 -10.563 1.00 34.99  ? 135 GLN A CG  1 
ATOM   878  C CD  . GLN A 1 115 ? 2.332   -12.653 -11.443 1.00 40.70  ? 135 GLN A CD  1 
ATOM   879  O OE1 . GLN A 1 115 ? 2.865   -12.236 -12.477 1.00 48.75  ? 135 GLN A OE1 1 
ATOM   880  N NE2 . GLN A 1 115 ? 1.118   -12.204 -11.125 1.00 41.90  ? 135 GLN A NE2 1 
ATOM   881  N N   . CYS A 1 116 ? 2.913   -10.780 -7.285  1.00 13.75  ? 136 CYS A N   1 
ATOM   882  C CA  . CYS A 1 116 ? 2.459   -10.115 -6.098  1.00 14.56  ? 136 CYS A CA  1 
ATOM   883  C C   . CYS A 1 116 ? 1.010   -9.762  -6.223  1.00 12.95  ? 136 CYS A C   1 
ATOM   884  O O   . CYS A 1 116 ? 0.456   -9.794  -7.328  1.00 14.18  ? 136 CYS A O   1 
ATOM   885  C CB  . CYS A 1 116 ? 3.251   -8.863  -5.925  1.00 24.84  ? 136 CYS A CB  1 
ATOM   886  S SG  . CYS A 1 116 ? 5.036   -9.181  -5.746  1.00 44.84  ? 136 CYS A SG  1 
ATOM   887  N N   . LEU A 1 117 ? 0.379   -9.394  -5.116  1.00 10.43  ? 137 LEU A N   1 
ATOM   888  C CA  . LEU A 1 117 ? -0.995  -8.940  -5.118  1.00 9.85   ? 137 LEU A CA  1 
ATOM   889  C C   . LEU A 1 117 ? -1.024  -7.519  -4.607  1.00 9.85   ? 137 LEU A C   1 
ATOM   890  O O   . LEU A 1 117 ? -0.512  -7.259  -3.508  1.00 12.41  ? 137 LEU A O   1 
ATOM   891  C CB  . LEU A 1 117 ? -1.887  -9.741  -4.189  1.00 7.49   ? 137 LEU A CB  1 
ATOM   892  C CG  . LEU A 1 117 ? -3.352  -9.292  -4.045  1.00 7.32   ? 137 LEU A CG  1 
ATOM   893  C CD1 . LEU A 1 117 ? -4.101  -9.378  -5.356  1.00 3.03   ? 137 LEU A CD1 1 
ATOM   894  C CD2 . LEU A 1 117 ? -3.987  -10.196 -2.991  1.00 8.55   ? 137 LEU A CD2 1 
ATOM   895  N N   . ILE A 1 118 ? -1.687  -6.625  -5.322  1.00 7.73   ? 138 ILE A N   1 
ATOM   896  C CA  . ILE A 1 118 ? -1.785  -5.220  -4.919  1.00 4.16   ? 138 ILE A CA  1 
ATOM   897  C C   . ILE A 1 118 ? -3.260  -4.997  -4.715  1.00 4.65   ? 138 ILE A C   1 
ATOM   898  O O   . ILE A 1 118 ? -4.045  -5.602  -5.466  1.00 6.50   ? 138 ILE A O   1 
ATOM   899  C CB  . ILE A 1 118 ? -1.223  -4.303  -6.060  1.00 3.44   ? 138 ILE A CB  1 
ATOM   900  C CG1 . ILE A 1 118 ? 0.155   -4.812  -6.480  1.00 2.00   ? 138 ILE A CG1 1 
ATOM   901  C CG2 . ILE A 1 118 ? -1.147  -2.839  -5.581  1.00 2.00   ? 138 ILE A CG2 1 
ATOM   902  C CD1 . ILE A 1 118 ? 0.642   -4.232  -7.785  1.00 9.05   ? 138 ILE A CD1 1 
ATOM   903  N N   . SER A 1 119 ? -3.712  -4.190  -3.762  1.00 4.18   ? 139 SER A N   1 
ATOM   904  C CA  . SER A 1 119 ? -5.155  -4.026  -3.591  1.00 3.80   ? 139 SER A CA  1 
ATOM   905  C C   . SER A 1 119 ? -5.492  -2.615  -3.167  1.00 6.56   ? 139 SER A C   1 
ATOM   906  O O   . SER A 1 119 ? -4.577  -1.883  -2.726  1.00 8.98   ? 139 SER A O   1 
ATOM   907  C CB  . SER A 1 119 ? -5.632  -5.027  -2.554  1.00 3.26   ? 139 SER A CB  1 
ATOM   908  O OG  . SER A 1 119 ? -4.688  -5.137  -1.477  1.00 7.33   ? 139 SER A OG  1 
ATOM   909  N N   . GLY A 1 120 ? -6.739  -2.151  -3.283  1.00 6.74   ? 140 GLY A N   1 
ATOM   910  C CA  . GLY A 1 120 ? -7.012  -0.830  -2.734  1.00 4.72   ? 140 GLY A CA  1 
ATOM   911  C C   . GLY A 1 120 ? -8.317  -0.290  -3.246  1.00 4.81   ? 140 GLY A C   1 
ATOM   912  O O   . GLY A 1 120 ? -8.936  -0.928  -4.083  1.00 3.11   ? 140 GLY A O   1 
ATOM   913  N N   . TRP A 1 121 ? -8.773  0.833   -2.718  1.00 3.27   ? 141 TRP A N   1 
ATOM   914  C CA  . TRP A 1 121 ? -10.004 1.398   -3.211  1.00 5.35   ? 141 TRP A CA  1 
ATOM   915  C C   . TRP A 1 121 ? -9.623  2.626   -4.033  1.00 5.83   ? 141 TRP A C   1 
ATOM   916  O O   . TRP A 1 121 ? -10.384 3.582   -4.133  1.00 8.95   ? 141 TRP A O   1 
ATOM   917  C CB  . TRP A 1 121 ? -10.901 1.746   -2.006  1.00 3.20   ? 141 TRP A CB  1 
ATOM   918  C CG  . TRP A 1 121 ? -11.383 0.573   -1.134  1.00 3.95   ? 141 TRP A CG  1 
ATOM   919  C CD1 . TRP A 1 121 ? -12.573 -0.067  -1.403  1.00 7.16   ? 141 TRP A CD1 1 
ATOM   920  C CD2 . TRP A 1 121 ? -10.780 0.055   0.009   1.00 4.40   ? 141 TRP A CD2 1 
ATOM   921  N NE1 . TRP A 1 121 ? -12.725 -0.980  -0.452  1.00 5.60   ? 141 TRP A NE1 1 
ATOM   922  C CE2 . TRP A 1 121 ? -11.686 -0.947  0.401   1.00 4.13   ? 141 TRP A CE2 1 
ATOM   923  C CE3 . TRP A 1 121 ? -9.622  0.273   0.744   1.00 2.92   ? 141 TRP A CE3 1 
ATOM   924  C CZ2 . TRP A 1 121 ? -11.453 -1.722  1.521   1.00 2.01   ? 141 TRP A CZ2 1 
ATOM   925  C CZ3 . TRP A 1 121 ? -9.395  -0.495  1.862   1.00 2.24   ? 141 TRP A CZ3 1 
ATOM   926  C CH2 . TRP A 1 121 ? -10.288 -1.482  2.252   1.00 4.47   ? 141 TRP A CH2 1 
ATOM   927  N N   . GLY A 1 122 ? -8.452  2.674   -4.662  1.00 4.27   ? 142 GLY A N   1 
ATOM   928  C CA  . GLY A 1 122 ? -7.996  3.805   -5.434  1.00 3.36   ? 142 GLY A CA  1 
ATOM   929  C C   . GLY A 1 122 ? -8.605  3.914   -6.790  1.00 5.50   ? 142 GLY A C   1 
ATOM   930  O O   . GLY A 1 122 ? -9.413  3.081   -7.181  1.00 8.39   ? 142 GLY A O   1 
ATOM   931  N N   . ASN A 1 123 ? -8.236  4.956   -7.516  1.00 5.59   ? 143 ASN A N   1 
ATOM   932  C CA  . ASN A 1 123 ? -8.793  5.274   -8.809  1.00 3.92   ? 143 ASN A CA  1 
ATOM   933  C C   . ASN A 1 123 ? -8.841  4.072   -9.757  1.00 6.67   ? 143 ASN A C   1 
ATOM   934  O O   . ASN A 1 123 ? -7.791  3.439   -9.908  1.00 10.65  ? 143 ASN A O   1 
ATOM   935  C CB  . ASN A 1 123 ? -7.929  6.404   -9.363  1.00 2.00   ? 143 ASN A CB  1 
ATOM   936  C CG  . ASN A 1 123 ? -8.423  6.904   -10.707 1.00 7.91   ? 143 ASN A CG  1 
ATOM   937  O OD1 . ASN A 1 123 ? -9.516  6.547   -11.188 1.00 9.91   ? 143 ASN A OD1 1 
ATOM   938  N ND2 . ASN A 1 123 ? -7.663  7.744   -11.395 1.00 5.25   ? 143 ASN A ND2 1 
ATOM   939  N N   . THR A 1 124 ? -9.970  3.681   -10.410 1.00 8.60   ? 144 THR A N   1 
ATOM   940  C CA  . THR A 1 124 ? -9.942  2.559   -11.329 1.00 8.00   ? 144 THR A CA  1 
ATOM   941  C C   . THR A 1 124 ? -9.788  2.962   -12.799 1.00 10.30  ? 144 THR A C   1 
ATOM   942  O O   . THR A 1 124 ? -9.948  2.043   -13.607 1.00 16.24  ? 144 THR A O   1 
ATOM   943  C CB  . THR A 1 124 ? -11.243 1.670   -11.182 1.00 8.37   ? 144 THR A CB  1 
ATOM   944  O OG1 . THR A 1 124 ? -12.342 2.484   -11.559 1.00 9.37   ? 144 THR A OG1 1 
ATOM   945  C CG2 . THR A 1 124 ? -11.482 1.149   -9.761  1.00 2.00   ? 144 THR A CG2 1 
ATOM   946  N N   . LEU A 1 125 ? -9.502  4.202   -13.267 1.00 8.09   ? 145 LEU A N   1 
ATOM   947  C CA  . LEU A 1 125 ? -9.454  4.546   -14.691 1.00 6.97   ? 145 LEU A CA  1 
ATOM   948  C C   . LEU A 1 125 ? -8.068  5.002   -15.107 1.00 7.57   ? 145 LEU A C   1 
ATOM   949  O O   . LEU A 1 125 ? -7.377  5.594   -14.273 1.00 11.12  ? 145 LEU A O   1 
ATOM   950  C CB  . LEU A 1 125 ? -10.398 5.680   -15.009 1.00 2.00   ? 145 LEU A CB  1 
ATOM   951  C CG  . LEU A 1 125 ? -11.843 5.463   -14.685 1.00 5.67   ? 145 LEU A CG  1 
ATOM   952  C CD1 . LEU A 1 125 ? -12.633 6.754   -14.817 1.00 2.00   ? 145 LEU A CD1 1 
ATOM   953  C CD2 . LEU A 1 125 ? -12.360 4.400   -15.608 1.00 3.85   ? 145 LEU A CD2 1 
ATOM   954  N N   . SER A 1 126 ? -7.583  4.810   -16.329 1.00 6.04   ? 146 SER A N   1 
ATOM   955  C CA  . SER A 1 126 ? -6.305  5.369   -16.717 1.00 8.75   ? 146 SER A CA  1 
ATOM   956  C C   . SER A 1 126 ? -6.466  6.790   -17.201 1.00 9.63   ? 146 SER A C   1 
ATOM   957  O O   . SER A 1 126 ? -5.484  7.412   -17.595 1.00 18.73  ? 146 SER A O   1 
ATOM   958  C CB  . SER A 1 126 ? -5.644  4.581   -17.842 1.00 8.11   ? 146 SER A CB  1 
ATOM   959  O OG  . SER A 1 126 ? -6.515  4.501   -18.965 1.00 22.21  ? 146 SER A OG  1 
ATOM   960  N N   . SER A 1 127 ? -7.653  7.355   -17.286 1.00 10.64  ? 147 SER A N   1 
ATOM   961  C CA  . SER A 1 127 ? -7.855  8.740   -17.682 1.00 9.87   ? 147 SER A CA  1 
ATOM   962  C C   . SER A 1 127 ? -9.099  9.203   -16.928 1.00 8.91   ? 147 SER A C   1 
ATOM   963  O O   . SER A 1 127 ? -10.097 8.482   -16.994 1.00 12.99  ? 147 SER A O   1 
ATOM   964  C CB  . SER A 1 127 ? -8.056  8.749   -19.175 1.00 7.08   ? 147 SER A CB  1 
ATOM   965  O OG  . SER A 1 127 ? -8.378  10.086  -19.494 1.00 10.71  ? 147 SER A OG  1 
ATOM   966  N N   . GLY A 1 128 ? -9.160  10.340  -16.240 1.00 9.33   ? 148 GLY A N   1 
ATOM   967  C CA  . GLY A 1 128 ? -10.300 10.766  -15.439 1.00 9.02   ? 148 GLY A CA  1 
ATOM   968  C C   . GLY A 1 128 ? -10.299 10.027  -14.088 1.00 11.25  ? 148 GLY A C   1 
ATOM   969  O O   . GLY A 1 128 ? -9.292  9.370   -13.764 1.00 13.46  ? 148 GLY A O   1 
ATOM   970  N N   . VAL A 1 129 ? -11.331 10.067  -13.231 1.00 10.72  ? 149 VAL A N   1 
ATOM   971  C CA  . VAL A 1 129 ? -11.267 9.344   -11.971 1.00 13.73  ? 149 VAL A CA  1 
ATOM   972  C C   . VAL A 1 129 ? -12.567 8.631   -11.700 1.00 15.67  ? 149 VAL A C   1 
ATOM   973  O O   . VAL A 1 129 ? -13.620 9.113   -12.098 1.00 21.76  ? 149 VAL A O   1 
ATOM   974  C CB  . VAL A 1 129 ? -10.919 10.258  -10.693 1.00 13.03  ? 149 VAL A CB  1 
ATOM   975  C CG1 . VAL A 1 129 ? -9.964  11.385  -11.064 1.00 13.37  ? 149 VAL A CG1 1 
ATOM   976  C CG2 . VAL A 1 129 ? -12.124 10.871  -10.087 1.00 18.67  ? 149 VAL A CG2 1 
ATOM   977  N N   . ASN A 1 130 ? -12.545 7.473   -11.072 1.00 17.47  ? 150 ASN A N   1 
ATOM   978  C CA  . ASN A 1 130 ? -13.747 6.764   -10.706 1.00 16.78  ? 150 ASN A CA  1 
ATOM   979  C C   . ASN A 1 130 ? -13.363 6.052   -9.449  1.00 17.65  ? 150 ASN A C   1 
ATOM   980  O O   . ASN A 1 130 ? -12.525 5.157   -9.521  1.00 17.73  ? 150 ASN A O   1 
ATOM   981  C CB  . ASN A 1 130 ? -14.123 5.713   -11.693 1.00 19.99  ? 150 ASN A CB  1 
ATOM   982  C CG  . ASN A 1 130 ? -15.250 4.838   -11.172 1.00 26.76  ? 150 ASN A CG  1 
ATOM   983  O OD1 . ASN A 1 130 ? -16.416 5.229   -11.216 1.00 32.25  ? 150 ASN A OD1 1 
ATOM   984  N ND2 . ASN A 1 130 ? -14.934 3.645   -10.663 1.00 30.94  ? 150 ASN A ND2 1 
ATOM   985  N N   . GLU A 1 131 ? -13.905 6.371   -8.307  1.00 17.85  ? 151 GLU A N   1 
ATOM   986  C CA  . GLU A 1 131 ? -13.534 5.642   -7.120  1.00 21.34  ? 151 GLU A CA  1 
ATOM   987  C C   . GLU A 1 131 ? -14.427 4.463   -6.861  1.00 20.54  ? 151 GLU A C   1 
ATOM   988  O O   . GLU A 1 131 ? -15.648 4.616   -6.863  1.00 24.19  ? 151 GLU A O   1 
ATOM   989  C CB  . GLU A 1 131 ? -13.599 6.532   -5.964  1.00 25.76  ? 151 GLU A CB  1 
ATOM   990  C CG  . GLU A 1 131 ? -12.585 7.614   -6.187  1.00 33.48  ? 151 GLU A CG  1 
ATOM   991  C CD  . GLU A 1 131 ? -12.688 8.473   -4.978  1.00 41.07  ? 151 GLU A CD  1 
ATOM   992  O OE1 . GLU A 1 131 ? -13.684 9.193   -4.883  1.00 45.45  ? 151 GLU A OE1 1 
ATOM   993  O OE2 . GLU A 1 131 ? -11.815 8.355   -4.113  1.00 46.39  ? 151 GLU A OE2 1 
ATOM   994  N N   . PRO A 1 132 ? -13.879 3.277   -6.626  1.00 16.19  ? 152 PRO A N   1 
ATOM   995  C CA  . PRO A 1 132 ? -14.737 2.099   -6.485  1.00 14.57  ? 152 PRO A CA  1 
ATOM   996  C C   . PRO A 1 132 ? -15.343 1.950   -5.095  1.00 13.64  ? 152 PRO A C   1 
ATOM   997  O O   . PRO A 1 132 ? -14.797 2.471   -4.120  1.00 17.37  ? 152 PRO A O   1 
ATOM   998  C CB  . PRO A 1 132 ? -13.818 0.963   -6.860  1.00 13.06  ? 152 PRO A CB  1 
ATOM   999  C CG  . PRO A 1 132 ? -12.543 1.416   -6.187  1.00 12.31  ? 152 PRO A CG  1 
ATOM   1000 C CD  . PRO A 1 132 ? -12.486 2.891   -6.485  1.00 7.58   ? 152 PRO A CD  1 
ATOM   1001 N N   . ASP A 1 133 ? -16.434 1.239   -4.908  1.00 13.17  ? 153 ASP A N   1 
ATOM   1002 C CA  . ASP A 1 133 ? -16.887 0.940   -3.548  1.00 12.70  ? 153 ASP A CA  1 
ATOM   1003 C C   . ASP A 1 133 ? -16.193 -0.270  -2.997  1.00 10.12  ? 153 ASP A C   1 
ATOM   1004 O O   . ASP A 1 133 ? -15.980 -0.355  -1.801  1.00 12.83  ? 153 ASP A O   1 
ATOM   1005 C CB  . ASP A 1 133 ? -18.340 0.542   -3.400  1.00 20.47  ? 153 ASP A CB  1 
ATOM   1006 C CG  . ASP A 1 133 ? -19.365 1.605   -3.714  1.00 29.12  ? 153 ASP A CG  1 
ATOM   1007 O OD1 . ASP A 1 133 ? -19.586 2.480   -2.896  1.00 36.02  ? 153 ASP A OD1 1 
ATOM   1008 O OD2 . ASP A 1 133 ? -19.988 1.539   -4.761  1.00 38.29  ? 153 ASP A OD2 1 
ATOM   1009 N N   . LEU A 1 134 ? -15.921 -1.267  -3.822  1.00 6.09   ? 154 LEU A N   1 
ATOM   1010 C CA  . LEU A 1 134 ? -15.500 -2.556  -3.347  1.00 5.35   ? 154 LEU A CA  1 
ATOM   1011 C C   . LEU A 1 134 ? -14.047 -2.667  -3.566  1.00 8.14   ? 154 LEU A C   1 
ATOM   1012 O O   . LEU A 1 134 ? -13.595 -2.148  -4.582  1.00 11.61  ? 154 LEU A O   1 
ATOM   1013 C CB  . LEU A 1 134 ? -16.174 -3.641  -4.120  1.00 5.61   ? 154 LEU A CB  1 
ATOM   1014 C CG  . LEU A 1 134 ? -17.676 -3.585  -4.224  1.00 9.02   ? 154 LEU A CG  1 
ATOM   1015 C CD1 . LEU A 1 134 ? -18.165 -4.734  -5.091  1.00 4.98   ? 154 LEU A CD1 1 
ATOM   1016 C CD2 . LEU A 1 134 ? -18.280 -3.662  -2.838  1.00 6.16   ? 154 LEU A CD2 1 
ATOM   1017 N N   . LEU A 1 135 ? -13.342 -3.353  -2.668  1.00 6.60   ? 155 LEU A N   1 
ATOM   1018 C CA  . LEU A 1 135 ? -11.906 -3.537  -2.750  1.00 5.06   ? 155 LEU A CA  1 
ATOM   1019 C C   . LEU A 1 135 ? -11.516 -4.225  -4.023  1.00 6.88   ? 155 LEU A C   1 
ATOM   1020 O O   . LEU A 1 135 ? -12.166 -5.231  -4.299  1.00 10.59  ? 155 LEU A O   1 
ATOM   1021 C CB  . LEU A 1 135 ? -11.439 -4.382  -1.602  1.00 2.64   ? 155 LEU A CB  1 
ATOM   1022 C CG  . LEU A 1 135 ? -9.968  -4.583  -1.413  1.00 2.14   ? 155 LEU A CG  1 
ATOM   1023 C CD1 . LEU A 1 135 ? -9.219  -3.268  -1.325  1.00 2.00   ? 155 LEU A CD1 1 
ATOM   1024 C CD2 . LEU A 1 135 ? -9.815  -5.420  -0.148  1.00 2.00   ? 155 LEU A CD2 1 
ATOM   1025 N N   . GLN A 1 136 ? -10.473 -3.736  -4.724  1.00 5.98   ? 156 GLN A N   1 
ATOM   1026 C CA  . GLN A 1 136 ? -9.972  -4.225  -5.988  1.00 4.23   ? 156 GLN A CA  1 
ATOM   1027 C C   . GLN A 1 136 ? -8.653  -4.903  -5.792  1.00 4.25   ? 156 GLN A C   1 
ATOM   1028 O O   . GLN A 1 136 ? -7.855  -4.488  -4.977  1.00 6.30   ? 156 GLN A O   1 
ATOM   1029 C CB  . GLN A 1 136 ? -9.749  -3.088  -6.981  1.00 5.40   ? 156 GLN A CB  1 
ATOM   1030 C CG  . GLN A 1 136 ? -10.977 -2.277  -7.341  1.00 6.67   ? 156 GLN A CG  1 
ATOM   1031 C CD  . GLN A 1 136 ? -12.032 -3.138  -7.966  1.00 11.18  ? 156 GLN A CD  1 
ATOM   1032 O OE1 . GLN A 1 136 ? -11.856 -3.531  -9.114  1.00 16.22  ? 156 GLN A OE1 1 
ATOM   1033 N NE2 . GLN A 1 136 ? -13.127 -3.506  -7.314  1.00 9.70   ? 156 GLN A NE2 1 
ATOM   1034 N N   . CYS A 1 137 ? -8.321  -5.861  -6.610  1.00 6.99   ? 157 CYS A N   1 
ATOM   1035 C CA  . CYS A 1 137 ? -7.168  -6.711  -6.442  1.00 8.43   ? 157 CYS A CA  1 
ATOM   1036 C C   . CYS A 1 137 ? -6.445  -6.725  -7.730  1.00 7.70   ? 157 CYS A C   1 
ATOM   1037 O O   . CYS A 1 137 ? -7.125  -6.609  -8.750  1.00 9.47   ? 157 CYS A O   1 
ATOM   1038 C CB  . CYS A 1 137 ? -7.606  -8.095  -6.166  1.00 15.44  ? 157 CYS A CB  1 
ATOM   1039 S SG  . CYS A 1 137 ? -7.609  -8.383  -4.388  1.00 35.32  ? 157 CYS A SG  1 
ATOM   1040 N N   . LEU A 1 138 ? -5.133  -6.885  -7.780  1.00 7.70   ? 158 LEU A N   1 
ATOM   1041 C CA  . LEU A 1 138 ? -4.409  -6.988  -9.037  1.00 7.76   ? 158 LEU A CA  1 
ATOM   1042 C C   . LEU A 1 138 ? -3.230  -7.952  -8.848  1.00 10.87  ? 158 LEU A C   1 
ATOM   1043 O O   . LEU A 1 138 ? -2.485  -7.812  -7.864  1.00 13.18  ? 158 LEU A O   1 
ATOM   1044 C CB  . LEU A 1 138 ? -3.905  -5.596  -9.451  1.00 2.81   ? 158 LEU A CB  1 
ATOM   1045 C CG  . LEU A 1 138 ? -2.951  -5.427  -10.624 1.00 4.41   ? 158 LEU A CG  1 
ATOM   1046 C CD1 . LEU A 1 138 ? -3.669  -5.648  -11.916 1.00 5.13   ? 158 LEU A CD1 1 
ATOM   1047 C CD2 . LEU A 1 138 ? -2.390  -4.027  -10.610 1.00 6.37   ? 158 LEU A CD2 1 
ATOM   1048 N N   . ASP A 1 139 ? -3.026  -8.888  -9.788  1.00 10.71  ? 159 ASP A N   1 
ATOM   1049 C CA  . ASP A 1 139 ? -1.931  -9.827  -9.710  1.00 11.75  ? 159 ASP A CA  1 
ATOM   1050 C C   . ASP A 1 139 ? -0.892  -9.254  -10.630 1.00 11.52  ? 159 ASP A C   1 
ATOM   1051 O O   . ASP A 1 139 ? -1.155  -9.030  -11.820 1.00 15.44  ? 159 ASP A O   1 
ATOM   1052 C CB  . ASP A 1 139 ? -2.365  -11.162 -10.217 1.00 15.70  ? 159 ASP A CB  1 
ATOM   1053 C CG  . ASP A 1 139 ? -3.552  -11.692 -9.443  1.00 20.80  ? 159 ASP A CG  1 
ATOM   1054 O OD1 . ASP A 1 139 ? -3.467  -11.855 -8.237  1.00 20.39  ? 159 ASP A OD1 1 
ATOM   1055 O OD2 . ASP A 1 139 ? -4.588  -11.914 -10.064 1.00 34.48  ? 159 ASP A OD2 1 
ATOM   1056 N N   . ALA A 1 140 ? 0.308   -9.016  -10.181 1.00 10.49  ? 160 ALA A N   1 
ATOM   1057 C CA  . ALA A 1 140 ? 1.279   -8.326  -11.008 1.00 9.30   ? 160 ALA A CA  1 
ATOM   1058 C C   . ALA A 1 140 ? 2.689   -8.689  -10.575 1.00 9.76   ? 160 ALA A C   1 
ATOM   1059 O O   . ALA A 1 140 ? 2.926   -8.922  -9.374  1.00 13.53  ? 160 ALA A O   1 
ATOM   1060 C CB  . ALA A 1 140 ? 1.051   -6.826  -10.859 1.00 3.10   ? 160 ALA A CB  1 
ATOM   1061 N N   . PRO A 1 141 ? 3.646   -8.764  -11.509 1.00 9.01   ? 161 PRO A N   1 
ATOM   1062 C CA  . PRO A 1 141 ? 4.980   -9.216  -11.139 1.00 7.07   ? 161 PRO A CA  1 
ATOM   1063 C C   . PRO A 1 141 ? 5.892   -8.061  -10.772 1.00 10.32  ? 161 PRO A C   1 
ATOM   1064 O O   . PRO A 1 141 ? 5.678   -6.906  -11.165 1.00 10.85  ? 161 PRO A O   1 
ATOM   1065 C CB  . PRO A 1 141 ? 5.432   -9.984  -12.348 1.00 5.24   ? 161 PRO A CB  1 
ATOM   1066 C CG  . PRO A 1 141 ? 4.918   -9.151  -13.527 1.00 5.22   ? 161 PRO A CG  1 
ATOM   1067 C CD  . PRO A 1 141 ? 3.594   -8.615  -12.977 1.00 7.38   ? 161 PRO A CD  1 
ATOM   1068 N N   . LEU A 1 142 ? 6.942   -8.367  -10.034 1.00 11.04  ? 162 LEU A N   1 
ATOM   1069 C CA  . LEU A 1 142 ? 7.931   -7.388  -9.651  1.00 10.74  ? 162 LEU A CA  1 
ATOM   1070 C C   . LEU A 1 142 ? 8.844   -7.246  -10.868 1.00 13.34  ? 162 LEU A C   1 
ATOM   1071 O O   . LEU A 1 142 ? 9.278   -8.263  -11.411 1.00 15.88  ? 162 LEU A O   1 
ATOM   1072 C CB  . LEU A 1 142 ? 8.585   -7.980  -8.450  1.00 11.36  ? 162 LEU A CB  1 
ATOM   1073 C CG  . LEU A 1 142 ? 9.300   -7.150  -7.468  1.00 13.68  ? 162 LEU A CG  1 
ATOM   1074 C CD1 . LEU A 1 142 ? 8.933   -7.683  -6.100  1.00 18.64  ? 162 LEU A CD1 1 
ATOM   1075 C CD2 . LEU A 1 142 ? 10.780  -7.172  -7.745  1.00 18.63  ? 162 LEU A CD2 1 
ATOM   1076 N N   . LEU A 1 143 ? 9.194   -6.060  -11.373 1.00 15.24  ? 163 LEU A N   1 
ATOM   1077 C CA  . LEU A 1 143 ? 9.956   -5.896  -12.605 1.00 12.77  ? 163 LEU A CA  1 
ATOM   1078 C C   . LEU A 1 143 ? 11.426  -5.763  -12.300 1.00 15.85  ? 163 LEU A C   1 
ATOM   1079 O O   . LEU A 1 143 ? 11.784  -5.311  -11.199 1.00 19.92  ? 163 LEU A O   1 
ATOM   1080 C CB  . LEU A 1 143 ? 9.498   -4.657  -13.323 1.00 8.45   ? 163 LEU A CB  1 
ATOM   1081 C CG  . LEU A 1 143 ? 8.053   -4.598  -13.744 1.00 9.01   ? 163 LEU A CG  1 
ATOM   1082 C CD1 . LEU A 1 143 ? 7.793   -3.258  -14.408 1.00 11.24  ? 163 LEU A CD1 1 
ATOM   1083 C CD2 . LEU A 1 143 ? 7.734   -5.682  -14.749 1.00 9.40   ? 163 LEU A CD2 1 
ATOM   1084 N N   . PRO A 1 144 ? 12.314  -6.138  -13.229 1.00 18.05  ? 164 PRO A N   1 
ATOM   1085 C CA  . PRO A 1 144 ? 13.757  -5.862  -13.095 1.00 18.23  ? 164 PRO A CA  1 
ATOM   1086 C C   . PRO A 1 144 ? 14.067  -4.408  -12.793 1.00 18.42  ? 164 PRO A C   1 
ATOM   1087 O O   . PRO A 1 144 ? 13.417  -3.484  -13.310 1.00 19.73  ? 164 PRO A O   1 
ATOM   1088 C CB  . PRO A 1 144 ? 14.394  -6.285  -14.406 1.00 17.51  ? 164 PRO A CB  1 
ATOM   1089 C CG  . PRO A 1 144 ? 13.452  -7.361  -14.874 1.00 12.94  ? 164 PRO A CG  1 
ATOM   1090 C CD  . PRO A 1 144 ? 12.115  -6.708  -14.562 1.00 15.39  ? 164 PRO A CD  1 
ATOM   1091 N N   . GLN A 1 145 ? 15.037  -4.177  -11.910 1.00 17.92  ? 165 GLN A N   1 
ATOM   1092 C CA  . GLN A 1 145 ? 15.422  -2.822  -11.595 1.00 19.07  ? 165 GLN A CA  1 
ATOM   1093 C C   . GLN A 1 145 ? 15.868  -2.094  -12.854 1.00 18.43  ? 165 GLN A C   1 
ATOM   1094 O O   . GLN A 1 145 ? 15.445  -0.959  -13.008 1.00 21.61  ? 165 GLN A O   1 
ATOM   1095 C CB  . GLN A 1 145 ? 16.555  -2.765  -10.564 1.00 19.61  ? 165 GLN A CB  1 
ATOM   1096 C CG  . GLN A 1 145 ? 16.539  -1.421  -9.840  1.00 19.31  ? 165 GLN A CG  1 
ATOM   1097 C CD  . GLN A 1 145 ? 15.302  -1.114  -8.987  1.00 25.14  ? 165 GLN A CD  1 
ATOM   1098 O OE1 . GLN A 1 145 ? 15.140  -0.025  -8.436  1.00 30.08  ? 165 GLN A OE1 1 
ATOM   1099 N NE2 . GLN A 1 145 ? 14.340  -2.001  -8.791  1.00 23.02  ? 165 GLN A NE2 1 
ATOM   1100 N N   . ALA A 1 146 ? 16.558  -2.702  -13.818 1.00 18.38  ? 166 ALA A N   1 
ATOM   1101 C CA  . ALA A 1 146 ? 16.937  -2.037  -15.058 1.00 18.03  ? 166 ALA A CA  1 
ATOM   1102 C C   . ALA A 1 146 ? 15.730  -1.519  -15.813 1.00 19.70  ? 166 ALA A C   1 
ATOM   1103 O O   . ALA A 1 146 ? 15.787  -0.403  -16.314 1.00 22.51  ? 166 ALA A O   1 
ATOM   1104 C CB  . ALA A 1 146 ? 17.645  -2.990  -15.951 1.00 16.42  ? 166 ALA A CB  1 
ATOM   1105 N N   . ASP A 1 147 ? 14.621  -2.254  -15.883 1.00 20.69  ? 167 ASP A N   1 
ATOM   1106 C CA  . ASP A 1 147 ? 13.378  -1.802  -16.508 1.00 24.00  ? 167 ASP A CA  1 
ATOM   1107 C C   . ASP A 1 147 ? 12.757  -0.664  -15.743 1.00 24.79  ? 167 ASP A C   1 
ATOM   1108 O O   . ASP A 1 147 ? 12.182  0.272   -16.290 1.00 26.05  ? 167 ASP A O   1 
ATOM   1109 C CB  . ASP A 1 147 ? 12.301  -2.887  -16.563 1.00 28.69  ? 167 ASP A CB  1 
ATOM   1110 C CG  . ASP A 1 147 ? 12.598  -4.104  -17.424 1.00 32.78  ? 167 ASP A CG  1 
ATOM   1111 O OD1 . ASP A 1 147 ? 13.654  -4.201  -18.048 1.00 38.85  ? 167 ASP A OD1 1 
ATOM   1112 O OD2 . ASP A 1 147 ? 11.758  -4.997  -17.450 1.00 38.24  ? 167 ASP A OD2 1 
ATOM   1113 N N   . CYS A 1 148 ? 12.857  -0.715  -14.427 1.00 26.09  ? 168 CYS A N   1 
ATOM   1114 C CA  . CYS A 1 148 ? 12.343  0.356   -13.593 1.00 25.24  ? 168 CYS A CA  1 
ATOM   1115 C C   . CYS A 1 148 ? 13.104  1.651   -13.880 1.00 22.42  ? 168 CYS A C   1 
ATOM   1116 O O   . CYS A 1 148 ? 12.535  2.669   -14.268 1.00 21.45  ? 168 CYS A O   1 
ATOM   1117 C CB  . CYS A 1 148 ? 12.508  -0.110  -12.166 1.00 32.22  ? 168 CYS A CB  1 
ATOM   1118 S SG  . CYS A 1 148 ? 11.533  0.868   -11.005 1.00 45.43  ? 168 CYS A SG  1 
ATOM   1119 N N   . GLU A 1 149 ? 14.428  1.620   -13.785 1.00 20.47  ? 169 GLU A N   1 
ATOM   1120 C CA  . GLU A 1 149 ? 15.284  2.750   -14.030 1.00 17.72  ? 169 GLU A CA  1 
ATOM   1121 C C   . GLU A 1 149 ? 15.174  3.270   -15.447 1.00 19.15  ? 169 GLU A C   1 
ATOM   1122 O O   . GLU A 1 149 ? 15.304  4.479   -15.685 1.00 24.67  ? 169 GLU A O   1 
ATOM   1123 C CB  . GLU A 1 149 ? 16.692  2.337   -13.744 1.00 19.20  ? 169 GLU A CB  1 
ATOM   1124 C CG  . GLU A 1 149 ? 16.950  2.106   -12.277 1.00 21.76  ? 169 GLU A CG  1 
ATOM   1125 C CD  . GLU A 1 149 ? 18.302  1.496   -11.934 1.00 28.07  ? 169 GLU A CD  1 
ATOM   1126 O OE1 . GLU A 1 149 ? 19.194  1.458   -12.768 1.00 33.33  ? 169 GLU A OE1 1 
ATOM   1127 O OE2 . GLU A 1 149 ? 18.482  1.029   -10.813 1.00 33.39  ? 169 GLU A OE2 1 
ATOM   1128 N N   . ALA A 1 150 ? 14.929  2.398   -16.421 1.00 16.21  ? 170 ALA A N   1 
ATOM   1129 C CA  . ALA A 1 150 ? 14.773  2.820   -17.798 1.00 15.30  ? 170 ALA A CA  1 
ATOM   1130 C C   . ALA A 1 150 ? 13.485  3.599   -17.985 1.00 16.15  ? 170 ALA A C   1 
ATOM   1131 O O   . ALA A 1 150 ? 13.463  4.521   -18.810 1.00 19.23  ? 170 ALA A O   1 
ATOM   1132 C CB  . ALA A 1 150 ? 14.712  1.630   -18.749 1.00 14.37  ? 170 ALA A CB  1 
ATOM   1133 N N   . SER A 1 151 ? 12.412  3.266   -17.254 1.00 16.32  ? 171 SER A N   1 
ATOM   1134 C CA  . SER A 1 151 ? 11.156  3.952   -17.392 1.00 16.13  ? 171 SER A CA  1 
ATOM   1135 C C   . SER A 1 151 ? 11.211  5.305   -16.751 1.00 16.66  ? 171 SER A C   1 
ATOM   1136 O O   . SER A 1 151 ? 10.457  6.194   -17.151 1.00 18.77  ? 171 SER A O   1 
ATOM   1137 C CB  . SER A 1 151 ? 10.034  3.218   -16.722 1.00 19.38  ? 171 SER A CB  1 
ATOM   1138 O OG  . SER A 1 151 ? 9.858   1.920   -17.235 1.00 25.71  ? 171 SER A OG  1 
ATOM   1139 N N   . TYR A 1 152 ? 12.026  5.471   -15.708 1.00 15.34  ? 172 TYR A N   1 
ATOM   1140 C CA  . TYR A 1 152 ? 12.057  6.725   -14.974 1.00 13.62  ? 172 TYR A CA  1 
ATOM   1141 C C   . TYR A 1 152 ? 13.473  7.220   -14.803 1.00 16.29  ? 172 TYR A C   1 
ATOM   1142 O O   . TYR A 1 152 ? 13.990  7.239   -13.677 1.00 19.18  ? 172 TYR A O   1 
ATOM   1143 C CB  . TYR A 1 152 ? 11.396  6.503   -13.619 1.00 11.76  ? 172 TYR A CB  1 
ATOM   1144 C CG  . TYR A 1 152 ? 9.925   6.105   -13.737 1.00 9.48   ? 172 TYR A CG  1 
ATOM   1145 C CD1 . TYR A 1 152 ? 9.005   7.020   -14.202 1.00 10.00  ? 172 TYR A CD1 1 
ATOM   1146 C CD2 . TYR A 1 152 ? 9.500   4.870   -13.336 1.00 9.76   ? 172 TYR A CD2 1 
ATOM   1147 C CE1 . TYR A 1 152 ? 7.663   6.721   -14.262 1.00 6.78   ? 172 TYR A CE1 1 
ATOM   1148 C CE2 . TYR A 1 152 ? 8.153   4.562   -13.393 1.00 9.24   ? 172 TYR A CE2 1 
ATOM   1149 C CZ  . TYR A 1 152 ? 7.259   5.489   -13.844 1.00 6.27   ? 172 TYR A CZ  1 
ATOM   1150 O OH  . TYR A 1 152 ? 5.914   5.211   -13.838 1.00 9.98   ? 172 TYR A OH  1 
ATOM   1151 N N   . PRO A 1 153 ? 14.130  7.628   -15.899 1.00 17.24  ? 173 PRO A N   1 
ATOM   1152 C CA  . PRO A 1 153 ? 15.534  8.025   -15.889 1.00 17.84  ? 173 PRO A CA  1 
ATOM   1153 C C   . PRO A 1 153 ? 15.836  9.024   -14.792 1.00 19.39  ? 173 PRO A C   1 
ATOM   1154 O O   . PRO A 1 153 ? 15.190  10.061  -14.685 1.00 22.09  ? 173 PRO A O   1 
ATOM   1155 C CB  . PRO A 1 153 ? 15.811  8.613   -17.251 1.00 18.07  ? 173 PRO A CB  1 
ATOM   1156 C CG  . PRO A 1 153 ? 14.757  8.008   -18.136 1.00 18.58  ? 173 PRO A CG  1 
ATOM   1157 C CD  . PRO A 1 153 ? 13.583  8.039   -17.187 1.00 18.68  ? 173 PRO A CD  1 
ATOM   1158 N N   . GLY A 1 154 ? 16.765  8.678   -13.916 1.00 21.05  ? 174 GLY A N   1 
ATOM   1159 C CA  . GLY A 1 154 ? 17.155  9.557   -12.830 1.00 23.63  ? 174 GLY A CA  1 
ATOM   1160 C C   . GLY A 1 154 ? 16.195  9.644   -11.635 1.00 27.26  ? 174 GLY A C   1 
ATOM   1161 O O   . GLY A 1 154 ? 16.487  10.420  -10.727 1.00 31.70  ? 174 GLY A O   1 
ATOM   1162 N N   . LYS A 1 155 ? 15.072  8.925   -11.488 1.00 27.56  ? 175 LYS A N   1 
ATOM   1163 C CA  . LYS A 1 155 ? 14.212  9.100   -10.318 1.00 25.69  ? 175 LYS A CA  1 
ATOM   1164 C C   . LYS A 1 155 ? 14.114  7.911   -9.366  1.00 23.96  ? 175 LYS A C   1 
ATOM   1165 O O   . LYS A 1 155 ? 13.586  8.098   -8.276  1.00 27.50  ? 175 LYS A O   1 
ATOM   1166 C CB  . LYS A 1 155 ? 12.840  9.495   -10.834 1.00 27.37  ? 175 LYS A CB  1 
ATOM   1167 C CG  . LYS A 1 155 ? 13.000  10.862  -11.501 1.00 35.57  ? 175 LYS A CG  1 
ATOM   1168 C CD  . LYS A 1 155 ? 11.973  11.148  -12.573 1.00 44.89  ? 175 LYS A CD  1 
ATOM   1169 C CE  . LYS A 1 155 ? 10.640  11.537  -11.927 1.00 53.55  ? 175 LYS A CE  1 
ATOM   1170 N NZ  . LYS A 1 155 ? 9.579   11.657  -12.921 1.00 60.63  ? 175 LYS A NZ  1 
ATOM   1171 N N   . ILE A 1 156 ? 14.614  6.709   -9.690  1.00 19.98  ? 176 ILE A N   1 
ATOM   1172 C CA  . ILE A 1 156 ? 14.440  5.482   -8.909  1.00 18.10  ? 176 ILE A CA  1 
ATOM   1173 C C   . ILE A 1 156 ? 15.582  5.363   -7.911  1.00 20.54  ? 176 ILE A C   1 
ATOM   1174 O O   . ILE A 1 156 ? 16.741  5.392   -8.329  1.00 23.70  ? 176 ILE A O   1 
ATOM   1175 C CB  . ILE A 1 156 ? 14.421  4.241   -9.906  1.00 14.97  ? 176 ILE A CB  1 
ATOM   1176 C CG1 . ILE A 1 156 ? 13.260  4.377   -10.887 1.00 13.14  ? 176 ILE A CG1 1 
ATOM   1177 C CG2 . ILE A 1 156 ? 14.306  2.933   -9.158  1.00 9.44   ? 176 ILE A CG2 1 
ATOM   1178 C CD1 . ILE A 1 156 ? 11.844  4.483   -10.265 1.00 10.28  ? 176 ILE A CD1 1 
ATOM   1179 N N   . THR A 1 157 ? 15.364  5.270   -6.616  1.00 19.09  ? 177 THR A N   1 
ATOM   1180 C CA  . THR A 1 157 ? 16.482  5.074   -5.721  1.00 17.50  ? 177 THR A CA  1 
ATOM   1181 C C   . THR A 1 157 ? 16.524  3.582   -5.448  1.00 19.65  ? 177 THR A C   1 
ATOM   1182 O O   . THR A 1 157 ? 15.637  2.832   -5.856  1.00 21.49  ? 177 THR A O   1 
ATOM   1183 C CB  . THR A 1 157 ? 16.215  5.900   -4.474  1.00 16.31  ? 177 THR A CB  1 
ATOM   1184 O OG1 . THR A 1 157 ? 14.941  5.555   -3.957  1.00 17.96  ? 177 THR A OG1 1 
ATOM   1185 C CG2 . THR A 1 157 ? 16.179  7.369   -4.806  1.00 13.78  ? 177 THR A CG2 1 
ATOM   1186 N N   . ASP A 1 158 ? 17.496  3.124   -4.685  1.00 20.56  ? 178 ASP A N   1 
ATOM   1187 C CA  . ASP A 1 158 ? 17.632  1.747   -4.254  1.00 22.43  ? 178 ASP A CA  1 
ATOM   1188 C C   . ASP A 1 158 ? 16.447  1.400   -3.380  1.00 21.36  ? 178 ASP A C   1 
ATOM   1189 O O   . ASP A 1 158 ? 16.187  0.224   -3.126  1.00 22.77  ? 178 ASP A O   1 
ATOM   1190 C CB  . ASP A 1 158 ? 18.922  1.582   -3.452  1.00 33.31  ? 178 ASP A CB  1 
ATOM   1191 C CG  . ASP A 1 158 ? 19.016  2.592   -2.286  1.00 48.05  ? 178 ASP A CG  1 
ATOM   1192 O OD1 . ASP A 1 158 ? 19.142  3.809   -2.555  1.00 56.07  ? 178 ASP A OD1 1 
ATOM   1193 O OD2 . ASP A 1 158 ? 18.928  2.182   -1.115  1.00 55.72  ? 178 ASP A OD2 1 
ATOM   1194 N N   . ASN A 1 159 ? 15.694  2.383   -2.869  1.00 19.11  ? 179 ASN A N   1 
ATOM   1195 C CA  . ASN A 1 159 ? 14.519  2.155   -2.015  1.00 15.91  ? 179 ASN A CA  1 
ATOM   1196 C C   . ASN A 1 159 ? 13.188  2.047   -2.756  1.00 16.20  ? 179 ASN A C   1 
ATOM   1197 O O   . ASN A 1 159 ? 12.133  2.060   -2.103  1.00 15.75  ? 179 ASN A O   1 
ATOM   1198 C CB  . ASN A 1 159 ? 14.379  3.290   -1.030  1.00 16.65  ? 179 ASN A CB  1 
ATOM   1199 C CG  . ASN A 1 159 ? 15.604  3.438   -0.184  1.00 14.47  ? 179 ASN A CG  1 
ATOM   1200 O OD1 . ASN A 1 159 ? 16.054  2.478   0.413   1.00 18.57  ? 179 ASN A OD1 1 
ATOM   1201 N ND2 . ASN A 1 159 ? 16.169  4.617   -0.105  1.00 12.92  ? 179 ASN A ND2 1 
ATOM   1202 N N   . MET A 1 160 ? 13.176  1.942   -4.095  1.00 15.08  ? 180 MET A N   1 
ATOM   1203 C CA  . MET A 1 160 ? 11.989  1.965   -4.923  1.00 13.82  ? 180 MET A CA  1 
ATOM   1204 C C   . MET A 1 160 ? 12.009  0.737   -5.785  1.00 11.91  ? 180 MET A C   1 
ATOM   1205 O O   . MET A 1 160 ? 13.085  0.284   -6.126  1.00 13.37  ? 180 MET A O   1 
ATOM   1206 C CB  . MET A 1 160 ? 11.993  3.173   -5.813  1.00 13.38  ? 180 MET A CB  1 
ATOM   1207 C CG  . MET A 1 160 ? 11.914  4.411   -4.979  1.00 24.35  ? 180 MET A CG  1 
ATOM   1208 S SD  . MET A 1 160 ? 12.025  5.898   -6.004  1.00 47.11  ? 180 MET A SD  1 
ATOM   1209 C CE  . MET A 1 160 ? 12.145  7.238   -4.844  1.00 33.55  ? 180 MET A CE  1 
ATOM   1210 N N   . VAL A 1 161 ? 10.875  0.150   -6.121  1.00 11.35  ? 181 VAL A N   1 
ATOM   1211 C CA  . VAL A 1 161 ? 10.814  -1.013  -6.987  1.00 9.81   ? 181 VAL A CA  1 
ATOM   1212 C C   . VAL A 1 161 ? 9.619   -0.836  -7.914  1.00 11.23  ? 181 VAL A C   1 
ATOM   1213 O O   . VAL A 1 161 ? 8.611   -0.227  -7.507  1.00 13.01  ? 181 VAL A O   1 
ATOM   1214 C CB  . VAL A 1 161 ? 10.700  -2.263  -6.083  1.00 7.79   ? 181 VAL A CB  1 
ATOM   1215 C CG1 . VAL A 1 161 ? 9.365   -2.439  -5.378  1.00 7.12   ? 181 VAL A CG1 1 
ATOM   1216 C CG2 . VAL A 1 161 ? 10.968  -3.408  -6.977  1.00 12.31  ? 181 VAL A CG2 1 
ATOM   1217 N N   . CYS A 1 162 ? 9.704   -1.297  -9.160  1.00 8.97   ? 182 CYS A N   1 
ATOM   1218 C CA  . CYS A 1 162 ? 8.576   -1.209  -10.022 1.00 10.30  ? 182 CYS A CA  1 
ATOM   1219 C C   . CYS A 1 162 ? 7.811   -2.490  -10.000 1.00 10.12  ? 182 CYS A C   1 
ATOM   1220 O O   . CYS A 1 162 ? 8.387   -3.569  -9.893  1.00 8.43   ? 182 CYS A O   1 
ATOM   1221 C CB  . CYS A 1 162 ? 9.011   -0.933  -11.426 1.00 20.58  ? 182 CYS A CB  1 
ATOM   1222 S SG  . CYS A 1 162 ? 9.566   0.779   -11.703 1.00 46.46  ? 182 CYS A SG  1 
ATOM   1223 N N   . VAL A 1 163 ? 6.489   -2.426  -10.096 1.00 10.84  ? 183 VAL A N   1 
ATOM   1224 C CA  . VAL A 1 163 ? 5.663   -3.617  -10.192 1.00 7.04   ? 183 VAL A CA  1 
ATOM   1225 C C   . VAL A 1 163 ? 4.656   -3.249  -11.263 1.00 8.45   ? 183 VAL A C   1 
ATOM   1226 O O   . VAL A 1 163 ? 4.220   -2.090  -11.384 1.00 11.98  ? 183 VAL A O   1 
ATOM   1227 C CB  . VAL A 1 163 ? 4.950   -3.921  -8.862  1.00 6.49   ? 183 VAL A CB  1 
ATOM   1228 C CG1 . VAL A 1 163 ? 4.157   -5.194  -8.984  1.00 4.13   ? 183 VAL A CG1 1 
ATOM   1229 C CG2 . VAL A 1 163 ? 5.967   -4.180  -7.757  1.00 7.05   ? 183 VAL A CG2 1 
ATOM   1230 N N   . GLY A 1 164 ? 4.336   -4.161  -12.154 1.00 7.65   ? 184 GLY A N   1 
ATOM   1231 C CA  . GLY A 1 164 ? 3.320   -3.850  -13.129 1.00 8.14   ? 184 GLY A CA  1 
ATOM   1232 C C   . GLY A 1 164 ? 3.636   -4.465  -14.454 1.00 10.37  ? 184 GLY A C   1 
ATOM   1233 O O   . GLY A 1 164 ? 4.344   -5.476  -14.532 1.00 10.89  ? 184 GLY A O   1 
ATOM   1234 N N   . PHE A 1 165 A 3.097   -3.831  -15.486 1.00 10.91  ? 184 PHE A N   1 
ATOM   1235 C CA  . PHE A 1 165 A 3.188   -4.368  -16.826 1.00 8.63   ? 184 PHE A CA  1 
ATOM   1236 C C   . PHE A 1 165 A 3.704   -3.276  -17.718 1.00 9.27   ? 184 PHE A C   1 
ATOM   1237 O O   . PHE A 1 165 A 3.079   -2.226  -17.743 1.00 10.66  ? 184 PHE A O   1 
ATOM   1238 C CB  . PHE A 1 165 A 1.805   -4.822  -17.290 1.00 5.22   ? 184 PHE A CB  1 
ATOM   1239 C CG  . PHE A 1 165 A 1.260   -5.964  -16.432 1.00 7.44   ? 184 PHE A CG  1 
ATOM   1240 C CD1 . PHE A 1 165 A 1.676   -7.260  -16.664 1.00 5.35   ? 184 PHE A CD1 1 
ATOM   1241 C CD2 . PHE A 1 165 A 0.403   -5.680  -15.380 1.00 4.11   ? 184 PHE A CD2 1 
ATOM   1242 C CE1 . PHE A 1 165 A 1.201   -8.262  -15.833 1.00 9.61   ? 184 PHE A CE1 1 
ATOM   1243 C CE2 . PHE A 1 165 A -0.057  -6.684  -14.567 1.00 3.73   ? 184 PHE A CE2 1 
ATOM   1244 C CZ  . PHE A 1 165 A 0.349   -7.979  -14.782 1.00 3.90   ? 184 PHE A CZ  1 
ATOM   1245 N N   . LEU A 1 166 ? 4.788   -3.435  -18.462 1.00 7.73   ? 185 LEU A N   1 
ATOM   1246 C CA  . LEU A 1 166 ? 5.280   -2.377  -19.304 1.00 8.49   ? 185 LEU A CA  1 
ATOM   1247 C C   . LEU A 1 166 ? 4.308   -2.091  -20.467 1.00 10.84  ? 185 LEU A C   1 
ATOM   1248 O O   . LEU A 1 166 ? 4.306   -1.041  -21.096 1.00 13.26  ? 185 LEU A O   1 
ATOM   1249 C CB  . LEU A 1 166 ? 6.659   -2.835  -19.733 1.00 8.91   ? 185 LEU A CB  1 
ATOM   1250 C CG  . LEU A 1 166 ? 7.974   -2.170  -19.202 1.00 14.51  ? 185 LEU A CG  1 
ATOM   1251 C CD1 . LEU A 1 166 ? 7.851   -1.491  -17.859 1.00 11.53  ? 185 LEU A CD1 1 
ATOM   1252 C CD2 . LEU A 1 166 ? 8.992   -3.280  -19.082 1.00 12.60  ? 185 LEU A CD2 1 
ATOM   1253 N N   . GLU A 1 167 ? 3.371   -2.949  -20.817 1.00 11.55  ? 186 GLU A N   1 
ATOM   1254 C CA  . GLU A 1 167 ? 2.401   -2.655  -21.866 1.00 10.41  ? 186 GLU A CA  1 
ATOM   1255 C C   . GLU A 1 167 ? 1.276   -1.793  -21.299 1.00 9.70   ? 186 GLU A C   1 
ATOM   1256 O O   . GLU A 1 167 ? 0.451   -1.322  -22.079 1.00 11.22  ? 186 GLU A O   1 
ATOM   1257 C CB  . GLU A 1 167 ? 1.710   -3.904  -22.430 1.00 12.44  ? 186 GLU A CB  1 
ATOM   1258 C CG  . GLU A 1 167 ? 2.386   -5.216  -22.314 1.00 19.56  ? 186 GLU A CG  1 
ATOM   1259 C CD  . GLU A 1 167 ? 2.194   -5.898  -20.971 1.00 22.88  ? 186 GLU A CD  1 
ATOM   1260 O OE1 . GLU A 1 167 ? 1.073   -6.164  -20.546 1.00 25.62  ? 186 GLU A OE1 1 
ATOM   1261 O OE2 . GLU A 1 167 ? 3.207   -6.215  -20.362 1.00 26.03  ? 186 GLU A OE2 1 
ATOM   1262 N N   . GLY A 1 168 ? 1.157   -1.596  -19.992 1.00 8.30   ? 187 GLY A N   1 
ATOM   1263 C CA  . GLY A 1 168 ? 0.141   -0.736  -19.420 1.00 9.64   ? 187 GLY A CA  1 
ATOM   1264 C C   . GLY A 1 168 ? -1.207  -1.424  -19.355 1.00 10.41  ? 187 GLY A C   1 
ATOM   1265 O O   . GLY A 1 168 ? -1.230  -2.628  -19.605 1.00 13.39  ? 187 GLY A O   1 
ATOM   1266 N N   . GLY A 1 169 ? -2.301  -0.742  -19.000 1.00 7.17   ? 188 GLY A N   1 
ATOM   1267 C CA  . GLY A 1 169 ? -3.609  -1.321  -18.893 1.00 8.06   ? 188 GLY A CA  1 
ATOM   1268 C C   . GLY A 1 169 ? -3.978  -1.744  -17.478 1.00 11.35  ? 188 GLY A C   1 
ATOM   1269 O O   . GLY A 1 169 ? -5.155  -1.690  -17.093 1.00 14.65  ? 188 GLY A O   1 
ATOM   1270 N N   . LYS A 1 170 A -3.019  -2.146  -16.632 1.00 12.31  ? 188 LYS A N   1 
ATOM   1271 C CA  . LYS A 1 170 A -3.273  -2.616  -15.269 1.00 11.33  ? 188 LYS A CA  1 
ATOM   1272 C C   . LYS A 1 170 A -2.235  -1.971  -14.387 1.00 12.26  ? 188 LYS A C   1 
ATOM   1273 O O   . LYS A 1 170 A -1.042  -2.039  -14.723 1.00 13.64  ? 188 LYS A O   1 
ATOM   1274 C CB  . LYS A 1 170 A -3.093  -4.086  -15.137 1.00 9.00   ? 188 LYS A CB  1 
ATOM   1275 C CG  . LYS A 1 170 A -4.128  -4.877  -15.892 1.00 11.13  ? 188 LYS A CG  1 
ATOM   1276 C CD  . LYS A 1 170 A -3.888  -6.299  -15.452 1.00 17.02  ? 188 LYS A CD  1 
ATOM   1277 C CE  . LYS A 1 170 A -5.150  -7.065  -15.622 1.00 15.73  ? 188 LYS A CE  1 
ATOM   1278 N NZ  . LYS A 1 170 A -4.887  -8.033  -16.615 1.00 25.82  ? 188 LYS A NZ  1 
ATOM   1279 N N   . ASP A 1 171 ? -2.640  -1.313  -13.295 1.00 10.83  ? 189 ASP A N   1 
ATOM   1280 C CA  . ASP A 1 171 ? -1.698  -0.612  -12.415 1.00 9.12   ? 189 ASP A CA  1 
ATOM   1281 C C   . ASP A 1 171 ? -2.405  -0.183  -11.145 1.00 8.95   ? 189 ASP A C   1 
ATOM   1282 O O   . ASP A 1 171 ? -3.619  -0.406  -11.091 1.00 11.57  ? 189 ASP A O   1 
ATOM   1283 C CB  . ASP A 1 171 ? -1.193  0.596   -13.150 1.00 9.11   ? 189 ASP A CB  1 
ATOM   1284 C CG  . ASP A 1 171 ? -0.055  1.353   -12.535 1.00 11.02  ? 189 ASP A CG  1 
ATOM   1285 O OD1 . ASP A 1 171 ? 0.494   1.012   -11.492 1.00 14.31  ? 189 ASP A OD1 1 
ATOM   1286 O OD2 . ASP A 1 171 ? 0.317   2.348   -13.122 1.00 15.90  ? 189 ASP A OD2 1 
ATOM   1287 N N   . SER A 1 172 ? -1.756  0.335   -10.097 1.00 9.47   ? 190 SER A N   1 
ATOM   1288 C CA  . SER A 1 172 ? -2.445  0.941   -8.962  1.00 10.02  ? 190 SER A CA  1 
ATOM   1289 C C   . SER A 1 172 ? -2.617  2.400   -9.371  1.00 10.58  ? 190 SER A C   1 
ATOM   1290 O O   . SER A 1 172 ? -2.119  2.829   -10.429 1.00 12.72  ? 190 SER A O   1 
ATOM   1291 C CB  . SER A 1 172 ? -1.605  0.833   -7.680  1.00 8.79   ? 190 SER A CB  1 
ATOM   1292 O OG  . SER A 1 172 ? -0.238  1.172   -7.908  1.00 11.85  ? 190 SER A OG  1 
ATOM   1293 N N   . CYS A 1 173 ? -3.248  3.247   -8.603  1.00 10.68  ? 191 CYS A N   1 
ATOM   1294 C CA  . CYS A 1 173 ? -3.518  4.573   -9.051  1.00 11.60  ? 191 CYS A CA  1 
ATOM   1295 C C   . CYS A 1 173 ? -3.692  5.447   -7.842  1.00 11.52  ? 191 CYS A C   1 
ATOM   1296 O O   . CYS A 1 173 ? -3.551  4.923   -6.740  1.00 12.63  ? 191 CYS A O   1 
ATOM   1297 C CB  . CYS A 1 173 ? -4.751  4.502   -9.908  1.00 15.19  ? 191 CYS A CB  1 
ATOM   1298 S SG  . CYS A 1 173 ? -4.817  6.085   -10.810 1.00 40.44  ? 191 CYS A SG  1 
ATOM   1299 N N   . GLN A 1 174 ? -3.948  6.773   -7.908  1.00 12.52  ? 192 GLN A N   1 
ATOM   1300 C CA  . GLN A 1 174 ? -4.108  7.594   -6.712  1.00 10.55  ? 192 GLN A CA  1 
ATOM   1301 C C   . GLN A 1 174 ? -5.204  7.020   -5.827  1.00 10.41  ? 192 GLN A C   1 
ATOM   1302 O O   . GLN A 1 174 ? -6.206  6.529   -6.351  1.00 12.77  ? 192 GLN A O   1 
ATOM   1303 C CB  . GLN A 1 174 ? -4.461  9.003   -7.100  1.00 11.46  ? 192 GLN A CB  1 
ATOM   1304 C CG  . GLN A 1 174 ? -3.249  9.828   -7.586  1.00 19.08  ? 192 GLN A CG  1 
ATOM   1305 C CD  . GLN A 1 174 ? -2.808  9.699   -9.042  1.00 21.01  ? 192 GLN A CD  1 
ATOM   1306 O OE1 . GLN A 1 174 ? -3.431  9.055   -9.881  1.00 22.28  ? 192 GLN A OE1 1 
ATOM   1307 N NE2 . GLN A 1 174 ? -1.730  10.348  -9.440  1.00 21.87  ? 192 GLN A NE2 1 
ATOM   1308 N N   . GLY A 1 175 ? -5.057  6.965   -4.509  1.00 8.81   ? 193 GLY A N   1 
ATOM   1309 C CA  . GLY A 1 175 ? -6.081  6.383   -3.642  1.00 7.43   ? 193 GLY A CA  1 
ATOM   1310 C C   . GLY A 1 175 ? -5.682  4.983   -3.199  1.00 7.82   ? 193 GLY A C   1 
ATOM   1311 O O   . GLY A 1 175 ? -6.148  4.484   -2.165  1.00 8.60   ? 193 GLY A O   1 
ATOM   1312 N N   . ASP A 1 176 ? -4.862  4.309   -4.006  1.00 6.19   ? 194 ASP A N   1 
ATOM   1313 C CA  . ASP A 1 176 ? -4.306  3.050   -3.603  1.00 8.17   ? 194 ASP A CA  1 
ATOM   1314 C C   . ASP A 1 176 ? -3.094  3.339   -2.768  1.00 9.47   ? 194 ASP A C   1 
ATOM   1315 O O   . ASP A 1 176 ? -2.635  2.437   -2.058  1.00 12.98  ? 194 ASP A O   1 
ATOM   1316 C CB  . ASP A 1 176 ? -3.872  2.198   -4.778  1.00 9.10   ? 194 ASP A CB  1 
ATOM   1317 C CG  . ASP A 1 176 ? -5.028  1.756   -5.669  1.00 12.97  ? 194 ASP A CG  1 
ATOM   1318 O OD1 . ASP A 1 176 ? -6.075  1.331   -5.201  1.00 15.25  ? 194 ASP A OD1 1 
ATOM   1319 O OD2 . ASP A 1 176 ? -4.917  1.843   -6.876  1.00 12.60  ? 194 ASP A OD2 1 
ATOM   1320 N N   . SER A 1 177 ? -2.565  4.578   -2.857  1.00 9.32   ? 195 SER A N   1 
ATOM   1321 C CA  . SER A 1 177 ? -1.397  5.062   -2.134  1.00 10.41  ? 195 SER A CA  1 
ATOM   1322 C C   . SER A 1 177 ? -1.317  4.634   -0.701  1.00 9.94   ? 195 SER A C   1 
ATOM   1323 O O   . SER A 1 177 ? -2.307  4.705   0.027   1.00 11.72  ? 195 SER A O   1 
ATOM   1324 C CB  . SER A 1 177 ? -1.397  6.546   -2.176  1.00 11.51  ? 195 SER A CB  1 
ATOM   1325 O OG  . SER A 1 177 ? -1.513  6.839   -3.555  1.00 19.29  ? 195 SER A OG  1 
ATOM   1326 N N   . GLY A 1 178 ? -0.141  4.186   -0.291  1.00 9.41   ? 196 GLY A N   1 
ATOM   1327 C CA  . GLY A 1 178 ? -0.004  3.682   1.066   1.00 7.53   ? 196 GLY A CA  1 
ATOM   1328 C C   . GLY A 1 178 ? -0.353  2.203   1.171   1.00 7.20   ? 196 GLY A C   1 
ATOM   1329 O O   . GLY A 1 178 ? 0.119   1.558   2.104   1.00 9.60   ? 196 GLY A O   1 
ATOM   1330 N N   . GLY A 1 179 ? -1.158  1.592   0.305   1.00 6.60   ? 197 GLY A N   1 
ATOM   1331 C CA  . GLY A 1 179 ? -1.526  0.193   0.449   1.00 6.29   ? 197 GLY A CA  1 
ATOM   1332 C C   . GLY A 1 179 ? -0.458  -0.833  0.026   1.00 8.99   ? 197 GLY A C   1 
ATOM   1333 O O   . GLY A 1 179 ? 0.662   -0.506  -0.429  1.00 11.33  ? 197 GLY A O   1 
ATOM   1334 N N   . PRO A 1 180 ? -0.864  -2.111  0.059   1.00 7.43   ? 198 PRO A N   1 
ATOM   1335 C CA  . PRO A 1 180 ? 0.092   -3.213  0.090   1.00 4.63   ? 198 PRO A CA  1 
ATOM   1336 C C   . PRO A 1 180 ? 0.526   -3.854  -1.195  1.00 7.64   ? 198 PRO A C   1 
ATOM   1337 O O   . PRO A 1 180 ? -0.353  -3.959  -2.057  1.00 10.61  ? 198 PRO A O   1 
ATOM   1338 C CB  . PRO A 1 180 ? -0.558  -4.242  0.996   1.00 4.00   ? 198 PRO A CB  1 
ATOM   1339 C CG  . PRO A 1 180 ? -2.046  -4.072  0.741   1.00 5.12   ? 198 PRO A CG  1 
ATOM   1340 C CD  . PRO A 1 180 ? -2.143  -2.557  0.642   1.00 4.96   ? 198 PRO A CD  1 
ATOM   1341 N N   . VAL A 1 181 ? 1.776   -4.286  -1.443  1.00 7.74   ? 199 VAL A N   1 
ATOM   1342 C CA  . VAL A 1 181 ? 1.938   -5.299  -2.474  1.00 7.71   ? 199 VAL A CA  1 
ATOM   1343 C C   . VAL A 1 181 ? 2.597   -6.420  -1.676  1.00 9.77   ? 199 VAL A C   1 
ATOM   1344 O O   . VAL A 1 181 ? 3.623   -6.274  -1.008  1.00 11.64  ? 199 VAL A O   1 
ATOM   1345 C CB  . VAL A 1 181 ? 2.791   -4.845  -3.781  1.00 10.12  ? 199 VAL A CB  1 
ATOM   1346 C CG1 . VAL A 1 181 ? 3.102   -3.382  -3.666  1.00 5.03   ? 199 VAL A CG1 1 
ATOM   1347 C CG2 . VAL A 1 181 ? 3.980   -5.727  -4.049  1.00 4.32   ? 199 VAL A CG2 1 
ATOM   1348 N N   . VAL A 1 182 ? 1.904   -7.552  -1.673  1.00 9.80   ? 200 VAL A N   1 
ATOM   1349 C CA  . VAL A 1 182 ? 2.242   -8.737  -0.913  1.00 9.79   ? 200 VAL A CA  1 
ATOM   1350 C C   . VAL A 1 182 ? 2.667   -9.808  -1.905  1.00 12.45  ? 200 VAL A C   1 
ATOM   1351 O O   . VAL A 1 182 ? 1.927   -10.036 -2.864  1.00 14.56  ? 200 VAL A O   1 
ATOM   1352 C CB  . VAL A 1 182 ? 0.966   -9.129  -0.105  1.00 5.12   ? 200 VAL A CB  1 
ATOM   1353 C CG1 . VAL A 1 182 ? 1.075   -10.512 0.524   1.00 2.00   ? 200 VAL A CG1 1 
ATOM   1354 C CG2 . VAL A 1 182 ? 0.773   -8.048  0.960   1.00 2.00   ? 200 VAL A CG2 1 
ATOM   1355 N N   . CYS A 1 183 ? 3.811   -10.464 -1.738  1.00 14.37  ? 201 CYS A N   1 
ATOM   1356 C CA  . CYS A 1 183 ? 4.278   -11.481 -2.667  1.00 16.53  ? 201 CYS A CA  1 
ATOM   1357 C C   . CYS A 1 183 ? 4.578   -12.627 -1.780  1.00 14.77  ? 201 CYS A C   1 
ATOM   1358 O O   . CYS A 1 183 ? 5.287   -12.428 -0.804  1.00 14.21  ? 201 CYS A O   1 
ATOM   1359 C CB  . CYS A 1 183 ? 5.566   -11.144 -3.299  1.00 24.20  ? 201 CYS A CB  1 
ATOM   1360 S SG  . CYS A 1 183 ? 5.621   -9.398  -3.746  1.00 48.76  ? 201 CYS A SG  1 
ATOM   1361 N N   . ASN A 1 184 ? 4.050   -13.798 -2.024  1.00 16.00  ? 202 ASN A N   1 
ATOM   1362 C CA  . ASN A 1 184 ? 4.286   -15.003 -1.212  1.00 21.63  ? 202 ASN A CA  1 
ATOM   1363 C C   . ASN A 1 184 ? 4.134   -14.803 0.286   1.00 20.46  ? 202 ASN A C   1 
ATOM   1364 O O   . ASN A 1 184 ? 4.925   -15.264 1.108   1.00 22.51  ? 202 ASN A O   1 
ATOM   1365 C CB  . ASN A 1 184 ? 5.687   -15.594 -1.446  1.00 27.72  ? 202 ASN A CB  1 
ATOM   1366 C CG  . ASN A 1 184 ? 5.913   -15.911 -2.903  1.00 37.20  ? 202 ASN A CG  1 
ATOM   1367 O OD1 . ASN A 1 184 ? 5.402   -16.861 -3.472  1.00 43.83  ? 202 ASN A OD1 1 
ATOM   1368 N ND2 . ASN A 1 184 ? 6.645   -15.096 -3.633  1.00 44.89  ? 202 ASN A ND2 1 
ATOM   1369 N N   . GLY A 1 185 ? 3.082   -14.071 0.633   1.00 17.64  ? 203 GLY A N   1 
ATOM   1370 C CA  . GLY A 1 185 ? 2.723   -13.831 2.006   1.00 12.71  ? 203 GLY A CA  1 
ATOM   1371 C C   . GLY A 1 185 ? 3.501   -12.745 2.706   1.00 14.60  ? 203 GLY A C   1 
ATOM   1372 O O   . GLY A 1 185 ? 3.306   -12.624 3.915   1.00 16.92  ? 203 GLY A O   1 
ATOM   1373 N N   . GLU A 1 186 ? 4.336   -11.911 2.094   1.00 12.79  ? 204 GLU A N   1 
ATOM   1374 C CA  . GLU A 1 186 ? 5.039   -10.919 2.861   1.00 12.19  ? 204 GLU A CA  1 
ATOM   1375 C C   . GLU A 1 186 ? 4.843   -9.567  2.210   1.00 12.69  ? 204 GLU A C   1 
ATOM   1376 O O   . GLU A 1 186 ? 4.672   -9.478  0.992   1.00 15.81  ? 204 GLU A O   1 
ATOM   1377 C CB  . GLU A 1 186 ? 6.498   -11.272 2.900   1.00 15.84  ? 204 GLU A CB  1 
ATOM   1378 C CG  . GLU A 1 186 ? 6.751   -12.720 3.308   1.00 19.67  ? 204 GLU A CG  1 
ATOM   1379 C CD  . GLU A 1 186 ? 8.225   -13.008 3.383   1.00 26.75  ? 204 GLU A CD  1 
ATOM   1380 O OE1 . GLU A 1 186 ? 8.948   -12.923 2.385   1.00 29.38  ? 204 GLU A OE1 1 
ATOM   1381 O OE2 . GLU A 1 186 ? 8.682   -13.307 4.477   1.00 34.19  ? 204 GLU A OE2 1 
ATOM   1382 N N   . LEU A 1 187 ? 4.851   -8.480  2.969   1.00 11.43  ? 209 LEU A N   1 
ATOM   1383 C CA  . LEU A 1 187 ? 4.666   -7.156  2.431   1.00 8.96   ? 209 LEU A CA  1 
ATOM   1384 C C   . LEU A 1 187 ? 5.962   -6.771  1.764   1.00 8.84   ? 209 LEU A C   1 
ATOM   1385 O O   . LEU A 1 187 ? 6.917   -6.507  2.467   1.00 12.32  ? 209 LEU A O   1 
ATOM   1386 C CB  . LEU A 1 187 ? 4.353   -6.186  3.552   1.00 3.76   ? 209 LEU A CB  1 
ATOM   1387 C CG  . LEU A 1 187 ? 4.089   -4.753  3.150   1.00 4.45   ? 209 LEU A CG  1 
ATOM   1388 C CD1 . LEU A 1 187 ? 2.787   -4.661  2.357   1.00 2.00   ? 209 LEU A CD1 1 
ATOM   1389 C CD2 . LEU A 1 187 ? 3.948   -3.914  4.405   1.00 4.74   ? 209 LEU A CD2 1 
ATOM   1390 N N   . GLN A 1 188 ? 6.044   -6.692  0.440   1.00 11.28  ? 210 GLN A N   1 
ATOM   1391 C CA  . GLN A 1 188 ? 7.241   -6.371  -0.302  1.00 8.04   ? 210 GLN A CA  1 
ATOM   1392 C C   . GLN A 1 188 ? 7.204   -4.952  -0.769  1.00 9.38   ? 210 GLN A C   1 
ATOM   1393 O O   . GLN A 1 188 ? 8.272   -4.416  -1.051  1.00 12.08  ? 210 GLN A O   1 
ATOM   1394 C CB  . GLN A 1 188 ? 7.384   -7.224  -1.528  1.00 7.36   ? 210 GLN A CB  1 
ATOM   1395 C CG  . GLN A 1 188 ? 7.880   -8.597  -1.253  1.00 9.53   ? 210 GLN A CG  1 
ATOM   1396 C CD  . GLN A 1 188 ? 9.253   -8.580  -0.574  1.00 17.89  ? 210 GLN A CD  1 
ATOM   1397 O OE1 . GLN A 1 188 ? 9.609   -9.514  0.134   1.00 22.69  ? 210 GLN A OE1 1 
ATOM   1398 N NE2 . GLN A 1 188 ? 10.163  -7.624  -0.707  1.00 15.59  ? 210 GLN A NE2 1 
ATOM   1399 N N   . GLY A 1 189 ? 6.077   -4.282  -0.896  1.00 6.31   ? 211 GLY A N   1 
ATOM   1400 C CA  . GLY A 1 189 ? 6.103   -2.917  -1.363  1.00 5.42   ? 211 GLY A CA  1 
ATOM   1401 C C   . GLY A 1 189 ? 4.927   -2.130  -0.828  1.00 8.09   ? 211 GLY A C   1 
ATOM   1402 O O   . GLY A 1 189 ? 4.009   -2.729  -0.276  1.00 10.24  ? 211 GLY A O   1 
ATOM   1403 N N   . ILE A 1 190 ? 4.949   -0.804  -0.953  1.00 8.86   ? 212 ILE A N   1 
ATOM   1404 C CA  . ILE A 1 190 ? 3.893   0.090   -0.510  1.00 6.28   ? 212 ILE A CA  1 
ATOM   1405 C C   . ILE A 1 190 ? 3.600   0.922   -1.758  1.00 6.21   ? 212 ILE A C   1 
ATOM   1406 O O   . ILE A 1 190 ? 4.552   1.369   -2.418  1.00 8.92   ? 212 ILE A O   1 
ATOM   1407 C CB  . ILE A 1 190 ? 4.428   0.962   0.640   1.00 4.88   ? 212 ILE A CB  1 
ATOM   1408 C CG1 . ILE A 1 190 ? 4.710   0.099   1.849   1.00 4.41   ? 212 ILE A CG1 1 
ATOM   1409 C CG2 . ILE A 1 190 ? 3.442   2.058   0.977   1.00 2.00   ? 212 ILE A CG2 1 
ATOM   1410 C CD1 . ILE A 1 190 ? 5.770   0.834   2.707   1.00 5.20   ? 212 ILE A CD1 1 
ATOM   1411 N N   . VAL A 1 191 ? 2.335   1.110   -2.174  1.00 5.66   ? 213 VAL A N   1 
ATOM   1412 C CA  . VAL A 1 191 ? 2.007   1.951   -3.324  1.00 3.94   ? 213 VAL A CA  1 
ATOM   1413 C C   . VAL A 1 191 ? 2.512   3.397   -3.127  1.00 6.46   ? 213 VAL A C   1 
ATOM   1414 O O   . VAL A 1 191 ? 2.160   4.103   -2.170  1.00 9.41   ? 213 VAL A O   1 
ATOM   1415 C CB  . VAL A 1 191 ? 0.483   1.913   -3.539  1.00 2.00   ? 213 VAL A CB  1 
ATOM   1416 C CG1 . VAL A 1 191 ? 0.181   2.698   -4.809  1.00 2.00   ? 213 VAL A CG1 1 
ATOM   1417 C CG2 . VAL A 1 191 ? -0.045  0.473   -3.695  1.00 2.89   ? 213 VAL A CG2 1 
ATOM   1418 N N   . SER A 1 192 ? 3.349   3.855   -4.037  1.00 8.16   ? 214 SER A N   1 
ATOM   1419 C CA  . SER A 1 192 ? 3.974   5.146   -3.889  1.00 8.98   ? 214 SER A CA  1 
ATOM   1420 C C   . SER A 1 192 ? 3.704   6.115   -5.052  1.00 11.50  ? 214 SER A C   1 
ATOM   1421 O O   . SER A 1 192 ? 3.021   7.123   -4.820  1.00 14.54  ? 214 SER A O   1 
ATOM   1422 C CB  . SER A 1 192 ? 5.436   4.867   -3.682  1.00 7.22   ? 214 SER A CB  1 
ATOM   1423 O OG  . SER A 1 192 ? 6.117   6.064   -3.357  1.00 9.75   ? 214 SER A OG  1 
ATOM   1424 N N   . TRP A 1 193 ? 4.073   5.921   -6.307  1.00 9.44   ? 215 TRP A N   1 
ATOM   1425 C CA  . TRP A 1 193 ? 3.843   6.918   -7.325  1.00 7.77   ? 215 TRP A CA  1 
ATOM   1426 C C   . TRP A 1 193 ? 4.024   6.275   -8.677  1.00 10.96  ? 215 TRP A C   1 
ATOM   1427 O O   . TRP A 1 193 ? 4.307   5.089   -8.747  1.00 13.62  ? 215 TRP A O   1 
ATOM   1428 C CB  . TRP A 1 193 ? 4.844   8.054   -7.169  1.00 7.43   ? 215 TRP A CB  1 
ATOM   1429 C CG  . TRP A 1 193 ? 6.336   7.714   -7.292  1.00 6.73   ? 215 TRP A CG  1 
ATOM   1430 C CD1 . TRP A 1 193 ? 7.055   7.260   -6.215  1.00 6.45   ? 215 TRP A CD1 1 
ATOM   1431 C CD2 . TRP A 1 193 ? 7.114   7.848   -8.425  1.00 6.55   ? 215 TRP A CD2 1 
ATOM   1432 N NE1 . TRP A 1 193 ? 8.286   7.105   -6.667  1.00 6.14   ? 215 TRP A NE1 1 
ATOM   1433 C CE2 . TRP A 1 193 ? 8.360   7.438   -7.968  1.00 3.82   ? 215 TRP A CE2 1 
ATOM   1434 C CE3 . TRP A 1 193 ? 6.947   8.227   -9.747  1.00 6.89   ? 215 TRP A CE3 1 
ATOM   1435 C CZ2 . TRP A 1 193 ? 9.454   7.401   -8.813  1.00 6.86   ? 215 TRP A CZ2 1 
ATOM   1436 C CZ3 . TRP A 1 193 ? 8.049   8.190   -10.583 1.00 4.78   ? 215 TRP A CZ3 1 
ATOM   1437 C CH2 . TRP A 1 193 ? 9.290   7.783   -10.131 1.00 2.31   ? 215 TRP A CH2 1 
ATOM   1438 N N   . GLY A 1 194 ? 3.886   6.975   -9.792  1.00 11.53  ? 216 GLY A N   1 
ATOM   1439 C CA  . GLY A 1 194 ? 4.139   6.498   -11.150 1.00 9.51   ? 216 GLY A CA  1 
ATOM   1440 C C   . GLY A 1 194 ? 3.751   7.648   -12.060 1.00 9.82   ? 216 GLY A C   1 
ATOM   1441 O O   . GLY A 1 194 ? 3.165   8.611   -11.561 1.00 14.80  ? 216 GLY A O   1 
ATOM   1442 N N   . TYR A 1 195 ? 3.998   7.698   -13.343 1.00 9.43   ? 217 TYR A N   1 
ATOM   1443 C CA  . TYR A 1 195 ? 3.540   8.805   -14.167 1.00 8.78   ? 217 TYR A CA  1 
ATOM   1444 C C   . TYR A 1 195 ? 2.185   8.317   -14.714 1.00 10.88  ? 217 TYR A C   1 
ATOM   1445 O O   . TYR A 1 195 ? 2.132   7.266   -15.381 1.00 14.16  ? 217 TYR A O   1 
ATOM   1446 C CB  . TYR A 1 195 ? 4.646   9.032   -15.212 1.00 10.50  ? 217 TYR A CB  1 
ATOM   1447 C CG  . TYR A 1 195 ? 4.248   9.832   -16.437 1.00 14.64  ? 217 TYR A CG  1 
ATOM   1448 C CD1 . TYR A 1 195 ? 3.544   9.204   -17.428 1.00 19.06  ? 217 TYR A CD1 1 
ATOM   1449 C CD2 . TYR A 1 195 ? 4.539   11.177  -16.571 1.00 20.67  ? 217 TYR A CD2 1 
ATOM   1450 C CE1 . TYR A 1 195 ? 3.138   9.898   -18.540 1.00 25.67  ? 217 TYR A CE1 1 
ATOM   1451 C CE2 . TYR A 1 195 ? 4.131   11.889  -17.697 1.00 22.18  ? 217 TYR A CE2 1 
ATOM   1452 C CZ  . TYR A 1 195 ? 3.424   11.231  -18.672 1.00 25.19  ? 217 TYR A CZ  1 
ATOM   1453 O OH  . TYR A 1 195 ? 2.964   11.856  -19.817 1.00 36.81  ? 217 TYR A OH  1 
ATOM   1454 N N   . GLY A 1 196 ? 1.049   8.993   -14.489 1.00 7.57   ? 219 GLY A N   1 
ATOM   1455 C CA  . GLY A 1 196 ? -0.248  8.514   -14.953 1.00 3.72   ? 219 GLY A CA  1 
ATOM   1456 C C   . GLY A 1 196 ? -0.656  7.262   -14.198 1.00 7.04   ? 219 GLY A C   1 
ATOM   1457 O O   . GLY A 1 196 ? -0.133  6.937   -13.113 1.00 10.91  ? 219 GLY A O   1 
ATOM   1458 N N   . CYS A 1 197 ? -1.596  6.534   -14.756 1.00 6.71   ? 220 CYS A N   1 
ATOM   1459 C CA  . CYS A 1 197 ? -1.998  5.278   -14.180 1.00 11.41  ? 220 CYS A CA  1 
ATOM   1460 C C   . CYS A 1 197 ? -2.244  4.322   -15.309 1.00 10.17  ? 220 CYS A C   1 
ATOM   1461 O O   . CYS A 1 197 ? -3.020  4.639   -16.197 1.00 11.65  ? 220 CYS A O   1 
ATOM   1462 C CB  . CYS A 1 197 ? -3.280  5.421   -13.384 1.00 19.14  ? 220 CYS A CB  1 
ATOM   1463 S SG  . CYS A 1 197 ? -3.098  6.458   -11.894 1.00 39.74  ? 220 CYS A SG  1 
ATOM   1464 N N   . ALA A 1 198 ? -1.598  3.166   -15.321 1.00 9.32   ? 221 ALA A N   1 
ATOM   1465 C CA  . ALA A 1 198 ? -1.734  2.113   -16.289 1.00 8.00   ? 221 ALA A CA  1 
ATOM   1466 C C   . ALA A 1 198 ? -1.207  2.520   -17.647 1.00 10.70  ? 221 ALA A C   1 
ATOM   1467 O O   . ALA A 1 198 ? -1.554  1.866   -18.629 1.00 12.16  ? 221 ALA A O   1 
ATOM   1468 C CB  . ALA A 1 198 ? -3.221  1.691   -16.384 1.00 2.00   ? 221 ALA A CB  1 
ATOM   1469 N N   . LEU A 1 199 A -0.360  3.549   -17.810 1.00 10.61  ? 221 LEU A N   1 
ATOM   1470 C CA  . LEU A 1 199 A 0.126   3.918   -19.134 1.00 8.03   ? 221 LEU A CA  1 
ATOM   1471 C C   . LEU A 1 199 A 1.186   2.931   -19.629 1.00 9.52   ? 221 LEU A C   1 
ATOM   1472 O O   . LEU A 1 199 A 1.955   2.433   -18.802 1.00 13.01  ? 221 LEU A O   1 
ATOM   1473 C CB  . LEU A 1 199 A 0.713   5.331   -19.117 1.00 3.55   ? 221 LEU A CB  1 
ATOM   1474 C CG  . LEU A 1 199 A -0.258  6.423   -18.763 1.00 6.33   ? 221 LEU A CG  1 
ATOM   1475 C CD1 . LEU A 1 199 A 0.366   7.770   -19.041 1.00 7.04   ? 221 LEU A CD1 1 
ATOM   1476 C CD2 . LEU A 1 199 A -1.499  6.318   -19.653 1.00 3.08   ? 221 LEU A CD2 1 
ATOM   1477 N N   . PRO A 1 200 ? 1.263   2.592   -20.927 1.00 6.44   ? 222 PRO A N   1 
ATOM   1478 C CA  . PRO A 1 200 ? 2.425   1.969   -21.523 1.00 5.78   ? 222 PRO A CA  1 
ATOM   1479 C C   . PRO A 1 200 ? 3.737   2.564   -21.069 1.00 7.00   ? 222 PRO A C   1 
ATOM   1480 O O   . PRO A 1 200 ? 3.866   3.778   -20.943 1.00 11.53  ? 222 PRO A O   1 
ATOM   1481 C CB  . PRO A 1 200 ? 2.223   2.132   -23.010 1.00 5.23   ? 222 PRO A CB  1 
ATOM   1482 C CG  . PRO A 1 200 ? 0.739   2.036   -23.171 1.00 5.11   ? 222 PRO A CG  1 
ATOM   1483 C CD  . PRO A 1 200 ? 0.242   2.797   -21.958 1.00 3.09   ? 222 PRO A CD  1 
ATOM   1484 N N   . ASP A 1 201 ? 4.679   1.719   -20.736 1.00 7.59   ? 223 ASP A N   1 
ATOM   1485 C CA  . ASP A 1 201 ? 6.008   2.115   -20.372 1.00 8.87   ? 223 ASP A CA  1 
ATOM   1486 C C   . ASP A 1 201 ? 6.129   2.922   -19.130 1.00 11.56  ? 223 ASP A C   1 
ATOM   1487 O O   . ASP A 1 201 ? 7.224   3.423   -18.888 1.00 14.76  ? 223 ASP A O   1 
ATOM   1488 C CB  . ASP A 1 201 ? 6.687   2.908   -21.468 1.00 11.38  ? 223 ASP A CB  1 
ATOM   1489 C CG  . ASP A 1 201 ? 6.901   2.032   -22.668 1.00 22.78  ? 223 ASP A CG  1 
ATOM   1490 O OD1 . ASP A 1 201 ? 7.408   0.904   -22.531 1.00 29.48  ? 223 ASP A OD1 1 
ATOM   1491 O OD2 . ASP A 1 201 ? 6.498   2.471   -23.740 1.00 29.66  ? 223 ASP A OD2 1 
ATOM   1492 N N   . ASN A 1 202 ? 5.093   3.036   -18.287 1.00 12.19  ? 224 ASN A N   1 
ATOM   1493 C CA  . ASN A 1 202 ? 5.158   3.835   -17.070 1.00 9.66   ? 224 ASN A CA  1 
ATOM   1494 C C   . ASN A 1 202 ? 4.666   2.999   -15.912 1.00 9.73   ? 224 ASN A C   1 
ATOM   1495 O O   . ASN A 1 202 ? 3.541   3.196   -15.453 1.00 10.64  ? 224 ASN A O   1 
ATOM   1496 C CB  . ASN A 1 202 ? 4.296   5.066   -17.208 1.00 10.94  ? 224 ASN A CB  1 
ATOM   1497 C CG  . ASN A 1 202 ? 4.915   6.051   -18.179 1.00 12.98  ? 224 ASN A CG  1 
ATOM   1498 O OD1 . ASN A 1 202 ? 5.864   6.767   -17.876 1.00 17.12  ? 224 ASN A OD1 1 
ATOM   1499 N ND2 . ASN A 1 202 ? 4.417   6.072   -19.398 1.00 14.22  ? 224 ASN A ND2 1 
ATOM   1500 N N   . PRO A 1 203 ? 5.447   2.007   -15.456 1.00 8.75   ? 225 PRO A N   1 
ATOM   1501 C CA  . PRO A 1 203 ? 4.953   1.064   -14.451 1.00 5.82   ? 225 PRO A CA  1 
ATOM   1502 C C   . PRO A 1 203 ? 4.782   1.740   -13.103 1.00 7.41   ? 225 PRO A C   1 
ATOM   1503 O O   . PRO A 1 203 ? 5.383   2.787   -12.885 1.00 9.06   ? 225 PRO A O   1 
ATOM   1504 C CB  . PRO A 1 203 ? 5.997   -0.003  -14.464 1.00 6.41   ? 225 PRO A CB  1 
ATOM   1505 C CG  . PRO A 1 203 ? 7.306   0.757   -14.690 1.00 4.52   ? 225 PRO A CG  1 
ATOM   1506 C CD  . PRO A 1 203 ? 6.819   1.623   -15.842 1.00 6.63   ? 225 PRO A CD  1 
ATOM   1507 N N   . GLY A 1 204 ? 4.043   1.248   -12.124 1.00 8.41   ? 226 GLY A N   1 
ATOM   1508 C CA  . GLY A 1 204 ? 3.969   1.949   -10.835 1.00 6.23   ? 226 GLY A CA  1 
ATOM   1509 C C   . GLY A 1 204 ? 5.245   1.747   -10.051 1.00 6.38   ? 226 GLY A C   1 
ATOM   1510 O O   . GLY A 1 204 ? 5.911   0.714   -10.231 1.00 11.69  ? 226 GLY A O   1 
ATOM   1511 N N   . VAL A 1 205 ? 5.655   2.649   -9.152  1.00 6.66   ? 227 VAL A N   1 
ATOM   1512 C CA  . VAL A 1 205 ? 6.819   2.381   -8.329  1.00 7.25   ? 227 VAL A CA  1 
ATOM   1513 C C   . VAL A 1 205 ? 6.361   2.434   -6.865  1.00 9.31   ? 227 VAL A C   1 
ATOM   1514 O O   . VAL A 1 205 ? 5.334   3.024   -6.441  1.00 12.76  ? 227 VAL A O   1 
ATOM   1515 C CB  . VAL A 1 205 ? 8.038   3.362   -8.756  1.00 8.84   ? 227 VAL A CB  1 
ATOM   1516 C CG1 . VAL A 1 205 ? 7.588   4.350   -9.806  1.00 6.99   ? 227 VAL A CG1 1 
ATOM   1517 C CG2 . VAL A 1 205 ? 8.673   3.997   -7.554  1.00 7.47   ? 227 VAL A CG2 1 
ATOM   1518 N N   . TYR A 1 206 ? 7.022   1.550   -6.132  1.00 5.20   ? 228 TYR A N   1 
ATOM   1519 C CA  . TYR A 1 206 ? 6.566   1.145   -4.817  1.00 7.28   ? 228 TYR A CA  1 
ATOM   1520 C C   . TYR A 1 206 ? 7.667   1.313   -3.808  1.00 9.05   ? 228 TYR A C   1 
ATOM   1521 O O   . TYR A 1 206 ? 8.816   1.142   -4.202  1.00 13.55  ? 228 TYR A O   1 
ATOM   1522 C CB  . TYR A 1 206 ? 6.147   -0.335  -4.877  1.00 3.66   ? 228 TYR A CB  1 
ATOM   1523 C CG  . TYR A 1 206 ? 4.933   -0.503  -5.767  1.00 2.00   ? 228 TYR A CG  1 
ATOM   1524 C CD1 . TYR A 1 206 ? 5.063   -0.573  -7.128  1.00 2.00   ? 228 TYR A CD1 1 
ATOM   1525 C CD2 . TYR A 1 206 ? 3.687   -0.524  -5.200  1.00 2.00   ? 228 TYR A CD2 1 
ATOM   1526 C CE1 . TYR A 1 206 ? 3.953   -0.650  -7.934  1.00 2.30   ? 228 TYR A CE1 1 
ATOM   1527 C CE2 . TYR A 1 206 ? 2.568   -0.608  -5.994  1.00 2.00   ? 228 TYR A CE2 1 
ATOM   1528 C CZ  . TYR A 1 206 ? 2.710   -0.670  -7.353  1.00 4.73   ? 228 TYR A CZ  1 
ATOM   1529 O OH  . TYR A 1 206 ? 1.584   -0.766  -8.137  1.00 9.54   ? 228 TYR A OH  1 
ATOM   1530 N N   . THR A 1 207 ? 7.464   1.600   -2.538  1.00 8.80   ? 229 THR A N   1 
ATOM   1531 C CA  . THR A 1 207 ? 8.582   1.653   -1.631  1.00 6.89   ? 229 THR A CA  1 
ATOM   1532 C C   . THR A 1 207 ? 8.990   0.230   -1.415  1.00 7.97   ? 229 THR A C   1 
ATOM   1533 O O   . THR A 1 207 ? 8.100   -0.578  -1.155  1.00 9.26   ? 229 THR A O   1 
ATOM   1534 C CB  . THR A 1 207 ? 8.171   2.225   -0.332  1.00 4.91   ? 229 THR A CB  1 
ATOM   1535 O OG1 . THR A 1 207 ? 7.474   3.391   -0.712  1.00 9.25   ? 229 THR A OG1 1 
ATOM   1536 C CG2 . THR A 1 207 ? 9.317   2.476   0.632   1.00 6.17   ? 229 THR A CG2 1 
ATOM   1537 N N   . LYS A 1 208 ? 10.299  -0.039  -1.489  1.00 9.89   ? 230 LYS A N   1 
ATOM   1538 C CA  . LYS A 1 208 ? 10.849  -1.354  -1.281  1.00 10.10  ? 230 LYS A CA  1 
ATOM   1539 C C   . LYS A 1 208 ? 10.909  -1.642  0.234   1.00 12.31  ? 230 LYS A C   1 
ATOM   1540 O O   . LYS A 1 208 ? 11.884  -1.277  0.912   1.00 15.50  ? 230 LYS A O   1 
ATOM   1541 C CB  . LYS A 1 208 ? 12.195  -1.346  -1.922  1.00 7.71   ? 230 LYS A CB  1 
ATOM   1542 C CG  . LYS A 1 208 ? 12.756  -2.744  -1.981  1.00 10.71  ? 230 LYS A CG  1 
ATOM   1543 C CD  . LYS A 1 208 ? 14.143  -2.610  -2.514  1.00 13.57  ? 230 LYS A CD  1 
ATOM   1544 C CE  . LYS A 1 208 ? 14.622  -4.000  -2.849  1.00 21.62  ? 230 LYS A CE  1 
ATOM   1545 N NZ  . LYS A 1 208 ? 15.877  -3.922  -3.559  1.00 25.43  ? 230 LYS A NZ  1 
ATOM   1546 N N   . VAL A 1 209 ? 9.900   -2.307  0.816   1.00 10.49  ? 231 VAL A N   1 
ATOM   1547 C CA  . VAL A 1 209 ? 9.807   -2.534  2.246   1.00 10.06  ? 231 VAL A CA  1 
ATOM   1548 C C   . VAL A 1 209 ? 10.949  -3.387  2.781   1.00 14.12  ? 231 VAL A C   1 
ATOM   1549 O O   . VAL A 1 209 ? 11.333  -3.147  3.927   1.00 17.13  ? 231 VAL A O   1 
ATOM   1550 C CB  . VAL A 1 209 ? 8.413   -3.201  2.621   1.00 9.68   ? 231 VAL A CB  1 
ATOM   1551 C CG1 . VAL A 1 209 ? 8.189   -3.353  4.134   1.00 3.96   ? 231 VAL A CG1 1 
ATOM   1552 C CG2 . VAL A 1 209 ? 7.296   -2.307  2.127   1.00 5.15   ? 231 VAL A CG2 1 
ATOM   1553 N N   . CYS A 1 210 ? 11.617  -4.316  2.079   1.00 16.56  ? 232 CYS A N   1 
ATOM   1554 C CA  . CYS A 1 210 ? 12.648  -5.124  2.705   1.00 20.78  ? 232 CYS A CA  1 
ATOM   1555 C C   . CYS A 1 210 ? 13.875  -4.311  3.047   1.00 20.31  ? 232 CYS A C   1 
ATOM   1556 O O   . CYS A 1 210 ? 14.783  -4.841  3.669   1.00 24.28  ? 232 CYS A O   1 
ATOM   1557 C CB  . CYS A 1 210 ? 13.002  -6.232  1.793   1.00 29.26  ? 232 CYS A CB  1 
ATOM   1558 S SG  . CYS A 1 210 ? 13.668  -5.429  0.322   1.00 51.28  ? 232 CYS A SG  1 
ATOM   1559 N N   . ASN A 1 211 ? 13.924  -3.025  2.678   1.00 20.00  ? 233 ASN A N   1 
ATOM   1560 C CA  . ASN A 1 211 ? 14.962  -2.086  3.099   1.00 18.77  ? 233 ASN A CA  1 
ATOM   1561 C C   . ASN A 1 211 ? 14.663  -1.430  4.446   1.00 19.21  ? 233 ASN A C   1 
ATOM   1562 O O   . ASN A 1 211 ? 15.477  -0.682  4.989   1.00 21.40  ? 233 ASN A O   1 
ATOM   1563 C CB  . ASN A 1 211 ? 15.119  -0.931  2.140   1.00 15.72  ? 233 ASN A CB  1 
ATOM   1564 C CG  . ASN A 1 211 ? 15.889  -1.289  0.919   1.00 18.93  ? 233 ASN A CG  1 
ATOM   1565 O OD1 . ASN A 1 211 ? 16.244  -2.456  0.734   1.00 21.07  ? 233 ASN A OD1 1 
ATOM   1566 N ND2 . ASN A 1 211 ? 16.156  -0.284  0.092   1.00 17.54  ? 233 ASN A ND2 1 
ATOM   1567 N N   . TYR A 1 212 ? 13.481  -1.615  5.025   1.00 16.98  ? 234 TYR A N   1 
ATOM   1568 C CA  . TYR A 1 212 ? 13.101  -0.856  6.199   1.00 12.98  ? 234 TYR A CA  1 
ATOM   1569 C C   . TYR A 1 212 ? 12.744  -1.765  7.325   1.00 13.60  ? 234 TYR A C   1 
ATOM   1570 O O   . TYR A 1 212 ? 12.250  -1.238  8.313   1.00 16.93  ? 234 TYR A O   1 
ATOM   1571 C CB  . TYR A 1 212 ? 11.899  0.014   5.908   1.00 7.42   ? 234 TYR A CB  1 
ATOM   1572 C CG  . TYR A 1 212 ? 12.186  1.028   4.834   1.00 9.19   ? 234 TYR A CG  1 
ATOM   1573 C CD1 . TYR A 1 212 ? 12.023  0.699   3.504   1.00 9.33   ? 234 TYR A CD1 1 
ATOM   1574 C CD2 . TYR A 1 212 ? 12.650  2.254   5.209   1.00 8.94   ? 234 TYR A CD2 1 
ATOM   1575 C CE1 . TYR A 1 212 ? 12.334  1.620   2.531   1.00 11.69  ? 234 TYR A CE1 1 
ATOM   1576 C CE2 . TYR A 1 212 ? 12.957  3.172   4.253   1.00 10.60  ? 234 TYR A CE2 1 
ATOM   1577 C CZ  . TYR A 1 212 ? 12.805  2.845   2.934   1.00 13.16  ? 234 TYR A CZ  1 
ATOM   1578 O OH  . TYR A 1 212 ? 13.138  3.792   1.992   1.00 20.33  ? 234 TYR A OH  1 
ATOM   1579 N N   . VAL A 1 213 ? 13.011  -3.059  7.299   1.00 14.95  ? 235 VAL A N   1 
ATOM   1580 C CA  . VAL A 1 213 ? 12.523  -3.900  8.367   1.00 19.68  ? 235 VAL A CA  1 
ATOM   1581 C C   . VAL A 1 213 ? 13.174  -3.529  9.693   1.00 23.73  ? 235 VAL A C   1 
ATOM   1582 O O   . VAL A 1 213 ? 12.449  -3.451  10.689  1.00 28.38  ? 235 VAL A O   1 
ATOM   1583 C CB  . VAL A 1 213 ? 12.767  -5.383  8.012   1.00 19.90  ? 235 VAL A CB  1 
ATOM   1584 C CG1 . VAL A 1 213 ? 12.290  -6.317  9.129   1.00 19.32  ? 235 VAL A CG1 1 
ATOM   1585 C CG2 . VAL A 1 213 ? 11.930  -5.737  6.804   1.00 17.25  ? 235 VAL A CG2 1 
ATOM   1586 N N   . ASP A 1 214 ? 14.457  -3.175  9.750   1.00 25.47  ? 236 ASP A N   1 
ATOM   1587 C CA  . ASP A 1 214 ? 15.094  -2.773  10.992  1.00 25.96  ? 236 ASP A CA  1 
ATOM   1588 C C   . ASP A 1 214 ? 14.435  -1.515  11.495  1.00 24.42  ? 236 ASP A C   1 
ATOM   1589 O O   . ASP A 1 214 ? 13.972  -1.482  12.622  1.00 25.27  ? 236 ASP A O   1 
ATOM   1590 C CB  . ASP A 1 214 ? 16.544  -2.447  10.814  1.00 35.65  ? 236 ASP A CB  1 
ATOM   1591 C CG  . ASP A 1 214 ? 17.271  -3.378  9.872   1.00 45.94  ? 236 ASP A CG  1 
ATOM   1592 O OD1 . ASP A 1 214 ? 17.185  -4.606  10.035  1.00 50.30  ? 236 ASP A OD1 1 
ATOM   1593 O OD2 . ASP A 1 214 ? 17.868  -2.842  8.924   1.00 55.45  ? 236 ASP A OD2 1 
ATOM   1594 N N   . TRP A 1 215 ? 14.246  -0.495  10.657  1.00 22.01  ? 237 TRP A N   1 
ATOM   1595 C CA  . TRP A 1 215 ? 13.569  0.714   11.098  1.00 20.48  ? 237 TRP A CA  1 
ATOM   1596 C C   . TRP A 1 215 ? 12.163  0.435   11.613  1.00 20.90  ? 237 TRP A C   1 
ATOM   1597 O O   . TRP A 1 215 ? 11.753  1.000   12.632  1.00 22.52  ? 237 TRP A O   1 
ATOM   1598 C CB  . TRP A 1 215 ? 13.453  1.744   9.962   1.00 16.58  ? 237 TRP A CB  1 
ATOM   1599 C CG  . TRP A 1 215 ? 12.691  3.028   10.332  1.00 13.39  ? 237 TRP A CG  1 
ATOM   1600 C CD1 . TRP A 1 215 ? 13.268  3.997   11.107  1.00 11.30  ? 237 TRP A CD1 1 
ATOM   1601 C CD2 . TRP A 1 215 ? 11.398  3.344   9.972   1.00 12.84  ? 237 TRP A CD2 1 
ATOM   1602 N NE1 . TRP A 1 215 ? 12.344  4.918   11.233  1.00 14.89  ? 237 TRP A NE1 1 
ATOM   1603 C CE2 . TRP A 1 215 ? 11.225  4.569   10.581  1.00 12.73  ? 237 TRP A CE2 1 
ATOM   1604 C CE3 . TRP A 1 215 ? 10.373  2.785   9.236   1.00 11.41  ? 237 TRP A CE3 1 
ATOM   1605 C CZ2 . TRP A 1 215 ? 10.030  5.248   10.470  1.00 14.35  ? 237 TRP A CZ2 1 
ATOM   1606 C CZ3 . TRP A 1 215 ? 9.180   3.460   9.130   1.00 8.96   ? 237 TRP A CZ3 1 
ATOM   1607 C CH2 . TRP A 1 215 ? 9.010   4.677   9.736   1.00 11.66  ? 237 TRP A CH2 1 
ATOM   1608 N N   . ILE A 1 216 ? 11.387  -0.414  10.939  1.00 20.81  ? 238 ILE A N   1 
ATOM   1609 C CA  . ILE A 1 216 ? 10.006  -0.661  11.356  1.00 20.26  ? 238 ILE A CA  1 
ATOM   1610 C C   . ILE A 1 216 ? 10.087  -1.275  12.736  1.00 22.93  ? 238 ILE A C   1 
ATOM   1611 O O   . ILE A 1 216 ? 9.397   -0.788  13.632  1.00 23.55  ? 238 ILE A O   1 
ATOM   1612 C CB  . ILE A 1 216 ? 9.314   -1.607  10.351  1.00 16.06  ? 238 ILE A CB  1 
ATOM   1613 C CG1 . ILE A 1 216 ? 8.987   -0.812  9.090   1.00 13.48  ? 238 ILE A CG1 1 
ATOM   1614 C CG2 . ILE A 1 216 ? 8.080   -2.239  10.962  1.00 14.56  ? 238 ILE A CG2 1 
ATOM   1615 C CD1 . ILE A 1 216 ? 8.681   -1.674  7.843   1.00 13.26  ? 238 ILE A CD1 1 
ATOM   1616 N N   . GLN A 1 217 ? 10.972  -2.261  12.928  1.00 24.82  ? 239 GLN A N   1 
ATOM   1617 C CA  . GLN A 1 217 ? 11.130  -2.884  14.220  1.00 27.15  ? 239 GLN A CA  1 
ATOM   1618 C C   . GLN A 1 217 ? 11.674  -1.935  15.286  1.00 28.48  ? 239 GLN A C   1 
ATOM   1619 O O   . GLN A 1 217 ? 11.043  -1.866  16.350  1.00 29.46  ? 239 GLN A O   1 
ATOM   1620 C CB  . GLN A 1 217 ? 12.015  -4.080  14.072  1.00 27.80  ? 239 GLN A CB  1 
ATOM   1621 C CG  . GLN A 1 217 ? 11.107  -5.150  13.521  1.00 33.96  ? 239 GLN A CG  1 
ATOM   1622 C CD  . GLN A 1 217 ? 11.833  -6.417  13.123  1.00 40.93  ? 239 GLN A CD  1 
ATOM   1623 O OE1 . GLN A 1 217 ? 13.063  -6.508  13.072  1.00 46.56  ? 239 GLN A OE1 1 
ATOM   1624 N NE2 . GLN A 1 217 ? 11.070  -7.453  12.816  1.00 44.24  ? 239 GLN A NE2 1 
ATOM   1625 N N   . ASP A 1 218 ? 12.738  -1.162  15.065  1.00 27.89  ? 240 ASP A N   1 
ATOM   1626 C CA  . ASP A 1 218 ? 13.206  -0.181  16.025  1.00 29.68  ? 240 ASP A CA  1 
ATOM   1627 C C   . ASP A 1 218 ? 12.085  0.700   16.494  1.00 28.61  ? 240 ASP A C   1 
ATOM   1628 O O   . ASP A 1 218 ? 11.836  0.798   17.694  1.00 29.02  ? 240 ASP A O   1 
ATOM   1629 C CB  . ASP A 1 218 ? 14.243  0.754   15.447  1.00 35.24  ? 240 ASP A CB  1 
ATOM   1630 C CG  . ASP A 1 218 ? 15.574  0.122   15.104  1.00 43.91  ? 240 ASP A CG  1 
ATOM   1631 O OD1 . ASP A 1 218 ? 15.855  -0.993  15.564  1.00 45.41  ? 240 ASP A OD1 1 
ATOM   1632 O OD2 . ASP A 1 218 ? 16.325  0.771   14.359  1.00 52.84  ? 240 ASP A OD2 1 
ATOM   1633 N N   . THR A 1 219 ? 11.340  1.242   15.525  1.00 26.61  ? 241 THR A N   1 
ATOM   1634 C CA  . THR A 1 219 ? 10.275  2.178   15.788  1.00 23.21  ? 241 THR A CA  1 
ATOM   1635 C C   . THR A 1 219 ? 9.111   1.614   16.551  1.00 23.65  ? 241 THR A C   1 
ATOM   1636 O O   . THR A 1 219 ? 8.609   2.286   17.452  1.00 26.97  ? 241 THR A O   1 
ATOM   1637 C CB  . THR A 1 219 ? 9.838   2.736   14.469  1.00 20.29  ? 241 THR A CB  1 
ATOM   1638 O OG1 . THR A 1 219 ? 11.017  3.303   13.905  1.00 23.26  ? 241 THR A OG1 1 
ATOM   1639 C CG2 . THR A 1 219 ? 8.830   3.834   14.579  1.00 17.15  ? 241 THR A CG2 1 
ATOM   1640 N N   . ILE A 1 220 ? 8.655   0.407   16.277  1.00 22.50  ? 242 ILE A N   1 
ATOM   1641 C CA  . ILE A 1 220 ? 7.578   -0.193  17.044  1.00 22.63  ? 242 ILE A CA  1 
ATOM   1642 C C   . ILE A 1 220 ? 8.014   -0.388  18.498  1.00 27.14  ? 242 ILE A C   1 
ATOM   1643 O O   . ILE A 1 220 ? 7.226   -0.173  19.427  1.00 29.46  ? 242 ILE A O   1 
ATOM   1644 C CB  . ILE A 1 220 ? 7.225   -1.520  16.381  1.00 19.58  ? 242 ILE A CB  1 
ATOM   1645 C CG1 . ILE A 1 220 ? 6.596   -1.258  15.016  1.00 15.91  ? 242 ILE A CG1 1 
ATOM   1646 C CG2 . ILE A 1 220 ? 6.317   -2.316  17.307  1.00 21.48  ? 242 ILE A CG2 1 
ATOM   1647 C CD1 . ILE A 1 220 ? 6.282   -2.519  14.235  1.00 14.65  ? 242 ILE A CD1 1 
ATOM   1648 N N   . ALA A 1 221 ? 9.274   -0.812  18.674  1.00 30.27  ? 243 ALA A N   1 
ATOM   1649 C CA  . ALA A 1 221 ? 9.890   -1.054  19.975  1.00 32.56  ? 243 ALA A CA  1 
ATOM   1650 C C   . ALA A 1 221 ? 10.087  0.231   20.760  1.00 33.88  ? 243 ALA A C   1 
ATOM   1651 O O   . ALA A 1 221 ? 9.720   0.316   21.924  1.00 37.72  ? 243 ALA A O   1 
ATOM   1652 C CB  . ALA A 1 221 ? 11.252  -1.683  19.815  1.00 30.69  ? 243 ALA A CB  1 
ATOM   1653 N N   . ALA A 1 222 ? 10.621  1.295   20.173  1.00 34.92  ? 244 ALA A N   1 
ATOM   1654 C CA  . ALA A 1 222 ? 10.789  2.570   20.858  1.00 34.25  ? 244 ALA A CA  1 
ATOM   1655 C C   . ALA A 1 222 ? 9.466   3.252   21.118  1.00 35.32  ? 244 ALA A C   1 
ATOM   1656 O O   . ALA A 1 222 ? 9.422   4.304   21.750  1.00 37.92  ? 244 ALA A O   1 
ATOM   1657 C CB  . ALA A 1 222 ? 11.605  3.539   20.030  1.00 32.83  ? 244 ALA A CB  1 
ATOM   1658 N N   . ASN A 1 223 ? 8.370   2.728   20.575  1.00 35.73  ? 245 ASN A N   1 
ATOM   1659 C CA  . ASN A 1 223 ? 7.071   3.342   20.720  1.00 34.79  ? 245 ASN A CA  1 
ATOM   1660 C C   . ASN A 1 223 ? 6.047   2.354   21.208  1.00 36.00  ? 245 ASN A C   1 
ATOM   1661 O O   . ASN A 1 223 ? 4.873   2.744   21.350  1.00 41.76  ? 245 ASN A O   1 
ATOM   1662 C CB  . ASN A 1 223 ? 6.591   3.894   19.406  1.00 31.62  ? 245 ASN A CB  1 
ATOM   1663 C CG  . ASN A 1 223 ? 7.346   5.116   18.990  1.00 29.05  ? 245 ASN A CG  1 
ATOM   1664 O OD1 . ASN A 1 223 ? 6.975   6.207   19.392  1.00 35.36  ? 245 ASN A OD1 1 
ATOM   1665 N ND2 . ASN A 1 223 ? 8.383   5.060   18.200  1.00 32.04  ? 245 ASN A ND2 1 
HETATM 1666 C C1  . BEN B 2 .   ? 0.555   5.405   -9.243  1.00 3.34   ? 246 BEN A C1  1 
HETATM 1667 C C2  . BEN B 2 .   ? 0.421   6.737   -9.602  1.00 3.25   ? 246 BEN A C2  1 
HETATM 1668 C C3  . BEN B 2 .   ? 0.088   7.689   -8.674  1.00 4.17   ? 246 BEN A C3  1 
HETATM 1669 C C4  . BEN B 2 .   ? -0.119  7.355   -7.361  1.00 5.57   ? 246 BEN A C4  1 
HETATM 1670 C C5  . BEN B 2 .   ? -0.002  6.032   -6.992  1.00 8.39   ? 246 BEN A C5  1 
HETATM 1671 C C6  . BEN B 2 .   ? 0.339   5.072   -7.923  1.00 2.58   ? 246 BEN A C6  1 
HETATM 1672 C C   . BEN B 2 .   ? 0.694   4.404   -10.201 1.00 2.00   ? 246 BEN A C   1 
HETATM 1673 N N1  . BEN B 2 .   ? 0.626   4.712   -11.493 1.00 5.03   ? 246 BEN A N1  1 
HETATM 1674 N N2  . BEN B 2 .   ? 1.013   3.158   -9.837  1.00 3.12   ? 246 BEN A N2  1 
HETATM 1675 O O   . HOH C 3 .   ? 1.058   4.766   -15.741 1.00 9.89   ? 247 HOH A O   1 
HETATM 1676 O O   . HOH C 3 .   ? 2.566   2.684   -7.217  1.00 12.99  ? 248 HOH A O   1 
HETATM 1677 O O   . HOH C 3 .   ? -9.739  -2.590  -10.886 1.00 21.67  ? 249 HOH A O   1 
HETATM 1678 O O   . HOH C 3 .   ? -9.304  0.399   -6.815  1.00 11.67  ? 250 HOH A O   1 
HETATM 1679 O O   . HOH C 3 .   ? -15.138 3.275   5.160   1.00 21.97  ? 251 HOH A O   1 
HETATM 1680 O O   . HOH C 3 .   ? -5.022  -9.364  -12.036 1.00 17.94  ? 252 HOH A O   1 
HETATM 1681 O O   . HOH C 3 .   ? 12.068  -2.642  -10.187 1.00 21.07  ? 253 HOH A O   1 
HETATM 1682 O O   . HOH C 3 .   ? -10.947 -7.755  5.383   1.00 41.67  ? 254 HOH A O   1 
HETATM 1683 O O   . HOH C 3 .   ? 1.209   0.758   -15.836 1.00 25.81  ? 255 HOH A O   1 
HETATM 1684 O O   . HOH C 3 .   ? -13.916 -7.427  12.489  1.00 24.07  ? 256 HOH A O   1 
HETATM 1685 O O   . HOH C 3 .   ? 1.723   11.408  -13.083 1.00 28.89  ? 257 HOH A O   1 
HETATM 1686 O O   . HOH C 3 .   ? -16.326 8.464   4.843   1.00 41.27  ? 258 HOH A O   1 
HETATM 1687 O O   . HOH C 3 .   ? -4.353  0.431   -1.151  1.00 5.99   ? 259 HOH A O   1 
HETATM 1688 O O   . HOH C 3 .   ? 11.071  5.075   -1.472  1.00 12.90  ? 260 HOH A O   1 
HETATM 1689 O O   . HOH C 3 .   ? 1.687   -1.349  -10.699 1.00 8.01   ? 261 HOH A O   1 
HETATM 1690 O O   . HOH C 3 .   ? 1.774   -1.401  -14.307 1.00 12.64  ? 262 HOH A O   1 
HETATM 1691 O O   . HOH C 3 .   ? -10.340 -2.652  5.525   1.00 17.18  ? 263 HOH A O   1 
HETATM 1692 O O   . HOH C 3 .   ? -10.205 -5.630  4.008   1.00 19.64  ? 264 HOH A O   1 
HETATM 1693 O O   . HOH C 3 .   ? -24.755 0.845   5.736   1.00 36.53  ? 265 HOH A O   1 
HETATM 1694 O O   . HOH C 3 .   ? 20.005  5.466   -4.635  1.00 35.59  ? 266 HOH A O   1 
HETATM 1695 O O   . HOH C 3 .   ? 1.957   9.906   -5.248  1.00 52.83  ? 267 HOH A O   1 
HETATM 1696 O O   . HOH C 3 .   ? -2.430  -7.025  -1.266  1.00 14.33  ? 268 HOH A O   1 
HETATM 1697 O O   . HOH C 3 .   ? 16.241  11.284  0.966   1.00 28.95  ? 269 HOH A O   1 
HETATM 1698 O O   . HOH C 3 .   ? -6.563  8.629   -14.501 1.00 16.24  ? 270 HOH A O   1 
HETATM 1699 O O   . HOH C 3 .   ? -9.310  13.544  16.935  1.00 62.98  ? 271 HOH A O   1 
HETATM 1700 O O   . HOH C 3 .   ? 10.730  -5.227  -0.505  1.00 5.87   ? 272 HOH A O   1 
HETATM 1701 O O   . HOH C 3 .   ? 1.040   -0.808  3.257   1.00 14.51  ? 273 HOH A O   1 
HETATM 1702 O O   . HOH C 3 .   ? -21.147 -4.721  -0.128  1.00 40.92  ? 274 HOH A O   1 
HETATM 1703 O O   . HOH C 3 .   ? 17.936  -5.270  -13.318 1.00 36.65  ? 275 HOH A O   1 
HETATM 1704 O O   . HOH C 3 .   ? -1.613  9.617   -3.856  1.00 38.06  ? 276 HOH A O   1 
HETATM 1705 O O   . HOH C 3 .   ? -9.587  -12.129 -4.128  1.00 29.05  ? 277 HOH A O   1 
HETATM 1706 O O   . HOH C 3 .   ? 3.250   0.424   -17.516 1.00 37.28  ? 278 HOH A O   1 
HETATM 1707 O O   . HOH C 3 .   ? -17.311 -1.032  -7.080  1.00 29.78  ? 279 HOH A O   1 
HETATM 1708 O O   . HOH C 3 .   ? -20.529 -2.795  10.944  1.00 39.57  ? 280 HOH A O   1 
HETATM 1709 O O   . HOH C 3 .   ? -9.885  -1.185  19.523  1.00 51.36  ? 281 HOH A O   1 
HETATM 1710 O O   . HOH C 3 .   ? -16.967 -6.516  5.846   1.00 52.88  ? 282 HOH A O   1 
HETATM 1711 O O   . HOH C 3 .   ? -6.700  -12.624 -4.630  1.00 55.97  ? 283 HOH A O   1 
HETATM 1712 O O   . HOH C 3 .   ? -8.836  -5.338  7.444   1.00 22.62  ? 284 HOH A O   1 
HETATM 1713 O O   . HOH C 3 .   ? -10.435 -0.649  -14.305 1.00 25.55  ? 285 HOH A O   1 
HETATM 1714 O O   . HOH C 3 .   ? -12.823 4.825   4.315   1.00 17.77  ? 286 HOH A O   1 
HETATM 1715 O O   . HOH C 3 .   ? -6.748  1.899   -0.866  1.00 13.00  ? 287 HOH A O   1 
HETATM 1716 O O   . HOH C 3 .   ? 4.259   -0.946  20.287  1.00 47.52  ? 288 HOH A O   1 
HETATM 1717 O O   . HOH C 3 .   ? 3.665   -8.849  10.688  1.00 39.67  ? 289 HOH A O   1 
HETATM 1718 O O   . HOH C 3 .   ? -5.553  10.535  14.497  1.00 32.57  ? 290 HOH A O   1 
HETATM 1719 O O   . HOH C 3 .   ? -13.507 1.092   -13.688 1.00 42.27  ? 291 HOH A O   1 
HETATM 1720 O O   . HOH C 3 .   ? -8.887  2.987   -18.370 1.00 35.85  ? 292 HOH A O   1 
HETATM 1721 O O   . HOH C 3 .   ? -5.225  7.160   -20.358 1.00 32.54  ? 293 HOH A O   1 
HETATM 1722 O O   . HOH C 3 .   ? -15.340 8.821   -7.951  1.00 47.21  ? 294 HOH A O   1 
HETATM 1723 O O   . HOH C 3 .   ? -12.893 4.597   -3.209  1.00 24.85  ? 295 HOH A O   1 
HETATM 1724 O O   . HOH C 3 .   ? 13.892  -5.978  -9.087  1.00 44.28  ? 296 HOH A O   1 
HETATM 1725 O O   . HOH C 3 .   ? 2.051   -13.773 -3.935  1.00 51.92  ? 297 HOH A O   1 
HETATM 1726 O O   . HOH C 3 .   ? 0.770   -14.002 -0.929  1.00 32.86  ? 298 HOH A O   1 
HETATM 1727 O O   . HOH C 3 .   ? -2.440  -11.869 0.142   1.00 34.86  ? 299 HOH A O   1 
HETATM 1728 O O   . HOH C 3 .   ? 1.411   -12.573 5.857   1.00 42.74  ? 300 HOH A O   1 
HETATM 1729 O O   . HOH C 3 .   ? 8.479   -13.074 7.111   1.00 42.14  ? 301 HOH A O   1 
HETATM 1730 O O   . HOH C 3 .   ? -18.177 -1.425  4.804   1.00 2.90   ? 302 HOH A O   1 
HETATM 1731 O O   . HOH C 3 .   ? 1.883   6.702   -23.188 1.00 31.97  ? 303 HOH A O   1 
HETATM 1732 O O   . HOH C 3 .   ? 15.858  -3.507  7.042   1.00 46.26  ? 304 HOH A O   1 
HETATM 1733 O O   . HOH C 3 .   ? 8.855   11.341  -8.418  1.00 51.53  ? 305 HOH A O   1 
HETATM 1734 O O   . HOH C 3 .   ? -2.986  17.476  8.055   1.00 40.99  ? 306 HOH A O   1 
HETATM 1735 O O   . HOH C 3 .   ? -12.619 21.123  15.879  1.00 29.23  ? 307 HOH A O   1 
HETATM 1736 O O   . HOH C 3 .   ? -16.451 1.215   -9.406  1.00 63.45  ? 308 HOH A O   1 
HETATM 1737 O O   . HOH C 3 .   ? 11.555  -10.460 8.858   1.00 55.04  ? 309 HOH A O   1 
HETATM 1738 O O   . HOH C 3 .   ? 4.292   -7.720  -22.828 1.00 80.00  ? 310 HOH A O   1 
HETATM 1739 O O   . HOH C 3 .   ? 9.224   5.671   -3.302  1.00 21.48  ? 311 HOH A O   1 
HETATM 1740 O O   . HOH C 3 .   ? 5.784   6.911   -21.872 1.00 54.13  ? 312 HOH A O   1 
HETATM 1741 O O   . HOH C 3 .   ? -9.842  6.316   -3.632  1.00 32.67  ? 313 HOH A O   1 
HETATM 1742 O O   . HOH C 3 .   ? -11.310 17.821  18.412  1.00 36.65  ? 314 HOH A O   1 
HETATM 1743 O O   . HOH C 3 .   ? -14.964 0.562   15.726  1.00 24.90  ? 315 HOH A O   1 
HETATM 1744 O O   . HOH C 3 .   ? -0.983  10.666  -20.663 1.00 31.30  ? 316 HOH A O   1 
HETATM 1745 O O   . HOH C 3 .   ? -2.062  -13.460 9.562   1.00 72.39  ? 317 HOH A O   1 
HETATM 1746 O O   . HOH C 3 .   ? 5.769   12.216  10.766  1.00 47.62  ? 318 HOH A O   1 
HETATM 1747 O O   . HOH C 3 .   ? -0.193  -11.292 -13.632 1.00 51.58  ? 319 HOH A O   1 
HETATM 1748 O O   . HOH C 3 .   ? 7.536   -10.622 9.660   1.00 101.28 ? 320 HOH A O   1 
HETATM 1749 O O   . HOH C 3 .   ? 8.468   5.962   -19.669 1.00 46.41  ? 321 HOH A O   1 
HETATM 1750 O O   . HOH C 3 .   ? -2.666  -12.611 5.975   1.00 73.37  ? 322 HOH A O   1 
HETATM 1751 O O   . HOH C 3 .   ? 13.447  -6.641  -5.378  1.00 50.58  ? 323 HOH A O   1 
HETATM 1752 O O   . HOH C 3 .   ? -10.132 12.152  12.546  1.00 48.73  ? 324 HOH A O   1 
HETATM 1753 O O   . HOH C 3 .   ? -9.466  8.386   -6.467  1.00 46.36  ? 325 HOH A O   1 
HETATM 1754 O O   . HOH C 3 .   ? 15.971  -0.502  8.245   1.00 47.46  ? 326 HOH A O   1 
HETATM 1755 O O   . HOH C 3 .   ? -3.839  -13.413 -5.561  1.00 52.34  ? 327 HOH A O   1 
HETATM 1756 O O   . HOH C 3 .   ? 15.091  -7.794  4.113   1.00 49.96  ? 328 HOH A O   1 
HETATM 1757 O O   . HOH C 3 .   ? -7.129  14.235  0.977   1.00 44.24  ? 329 HOH A O   1 
HETATM 1758 O O   . HOH C 3 .   ? -13.563 7.068   -2.208  1.00 43.00  ? 330 HOH A O   1 
HETATM 1759 O O   . HOH C 3 .   ? 11.870  13.503  -8.671  1.00 44.33  ? 331 HOH A O   1 
HETATM 1760 O O   . HOH C 3 .   ? -13.132 17.020  16.110  1.00 51.18  ? 332 HOH A O   1 
HETATM 1761 O O   . HOH C 3 .   ? 5.701   -6.072  -18.598 1.00 22.23  ? 333 HOH A O   1 
HETATM 1762 O O   . HOH C 3 .   ? 9.899   -15.887 3.656   1.00 83.36  ? 334 HOH A O   1 
HETATM 1763 O O   . HOH C 3 .   ? 2.257   -9.203  -19.991 1.00 56.28  ? 335 HOH A O   1 
HETATM 1764 O O   . HOH C 3 .   ? 9.856   -6.854  -18.322 1.00 55.95  ? 336 HOH A O   1 
HETATM 1765 O O   . HOH C 3 .   ? 5.099   -7.576  -16.443 1.00 28.51  ? 337 HOH A O   1 
HETATM 1766 O O   . HOH C 3 .   ? -3.865  -9.073  -19.011 1.00 36.26  ? 338 HOH A O   1 
HETATM 1767 O O   . HOH C 3 .   ? -14.643 -7.947  -11.057 1.00 37.30  ? 339 HOH A O   1 
HETATM 1768 O O   . HOH C 3 .   ? 1.162   15.029  3.863   1.00 59.60  ? 340 HOH A O   1 
HETATM 1769 O O   . HOH C 3 .   ? 11.960  -6.330  -2.884  1.00 54.41  ? 341 HOH A O   1 
HETATM 1770 O O   . HOH C 3 .   ? 0.480   -1.260  -24.870 1.00 22.80  ? 342 HOH A O   1 
HETATM 1771 O O   . HOH C 3 .   ? -22.249 0.591   -2.268  1.00 43.36  ? 343 HOH A O   1 
HETATM 1772 O O   . HOH C 3 .   ? 3.985   15.728  6.491   1.00 80.89  ? 344 HOH A O   1 
HETATM 1773 O O   . HOH C 3 .   ? 16.417  -6.921  -10.482 1.00 26.84  ? 345 HOH A O   1 
HETATM 1774 O O   . HOH C 3 .   ? 15.267  -4.740  -5.876  1.00 102.50 ? 346 HOH A O   1 
HETATM 1775 O O   . HOH C 3 .   ? 7.892   -12.885 -0.226  1.00 58.81  ? 347 HOH A O   1 
HETATM 1776 O O   . HOH C 3 .   ? -13.324 -5.144  -11.120 1.00 60.52  ? 348 HOH A O   1 
HETATM 1777 O O   . HOH C 3 .   ? -11.730 -2.410  17.220  1.00 51.39  ? 349 HOH A O   1 
HETATM 1778 O O   . HOH C 3 .   ? 9.928   13.091  7.914   1.00 38.02  ? 350 HOH A O   1 
HETATM 1779 O O   . HOH C 3 .   ? 15.329  5.736   -20.688 1.00 60.55  ? 351 HOH A O   1 
HETATM 1780 O O   . HOH C 3 .   ? -6.272  -9.942  18.778  1.00 76.96  ? 352 HOH A O   1 
HETATM 1781 O O   . HOH C 3 .   ? -3.222  -12.318 12.211  1.00 23.47  ? 353 HOH A O   1 
HETATM 1782 O O   . HOH C 3 .   ? -0.988  16.946  5.064   1.00 61.44  ? 354 HOH A O   1 
HETATM 1783 O O   . HOH C 3 .   ? 17.941  2.147   -8.282  1.00 64.32  ? 355 HOH A O   1 
HETATM 1784 O O   . HOH C 3 .   ? -12.819 -7.038  1.660   1.00 33.77  ? 356 HOH A O   1 
HETATM 1785 O O   . HOH C 3 .   ? -1.853  13.637  2.243   1.00 57.69  ? 357 HOH A O   1 
HETATM 1786 O O   . HOH C 3 .   ? 6.155   -15.417 6.198   1.00 101.29 ? 358 HOH A O   1 
HETATM 1787 O O   . HOH C 3 .   ? -1.193  -12.793 -6.901  1.00 42.37  ? 359 HOH A O   1 
HETATM 1788 O O   . HOH C 3 .   ? -11.534 6.848   -18.938 1.00 40.61  ? 360 HOH A O   1 
HETATM 1789 O O   . HOH C 3 .   ? -16.624 -10.410 -4.826  1.00 42.22  ? 361 HOH A O   1 
HETATM 1790 O O   . HOH C 3 .   ? -10.196 -7.998  2.086   1.00 34.46  ? 362 HOH A O   1 
HETATM 1791 O O   . HOH C 3 .   ? -8.735  16.169  4.676   1.00 60.46  ? 363 HOH A O   1 
HETATM 1792 O O   . HOH C 3 .   ? -16.056 6.062   2.677   1.00 33.03  ? 364 HOH A O   1 
HETATM 1793 O O   . HOH C 3 .   ? -8.062  14.149  8.922   1.00 54.45  ? 365 HOH A O   1 
HETATM 1794 O O   . HOH C 3 .   ? -14.459 7.405   0.864   1.00 37.43  ? 366 HOH A O   1 
HETATM 1795 O O   . HOH C 3 .   ? -0.263  -8.640  17.152  1.00 34.92  ? 367 HOH A O   1 
HETATM 1796 O O   . HOH C 3 .   ? 12.054  10.402  -7.482  1.00 43.67  ? 368 HOH A O   1 
HETATM 1797 O O   . HOH C 3 .   ? 17.460  -3.537  -1.504  1.00 86.29  ? 369 HOH A O   1 
HETATM 1798 O O   . HOH C 3 .   ? -16.910 -11.923 -2.491  1.00 29.11  ? 370 HOH A O   1 
# 
